data_4J3H
# 
_entry.id   4J3H 
# 
_audit_conform.dict_name       mmcif_pdbx.dic 
_audit_conform.dict_version    5.397 
_audit_conform.dict_location   http://mmcif.pdb.org/dictionaries/ascii/mmcif_pdbx.dic 
# 
loop_
_database_2.database_id 
_database_2.database_code 
_database_2.pdbx_database_accession 
_database_2.pdbx_DOI 
PDB   4J3H         pdb_00004j3h 10.2210/pdb4j3h/pdb 
RCSB  RCSB077548   ?            ?                   
WWPDB D_1000077548 ?            ?                   
# 
loop_
_pdbx_audit_revision_history.ordinal 
_pdbx_audit_revision_history.data_content_type 
_pdbx_audit_revision_history.major_revision 
_pdbx_audit_revision_history.minor_revision 
_pdbx_audit_revision_history.revision_date 
1 'Structure model' 1 0 2013-04-10 
2 'Structure model' 1 1 2013-04-17 
3 'Structure model' 1 2 2024-10-16 
# 
_pdbx_audit_revision_details.ordinal             1 
_pdbx_audit_revision_details.revision_ordinal    1 
_pdbx_audit_revision_details.data_content_type   'Structure model' 
_pdbx_audit_revision_details.provider            repository 
_pdbx_audit_revision_details.type                'Initial release' 
_pdbx_audit_revision_details.description         ? 
_pdbx_audit_revision_details.details             ? 
# 
loop_
_pdbx_audit_revision_group.ordinal 
_pdbx_audit_revision_group.revision_ordinal 
_pdbx_audit_revision_group.data_content_type 
_pdbx_audit_revision_group.group 
1 2 'Structure model' 'Database references'  
2 2 'Structure model' 'Structure summary'    
3 3 'Structure model' 'Data collection'      
4 3 'Structure model' 'Database references'  
5 3 'Structure model' 'Derived calculations' 
6 3 'Structure model' 'Structure summary'    
# 
loop_
_pdbx_audit_revision_category.ordinal 
_pdbx_audit_revision_category.revision_ordinal 
_pdbx_audit_revision_category.data_content_type 
_pdbx_audit_revision_category.category 
1 3 'Structure model' chem_comp_atom            
2 3 'Structure model' chem_comp_bond            
3 3 'Structure model' database_2                
4 3 'Structure model' pdbx_entry_details        
5 3 'Structure model' pdbx_modification_feature 
6 3 'Structure model' pdbx_struct_conn_angle    
7 3 'Structure model' struct_conn               
8 3 'Structure model' struct_ref_seq_dif        
9 3 'Structure model' struct_site               
# 
loop_
_pdbx_audit_revision_item.ordinal 
_pdbx_audit_revision_item.revision_ordinal 
_pdbx_audit_revision_item.data_content_type 
_pdbx_audit_revision_item.item 
1  3 'Structure model' '_database_2.pdbx_DOI'                        
2  3 'Structure model' '_database_2.pdbx_database_accession'         
3  3 'Structure model' '_pdbx_struct_conn_angle.ptnr1_auth_asym_id'  
4  3 'Structure model' '_pdbx_struct_conn_angle.ptnr1_auth_comp_id'  
5  3 'Structure model' '_pdbx_struct_conn_angle.ptnr1_auth_seq_id'   
6  3 'Structure model' '_pdbx_struct_conn_angle.ptnr1_label_asym_id' 
7  3 'Structure model' '_pdbx_struct_conn_angle.ptnr1_label_atom_id' 
8  3 'Structure model' '_pdbx_struct_conn_angle.ptnr1_label_comp_id' 
9  3 'Structure model' '_pdbx_struct_conn_angle.ptnr1_label_seq_id'  
10 3 'Structure model' '_pdbx_struct_conn_angle.ptnr2_auth_asym_id'  
11 3 'Structure model' '_pdbx_struct_conn_angle.ptnr2_auth_seq_id'   
12 3 'Structure model' '_pdbx_struct_conn_angle.ptnr2_label_asym_id' 
13 3 'Structure model' '_pdbx_struct_conn_angle.ptnr3_auth_asym_id'  
14 3 'Structure model' '_pdbx_struct_conn_angle.ptnr3_auth_comp_id'  
15 3 'Structure model' '_pdbx_struct_conn_angle.ptnr3_auth_seq_id'   
16 3 'Structure model' '_pdbx_struct_conn_angle.ptnr3_label_asym_id' 
17 3 'Structure model' '_pdbx_struct_conn_angle.ptnr3_label_atom_id' 
18 3 'Structure model' '_pdbx_struct_conn_angle.ptnr3_label_comp_id' 
19 3 'Structure model' '_pdbx_struct_conn_angle.ptnr3_label_seq_id'  
20 3 'Structure model' '_pdbx_struct_conn_angle.value'               
21 3 'Structure model' '_struct_conn.pdbx_dist_value'                
22 3 'Structure model' '_struct_conn.pdbx_leaving_atom_flag'         
23 3 'Structure model' '_struct_conn.ptnr1_auth_asym_id'             
24 3 'Structure model' '_struct_conn.ptnr1_auth_comp_id'             
25 3 'Structure model' '_struct_conn.ptnr1_auth_seq_id'              
26 3 'Structure model' '_struct_conn.ptnr1_label_asym_id'            
27 3 'Structure model' '_struct_conn.ptnr1_label_atom_id'            
28 3 'Structure model' '_struct_conn.ptnr1_label_comp_id'            
29 3 'Structure model' '_struct_conn.ptnr1_label_seq_id'             
30 3 'Structure model' '_struct_conn.ptnr2_auth_asym_id'             
31 3 'Structure model' '_struct_conn.ptnr2_auth_comp_id'             
32 3 'Structure model' '_struct_conn.ptnr2_auth_seq_id'              
33 3 'Structure model' '_struct_conn.ptnr2_label_asym_id'            
34 3 'Structure model' '_struct_conn.ptnr2_label_atom_id'            
35 3 'Structure model' '_struct_conn.ptnr2_label_comp_id'            
36 3 'Structure model' '_struct_ref_seq_dif.details'                 
37 3 'Structure model' '_struct_site.pdbx_auth_asym_id'              
38 3 'Structure model' '_struct_site.pdbx_auth_comp_id'              
39 3 'Structure model' '_struct_site.pdbx_auth_seq_id'               
# 
_pdbx_database_status.status_code                     REL 
_pdbx_database_status.entry_id                        4J3H 
_pdbx_database_status.recvd_initial_deposition_date   2013-02-05 
_pdbx_database_status.deposit_site                    RCSB 
_pdbx_database_status.process_site                    RCSB 
_pdbx_database_status.status_code_sf                  REL 
_pdbx_database_status.status_code_mr                  ? 
_pdbx_database_status.SG_entry                        ? 
_pdbx_database_status.status_code_cs                  ? 
_pdbx_database_status.methods_development_category    ? 
_pdbx_database_status.pdb_format_compatible           Y 
_pdbx_database_status.status_code_nmr_data            ? 
# 
loop_
_pdbx_database_related.db_name 
_pdbx_database_related.db_id 
_pdbx_database_related.details 
_pdbx_database_related.content_type 
PDB 3T98 . unspecified 
PDB 3T97 . unspecified 
PDB 2OSZ . unspecified 
# 
loop_
_audit_author.name 
_audit_author.pdbx_ordinal 
'Solmaz, S.R.' 1 
'Blobel, G.'   2 
'Melcak, I.'   3 
# 
_citation.id                        primary 
_citation.title                     'Ring cycle for dilating and constricting the nuclear pore.' 
_citation.journal_abbrev            Proc.Natl.Acad.Sci.USA 
_citation.journal_volume            110 
_citation.page_first                5858 
_citation.page_last                 5863 
_citation.year                      2013 
_citation.journal_id_ASTM           PNASA6 
_citation.country                   US 
_citation.journal_id_ISSN           0027-8424 
_citation.journal_id_CSD            0040 
_citation.book_publisher            ? 
_citation.pdbx_database_id_PubMed   23479651 
_citation.pdbx_database_id_DOI      10.1073/pnas.1302655110 
# 
loop_
_citation_author.citation_id 
_citation_author.name 
_citation_author.ordinal 
_citation_author.identifier_ORCID 
primary 'Solmaz, S.R.' 1 ? 
primary 'Blobel, G.'   2 ? 
primary 'Melcak, I.'   3 ? 
# 
loop_
_entity.id 
_entity.type 
_entity.src_method 
_entity.pdbx_description 
_entity.formula_weight 
_entity.pdbx_number_of_molecules 
_entity.pdbx_ec 
_entity.pdbx_mutation 
_entity.pdbx_fragment 
_entity.details 
1 polymer     man 'Nuclear pore complex protein Nup54' 5619.972 2  ? 'I458M I481M' 'UNP Residues 453-494' ? 
2 non-polymer syn 'CALCIUM ION'                        40.078   3  ? ?             ?                      ? 
3 water       nat water                                18.015   80 ? ?             ?                      ? 
# 
_entity_name_com.entity_id   1 
_entity_name_com.name        '54 kDa nucleoporin, Nucleoporin Nup54, nucleoporin p54' 
# 
_entity_poly.entity_id                      1 
_entity_poly.type                           'polypeptide(L)' 
_entity_poly.nstd_linkage                   no 
_entity_poly.nstd_monomer                   yes 
_entity_poly.pdbx_seq_one_letter_code       'GSH(MSE)EEKYY(MSE)DADLLREIKQHLKQQQEGLSHL(MSE)SIIKDDLEDIKLV' 
_entity_poly.pdbx_seq_one_letter_code_can   GSHMEEKYYMDADLLREIKQHLKQQQEGLSHLMSIIKDDLEDIKLV 
_entity_poly.pdbx_strand_id                 A,B 
_entity_poly.pdbx_target_identifier         ? 
# 
loop_
_pdbx_entity_nonpoly.entity_id 
_pdbx_entity_nonpoly.name 
_pdbx_entity_nonpoly.comp_id 
2 'CALCIUM ION' CA  
3 water         HOH 
# 
loop_
_entity_poly_seq.entity_id 
_entity_poly_seq.num 
_entity_poly_seq.mon_id 
_entity_poly_seq.hetero 
1 1  GLY n 
1 2  SER n 
1 3  HIS n 
1 4  MSE n 
1 5  GLU n 
1 6  GLU n 
1 7  LYS n 
1 8  TYR n 
1 9  TYR n 
1 10 MSE n 
1 11 ASP n 
1 12 ALA n 
1 13 ASP n 
1 14 LEU n 
1 15 LEU n 
1 16 ARG n 
1 17 GLU n 
1 18 ILE n 
1 19 LYS n 
1 20 GLN n 
1 21 HIS n 
1 22 LEU n 
1 23 LYS n 
1 24 GLN n 
1 25 GLN n 
1 26 GLN n 
1 27 GLU n 
1 28 GLY n 
1 29 LEU n 
1 30 SER n 
1 31 HIS n 
1 32 LEU n 
1 33 MSE n 
1 34 SER n 
1 35 ILE n 
1 36 ILE n 
1 37 LYS n 
1 38 ASP n 
1 39 ASP n 
1 40 LEU n 
1 41 GLU n 
1 42 ASP n 
1 43 ILE n 
1 44 LYS n 
1 45 LEU n 
1 46 VAL n 
# 
_entity_src_gen.entity_id                          1 
_entity_src_gen.pdbx_src_id                        1 
_entity_src_gen.pdbx_alt_source_flag               sample 
_entity_src_gen.pdbx_seq_type                      ? 
_entity_src_gen.pdbx_beg_seq_num                   ? 
_entity_src_gen.pdbx_end_seq_num                   ? 
_entity_src_gen.gene_src_common_name               'brown rat,rat,rats' 
_entity_src_gen.gene_src_genus                     ? 
_entity_src_gen.pdbx_gene_src_gene                 Nup54 
_entity_src_gen.gene_src_species                   ? 
_entity_src_gen.gene_src_strain                    ? 
_entity_src_gen.gene_src_tissue                    ? 
_entity_src_gen.gene_src_tissue_fraction           ? 
_entity_src_gen.gene_src_details                   ? 
_entity_src_gen.pdbx_gene_src_fragment             ? 
_entity_src_gen.pdbx_gene_src_scientific_name      'Rattus norvegicus' 
_entity_src_gen.pdbx_gene_src_ncbi_taxonomy_id     10116 
_entity_src_gen.pdbx_gene_src_variant              ? 
_entity_src_gen.pdbx_gene_src_cell_line            ? 
_entity_src_gen.pdbx_gene_src_atcc                 ? 
_entity_src_gen.pdbx_gene_src_organ                ? 
_entity_src_gen.pdbx_gene_src_organelle            ? 
_entity_src_gen.pdbx_gene_src_cell                 ? 
_entity_src_gen.pdbx_gene_src_cellular_location    ? 
_entity_src_gen.host_org_common_name               ? 
_entity_src_gen.pdbx_host_org_scientific_name      'Escherichia coli' 
_entity_src_gen.pdbx_host_org_ncbi_taxonomy_id     469008 
_entity_src_gen.host_org_genus                     ? 
_entity_src_gen.pdbx_host_org_gene                 ? 
_entity_src_gen.pdbx_host_org_organ                ? 
_entity_src_gen.host_org_species                   ? 
_entity_src_gen.pdbx_host_org_tissue               ? 
_entity_src_gen.pdbx_host_org_tissue_fraction      ? 
_entity_src_gen.pdbx_host_org_strain               'BL21(DE3)RIL' 
_entity_src_gen.pdbx_host_org_variant              ? 
_entity_src_gen.pdbx_host_org_cell_line            ? 
_entity_src_gen.pdbx_host_org_atcc                 ? 
_entity_src_gen.pdbx_host_org_culture_collection   ? 
_entity_src_gen.pdbx_host_org_cell                 ? 
_entity_src_gen.pdbx_host_org_organelle            ? 
_entity_src_gen.pdbx_host_org_cellular_location    ? 
_entity_src_gen.pdbx_host_org_vector_type          Plasmid 
_entity_src_gen.pdbx_host_org_vector               ? 
_entity_src_gen.host_org_details                   ? 
_entity_src_gen.expression_system_id               ? 
_entity_src_gen.plasmid_name                       pET28a 
_entity_src_gen.plasmid_details                    ? 
_entity_src_gen.pdbx_description                   ? 
# 
loop_
_chem_comp.id 
_chem_comp.type 
_chem_comp.mon_nstd_flag 
_chem_comp.name 
_chem_comp.pdbx_synonyms 
_chem_comp.formula 
_chem_comp.formula_weight 
ALA 'L-peptide linking' y ALANINE          ? 'C3 H7 N O2'     89.093  
ARG 'L-peptide linking' y ARGININE         ? 'C6 H15 N4 O2 1' 175.209 
ASP 'L-peptide linking' y 'ASPARTIC ACID'  ? 'C4 H7 N O4'     133.103 
CA  non-polymer         . 'CALCIUM ION'    ? 'Ca 2'           40.078  
GLN 'L-peptide linking' y GLUTAMINE        ? 'C5 H10 N2 O3'   146.144 
GLU 'L-peptide linking' y 'GLUTAMIC ACID'  ? 'C5 H9 N O4'     147.129 
GLY 'peptide linking'   y GLYCINE          ? 'C2 H5 N O2'     75.067  
HIS 'L-peptide linking' y HISTIDINE        ? 'C6 H10 N3 O2 1' 156.162 
HOH non-polymer         . WATER            ? 'H2 O'           18.015  
ILE 'L-peptide linking' y ISOLEUCINE       ? 'C6 H13 N O2'    131.173 
LEU 'L-peptide linking' y LEUCINE          ? 'C6 H13 N O2'    131.173 
LYS 'L-peptide linking' y LYSINE           ? 'C6 H15 N2 O2 1' 147.195 
MSE 'L-peptide linking' n SELENOMETHIONINE ? 'C5 H11 N O2 Se' 196.106 
SER 'L-peptide linking' y SERINE           ? 'C3 H7 N O3'     105.093 
TYR 'L-peptide linking' y TYROSINE         ? 'C9 H11 N O3'    181.189 
VAL 'L-peptide linking' y VALINE           ? 'C5 H11 N O2'    117.146 
# 
loop_
_pdbx_poly_seq_scheme.asym_id 
_pdbx_poly_seq_scheme.entity_id 
_pdbx_poly_seq_scheme.seq_id 
_pdbx_poly_seq_scheme.mon_id 
_pdbx_poly_seq_scheme.ndb_seq_num 
_pdbx_poly_seq_scheme.pdb_seq_num 
_pdbx_poly_seq_scheme.auth_seq_num 
_pdbx_poly_seq_scheme.pdb_mon_id 
_pdbx_poly_seq_scheme.auth_mon_id 
_pdbx_poly_seq_scheme.pdb_strand_id 
_pdbx_poly_seq_scheme.pdb_ins_code 
_pdbx_poly_seq_scheme.hetero 
A 1 1  GLY 1  449 ?   ?   ?   A . n 
A 1 2  SER 2  450 ?   ?   ?   A . n 
A 1 3  HIS 3  451 ?   ?   ?   A . n 
A 1 4  MSE 4  452 ?   ?   ?   A . n 
A 1 5  GLU 5  453 453 GLU GLU A . n 
A 1 6  GLU 6  454 454 GLU GLU A . n 
A 1 7  LYS 7  455 455 LYS LYS A . n 
A 1 8  TYR 8  456 456 TYR TYR A . n 
A 1 9  TYR 9  457 457 TYR TYR A . n 
A 1 10 MSE 10 458 458 MSE MSE A . n 
A 1 11 ASP 11 459 459 ASP ASP A . n 
A 1 12 ALA 12 460 460 ALA ALA A . n 
A 1 13 ASP 13 461 461 ASP ASP A . n 
A 1 14 LEU 14 462 462 LEU LEU A . n 
A 1 15 LEU 15 463 463 LEU LEU A . n 
A 1 16 ARG 16 464 464 ARG ARG A . n 
A 1 17 GLU 17 465 465 GLU GLU A . n 
A 1 18 ILE 18 466 466 ILE ILE A . n 
A 1 19 LYS 19 467 467 LYS LYS A . n 
A 1 20 GLN 20 468 468 GLN GLN A . n 
A 1 21 HIS 21 469 469 HIS HIS A . n 
A 1 22 LEU 22 470 470 LEU LEU A . n 
A 1 23 LYS 23 471 471 LYS LYS A . n 
A 1 24 GLN 24 472 472 GLN GLN A . n 
A 1 25 GLN 25 473 473 GLN GLN A . n 
A 1 26 GLN 26 474 474 GLN GLN A . n 
A 1 27 GLU 27 475 475 GLU GLU A . n 
A 1 28 GLY 28 476 476 GLY GLY A . n 
A 1 29 LEU 29 477 477 LEU LEU A . n 
A 1 30 SER 30 478 478 SER SER A . n 
A 1 31 HIS 31 479 479 HIS HIS A . n 
A 1 32 LEU 32 480 480 LEU LEU A . n 
A 1 33 MSE 33 481 481 MSE MSE A . n 
A 1 34 SER 34 482 482 SER SER A . n 
A 1 35 ILE 35 483 483 ILE ILE A . n 
A 1 36 ILE 36 484 484 ILE ILE A . n 
A 1 37 LYS 37 485 485 LYS LYS A . n 
A 1 38 ASP 38 486 486 ASP ASP A . n 
A 1 39 ASP 39 487 487 ASP ASP A . n 
A 1 40 LEU 40 488 488 LEU LEU A . n 
A 1 41 GLU 41 489 489 GLU GLU A . n 
A 1 42 ASP 42 490 490 ASP ASP A . n 
A 1 43 ILE 43 491 491 ILE ILE A . n 
A 1 44 LYS 44 492 492 LYS LYS A . n 
A 1 45 LEU 45 493 493 LEU LEU A . n 
A 1 46 VAL 46 494 494 VAL VAL A . n 
B 1 1  GLY 1  449 ?   ?   ?   B . n 
B 1 2  SER 2  450 ?   ?   ?   B . n 
B 1 3  HIS 3  451 ?   ?   ?   B . n 
B 1 4  MSE 4  452 ?   ?   ?   B . n 
B 1 5  GLU 5  453 453 GLU GLU B . n 
B 1 6  GLU 6  454 454 GLU GLU B . n 
B 1 7  LYS 7  455 455 LYS LYS B . n 
B 1 8  TYR 8  456 456 TYR TYR B . n 
B 1 9  TYR 9  457 457 TYR TYR B . n 
B 1 10 MSE 10 458 458 MSE MSE B . n 
B 1 11 ASP 11 459 459 ASP ASP B . n 
B 1 12 ALA 12 460 460 ALA ALA B . n 
B 1 13 ASP 13 461 461 ASP ASP B . n 
B 1 14 LEU 14 462 462 LEU LEU B . n 
B 1 15 LEU 15 463 463 LEU LEU B . n 
B 1 16 ARG 16 464 464 ARG ARG B . n 
B 1 17 GLU 17 465 465 GLU GLU B . n 
B 1 18 ILE 18 466 466 ILE ILE B . n 
B 1 19 LYS 19 467 467 LYS LYS B . n 
B 1 20 GLN 20 468 468 GLN GLN B . n 
B 1 21 HIS 21 469 469 HIS HIS B . n 
B 1 22 LEU 22 470 470 LEU LEU B . n 
B 1 23 LYS 23 471 471 LYS LYS B . n 
B 1 24 GLN 24 472 472 GLN GLN B . n 
B 1 25 GLN 25 473 473 GLN GLN B . n 
B 1 26 GLN 26 474 474 GLN GLN B . n 
B 1 27 GLU 27 475 475 GLU GLU B . n 
B 1 28 GLY 28 476 476 GLY GLY B . n 
B 1 29 LEU 29 477 477 LEU LEU B . n 
B 1 30 SER 30 478 478 SER SER B . n 
B 1 31 HIS 31 479 479 HIS HIS B . n 
B 1 32 LEU 32 480 480 LEU LEU B . n 
B 1 33 MSE 33 481 481 MSE MSE B . n 
B 1 34 SER 34 482 482 SER SER B . n 
B 1 35 ILE 35 483 483 ILE ILE B . n 
B 1 36 ILE 36 484 484 ILE ILE B . n 
B 1 37 LYS 37 485 485 LYS LYS B . n 
B 1 38 ASP 38 486 486 ASP ASP B . n 
B 1 39 ASP 39 487 487 ASP ASP B . n 
B 1 40 LEU 40 488 488 LEU LEU B . n 
B 1 41 GLU 41 489 489 GLU GLU B . n 
B 1 42 ASP 42 490 490 ASP ASP B . n 
B 1 43 ILE 43 491 ?   ?   ?   B . n 
B 1 44 LYS 44 492 ?   ?   ?   B . n 
B 1 45 LEU 45 493 ?   ?   ?   B . n 
B 1 46 VAL 46 494 ?   ?   ?   B . n 
# 
loop_
_pdbx_nonpoly_scheme.asym_id 
_pdbx_nonpoly_scheme.entity_id 
_pdbx_nonpoly_scheme.mon_id 
_pdbx_nonpoly_scheme.ndb_seq_num 
_pdbx_nonpoly_scheme.pdb_seq_num 
_pdbx_nonpoly_scheme.auth_seq_num 
_pdbx_nonpoly_scheme.pdb_mon_id 
_pdbx_nonpoly_scheme.auth_mon_id 
_pdbx_nonpoly_scheme.pdb_strand_id 
_pdbx_nonpoly_scheme.pdb_ins_code 
C 2 CA  1  501 2   CA  CA  A . 
D 2 CA  1  502 3   CA  CA  A . 
E 2 CA  1  501 1   CA  CA  B . 
F 3 HOH 1  601 3   HOH HOH A . 
F 3 HOH 2  602 7   HOH HOH A . 
F 3 HOH 3  603 8   HOH HOH A . 
F 3 HOH 4  604 10  HOH HOH A . 
F 3 HOH 5  605 11  HOH HOH A . 
F 3 HOH 6  606 14  HOH HOH A . 
F 3 HOH 7  607 15  HOH HOH A . 
F 3 HOH 8  608 16  HOH HOH A . 
F 3 HOH 9  609 17  HOH HOH A . 
F 3 HOH 10 610 18  HOH HOH A . 
F 3 HOH 11 611 19  HOH HOH A . 
F 3 HOH 12 612 20  HOH HOH A . 
F 3 HOH 13 613 21  HOH HOH A . 
F 3 HOH 14 614 28  HOH HOH A . 
F 3 HOH 15 615 30  HOH HOH A . 
F 3 HOH 16 616 31  HOH HOH A . 
F 3 HOH 17 617 32  HOH HOH A . 
F 3 HOH 18 618 33  HOH HOH A . 
F 3 HOH 19 619 35  HOH HOH A . 
F 3 HOH 20 620 36  HOH HOH A . 
F 3 HOH 21 621 38  HOH HOH A . 
F 3 HOH 22 622 40  HOH HOH A . 
F 3 HOH 23 623 52  HOH HOH A . 
F 3 HOH 24 624 56  HOH HOH A . 
F 3 HOH 25 625 59  HOH HOH A . 
F 3 HOH 26 626 61  HOH HOH A . 
F 3 HOH 27 627 62  HOH HOH A . 
F 3 HOH 28 628 65  HOH HOH A . 
F 3 HOH 29 629 67  HOH HOH A . 
F 3 HOH 30 630 70  HOH HOH A . 
F 3 HOH 31 631 75  HOH HOH A . 
F 3 HOH 32 632 76  HOH HOH A . 
F 3 HOH 33 633 77  HOH HOH A . 
F 3 HOH 34 634 78  HOH HOH A . 
F 3 HOH 35 635 82  HOH HOH A . 
F 3 HOH 36 636 86  HOH HOH A . 
F 3 HOH 37 637 93  HOH HOH A . 
F 3 HOH 38 638 120 HOH HOH A . 
F 3 HOH 39 639 160 HOH HOH A . 
F 3 HOH 40 640 161 HOH HOH A . 
F 3 HOH 41 641 162 HOH HOH A . 
F 3 HOH 42 642 164 HOH HOH A . 
F 3 HOH 43 643 171 HOH HOH A . 
G 3 HOH 1  601 4   HOH HOH B . 
G 3 HOH 2  602 5   HOH HOH B . 
G 3 HOH 3  603 6   HOH HOH B . 
G 3 HOH 4  604 9   HOH HOH B . 
G 3 HOH 5  605 12  HOH HOH B . 
G 3 HOH 6  606 13  HOH HOH B . 
G 3 HOH 7  607 23  HOH HOH B . 
G 3 HOH 8  608 24  HOH HOH B . 
G 3 HOH 9  609 26  HOH HOH B . 
G 3 HOH 10 610 27  HOH HOH B . 
G 3 HOH 11 611 29  HOH HOH B . 
G 3 HOH 12 612 34  HOH HOH B . 
G 3 HOH 13 613 37  HOH HOH B . 
G 3 HOH 14 614 41  HOH HOH B . 
G 3 HOH 15 615 42  HOH HOH B . 
G 3 HOH 16 616 44  HOH HOH B . 
G 3 HOH 17 617 45  HOH HOH B . 
G 3 HOH 18 618 57  HOH HOH B . 
G 3 HOH 19 619 58  HOH HOH B . 
G 3 HOH 20 620 63  HOH HOH B . 
G 3 HOH 21 621 68  HOH HOH B . 
G 3 HOH 22 622 72  HOH HOH B . 
G 3 HOH 23 623 74  HOH HOH B . 
G 3 HOH 24 624 83  HOH HOH B . 
G 3 HOH 25 625 84  HOH HOH B . 
G 3 HOH 26 626 85  HOH HOH B . 
G 3 HOH 27 627 89  HOH HOH B . 
G 3 HOH 28 628 90  HOH HOH B . 
G 3 HOH 29 629 99  HOH HOH B . 
G 3 HOH 30 630 123 HOH HOH B . 
G 3 HOH 31 631 163 HOH HOH B . 
G 3 HOH 32 632 165 HOH HOH B . 
G 3 HOH 33 633 166 HOH HOH B . 
G 3 HOH 34 634 168 HOH HOH B . 
G 3 HOH 35 635 169 HOH HOH B . 
G 3 HOH 36 636 170 HOH HOH B . 
G 3 HOH 37 637 172 HOH HOH B . 
# 
loop_
_pdbx_unobs_or_zero_occ_atoms.id 
_pdbx_unobs_or_zero_occ_atoms.PDB_model_num 
_pdbx_unobs_or_zero_occ_atoms.polymer_flag 
_pdbx_unobs_or_zero_occ_atoms.occupancy_flag 
_pdbx_unobs_or_zero_occ_atoms.auth_asym_id 
_pdbx_unobs_or_zero_occ_atoms.auth_comp_id 
_pdbx_unobs_or_zero_occ_atoms.auth_seq_id 
_pdbx_unobs_or_zero_occ_atoms.PDB_ins_code 
_pdbx_unobs_or_zero_occ_atoms.auth_atom_id 
_pdbx_unobs_or_zero_occ_atoms.label_alt_id 
_pdbx_unobs_or_zero_occ_atoms.label_asym_id 
_pdbx_unobs_or_zero_occ_atoms.label_comp_id 
_pdbx_unobs_or_zero_occ_atoms.label_seq_id 
_pdbx_unobs_or_zero_occ_atoms.label_atom_id 
1  1 Y 0 A GLU 453 ? CB  ? A GLU 5  CB  
2  1 Y 0 A GLU 453 ? CG  ? A GLU 5  CG  
3  1 Y 0 A GLU 453 ? CD  ? A GLU 5  CD  
4  1 Y 0 A GLU 453 ? OE1 ? A GLU 5  OE1 
5  1 Y 0 A GLU 453 ? OE2 ? A GLU 5  OE2 
6  1 Y 0 A GLU 454 ? CD  ? A GLU 6  CD  
7  1 Y 0 A GLU 454 ? OE1 ? A GLU 6  OE1 
8  1 Y 0 A GLU 454 ? OE2 ? A GLU 6  OE2 
9  1 Y 0 B GLU 453 ? CB  ? B GLU 5  CB  
10 1 Y 0 B GLU 453 ? CG  ? B GLU 5  CG  
11 1 Y 0 B GLU 453 ? CD  ? B GLU 5  CD  
12 1 Y 0 B GLU 453 ? OE1 ? B GLU 5  OE1 
13 1 Y 0 B GLU 453 ? OE2 ? B GLU 5  OE2 
14 1 Y 0 B ASP 490 ? CB  ? B ASP 42 CB  
15 1 Y 0 B ASP 490 ? CG  ? B ASP 42 CG  
16 1 Y 0 B ASP 490 ? OD1 ? B ASP 42 OD1 
17 1 Y 0 B ASP 490 ? OD2 ? B ASP 42 OD2 
# 
loop_
_software.name 
_software.classification 
_software.version 
_software.citation_id 
_software.pdbx_ordinal 
ADSC   'data collection' Quantum                      ? 1 
PHENIX 'model building'  .                            ? 2 
PHENIX refinement        '(phenix.refine: 1.7.2_869)' ? 3 
XDS    'data reduction'  .                            ? 4 
XSCALE 'data scaling'    .                            ? 5 
PHENIX phasing           .                            ? 6 
# 
_cell.entry_id           4J3H 
_cell.length_a           41.320 
_cell.length_b           41.320 
_cell.length_c           198.410 
_cell.angle_alpha        90.00 
_cell.angle_beta         90.00 
_cell.angle_gamma        120.00 
_cell.Z_PDB              24 
_cell.pdbx_unique_axis   ? 
_cell.length_a_esd       ? 
_cell.length_b_esd       ? 
_cell.length_c_esd       ? 
_cell.angle_alpha_esd    ? 
_cell.angle_beta_esd     ? 
_cell.angle_gamma_esd    ? 
# 
_symmetry.entry_id                         4J3H 
_symmetry.space_group_name_H-M             'P 61 2 2' 
_symmetry.pdbx_full_space_group_name_H-M   ? 
_symmetry.cell_setting                     ? 
_symmetry.Int_Tables_number                178 
_symmetry.space_group_name_Hall            ? 
# 
_exptl.entry_id          4J3H 
_exptl.method            'X-RAY DIFFRACTION' 
_exptl.crystals_number   1 
# 
_exptl_crystal.id                    1 
_exptl_crystal.density_meas          ? 
_exptl_crystal.density_Matthews      2.18 
_exptl_crystal.density_percent_sol   43.45 
_exptl_crystal.description           ? 
_exptl_crystal.F_000                 ? 
_exptl_crystal.preparation           ? 
# 
_exptl_crystal_grow.crystal_id      1 
_exptl_crystal_grow.method          'VAPOR DIFFUSION, HANGING DROP' 
_exptl_crystal_grow.temp            293 
_exptl_crystal_grow.temp_details    ? 
_exptl_crystal_grow.pH              7.3 
_exptl_crystal_grow.pdbx_details    
'22-26% PEG 400, 0.1 M Na Hepes buffer pH 7.1 - 8.1, 0.2 M CaCl2, VAPOR DIFFUSION, HANGING DROP, temperature 293K' 
_exptl_crystal_grow.pdbx_pH_range   ? 
# 
_diffrn.id                     1 
_diffrn.ambient_temp           100 
_diffrn.ambient_temp_details   ? 
_diffrn.crystal_id             1 
# 
_diffrn_detector.diffrn_id              1 
_diffrn_detector.detector               CCD 
_diffrn_detector.type                   'ADSC QUANTUM 315r' 
_diffrn_detector.pdbx_collection_date   2011-10-20 
_diffrn_detector.details                ? 
# 
_diffrn_radiation.diffrn_id                        1 
_diffrn_radiation.wavelength_id                    1 
_diffrn_radiation.pdbx_monochromatic_or_laue_m_l   M 
_diffrn_radiation.monochromator                    'Double silicon(111) crystal' 
_diffrn_radiation.pdbx_diffrn_protocol             'SINGLE WAVELENGTH' 
_diffrn_radiation.pdbx_scattering_type             x-ray 
# 
_diffrn_radiation_wavelength.id           1 
_diffrn_radiation_wavelength.wavelength   0.9792 
_diffrn_radiation_wavelength.wt           1.0 
# 
_diffrn_source.diffrn_id                   1 
_diffrn_source.source                      SYNCHROTRON 
_diffrn_source.type                        'NSLS BEAMLINE X29A' 
_diffrn_source.pdbx_synchrotron_site       NSLS 
_diffrn_source.pdbx_synchrotron_beamline   X29A 
_diffrn_source.pdbx_wavelength             ? 
_diffrn_source.pdbx_wavelength_list        0.9792 
# 
_reflns.entry_id                     4J3H 
_reflns.observed_criterion_sigma_I   -3.0 
_reflns.observed_criterion_sigma_F   -3.0 
_reflns.d_resolution_low             35 
_reflns.d_resolution_high            1.5 
_reflns.number_obs                   30293 
_reflns.number_all                   30293 
_reflns.percent_possible_obs         99.7 
_reflns.pdbx_Rmerge_I_obs            ? 
_reflns.pdbx_Rsym_value              0.053 
_reflns.pdbx_netI_over_sigmaI        38.4 
_reflns.B_iso_Wilson_estimate        26 
_reflns.pdbx_redundancy              24 
_reflns.R_free_details               ? 
_reflns.limit_h_max                  ? 
_reflns.limit_h_min                  ? 
_reflns.limit_k_max                  ? 
_reflns.limit_k_min                  ? 
_reflns.limit_l_max                  ? 
_reflns.limit_l_min                  ? 
_reflns.observed_criterion_F_max     ? 
_reflns.observed_criterion_F_min     ? 
_reflns.pdbx_chi_squared             ? 
_reflns.pdbx_scaling_rejects         ? 
_reflns.pdbx_ordinal                 1 
_reflns.pdbx_diffrn_id               1 
# 
_reflns_shell.d_res_high             1.5 
_reflns_shell.d_res_low              1.7 
_reflns_shell.percent_possible_all   99.4 
_reflns_shell.Rmerge_I_obs           ? 
_reflns_shell.pdbx_Rsym_value        0.252 
_reflns_shell.meanI_over_sigI_obs    13.3 
_reflns_shell.pdbx_redundancy        22 
_reflns_shell.percent_possible_obs   ? 
_reflns_shell.number_unique_all      9434 
_reflns_shell.number_measured_all    ? 
_reflns_shell.number_measured_obs    ? 
_reflns_shell.number_unique_obs      ? 
_reflns_shell.pdbx_chi_squared       ? 
_reflns_shell.pdbx_ordinal           1 
_reflns_shell.pdbx_diffrn_id         1 
# 
_refine.entry_id                                 4J3H 
_refine.ls_number_reflns_obs                     30293 
_refine.ls_number_reflns_all                     30293 
_refine.pdbx_ls_sigma_I                          ? 
_refine.pdbx_ls_sigma_F                          ? 
_refine.pdbx_data_cutoff_high_absF               ? 
_refine.pdbx_data_cutoff_low_absF                ? 
_refine.pdbx_data_cutoff_high_rms_absF           ? 
_refine.ls_d_res_low                             33.661 
_refine.ls_d_res_high                            1.5002 
_refine.ls_percent_reflns_obs                    99.77 
_refine.ls_R_factor_obs                          0.1949 
_refine.ls_R_factor_all                          0.1949 
_refine.ls_R_factor_R_work                       0.1919 
_refine.ls_R_factor_R_free                       0.2227 
_refine.ls_R_factor_R_free_error                 ? 
_refine.ls_R_factor_R_free_error_details         ? 
_refine.ls_percent_reflns_R_free                 10.05 
_refine.ls_number_reflns_R_free                  3044 
_refine.ls_number_parameters                     ? 
_refine.ls_number_restraints                     ? 
_refine.occupancy_min                            ? 
_refine.occupancy_max                            ? 
_refine.correlation_coeff_Fo_to_Fc               ? 
_refine.correlation_coeff_Fo_to_Fc_free          ? 
_refine.B_iso_mean                               ? 
_refine.aniso_B[1][1]                            0.1764 
_refine.aniso_B[2][2]                            0.1764 
_refine.aniso_B[3][3]                            -0.3529 
_refine.aniso_B[1][2]                            -0.0000 
_refine.aniso_B[1][3]                            -0.0000 
_refine.aniso_B[2][3]                            -0.0000 
_refine.solvent_model_details                    'FLAT BULK SOLVENT MODEL' 
_refine.solvent_model_param_ksol                 0.360 
_refine.solvent_model_param_bsol                 41.117 
_refine.pdbx_solvent_vdw_probe_radii             1.30 
_refine.pdbx_solvent_ion_probe_radii             ? 
_refine.pdbx_solvent_shrinkage_radii             1.11 
_refine.pdbx_ls_cross_valid_method               THROUGHOUT 
_refine.details                                  ? 
_refine.pdbx_starting_model                      ? 
_refine.pdbx_method_to_determine_struct          SAD 
_refine.pdbx_isotropic_thermal_model             Anisotropic 
_refine.pdbx_stereochemistry_target_values       ML 
_refine.pdbx_stereochem_target_val_spec_case     ? 
_refine.pdbx_R_Free_selection_details            Random 
_refine.pdbx_overall_ESU_R                       ? 
_refine.pdbx_overall_ESU_R_Free                  ? 
_refine.overall_SU_ML                            0.34 
_refine.pdbx_overall_phase_error                 17.69 
_refine.overall_SU_B                             ? 
_refine.overall_SU_R_Cruickshank_DPI             ? 
_refine.ls_redundancy_reflns_obs                 ? 
_refine.B_iso_min                                ? 
_refine.B_iso_max                                ? 
_refine.overall_SU_R_free                        ? 
_refine.ls_wR_factor_R_free                      ? 
_refine.ls_wR_factor_R_work                      ? 
_refine.overall_FOM_free_R_set                   ? 
_refine.overall_FOM_work_R_set                   ? 
_refine.pdbx_diffrn_id                           1 
_refine.pdbx_refine_id                           'X-RAY DIFFRACTION' 
_refine.pdbx_TLS_residual_ADP_flag               ? 
_refine.pdbx_overall_SU_R_free_Cruickshank_DPI   ? 
_refine.pdbx_overall_SU_R_Blow_DPI               ? 
_refine.pdbx_overall_SU_R_free_Blow_DPI          ? 
# 
_refine_hist.pdbx_refine_id                   'X-RAY DIFFRACTION' 
_refine_hist.cycle_id                         LAST 
_refine_hist.pdbx_number_atoms_protein        675 
_refine_hist.pdbx_number_atoms_nucleic_acid   0 
_refine_hist.pdbx_number_atoms_ligand         3 
_refine_hist.number_atoms_solvent             80 
_refine_hist.number_atoms_total               758 
_refine_hist.d_res_high                       1.5002 
_refine_hist.d_res_low                        33.661 
# 
loop_
_refine_ls_restr.type 
_refine_ls_restr.dev_ideal 
_refine_ls_restr.dev_ideal_target 
_refine_ls_restr.weight 
_refine_ls_restr.number 
_refine_ls_restr.pdbx_restraint_function 
_refine_ls_restr.pdbx_refine_id 
f_bond_d           0.010  ? ? 701 ? 'X-RAY DIFFRACTION' 
f_angle_d          1.240  ? ? 937 ? 'X-RAY DIFFRACTION' 
f_dihedral_angle_d 13.461 ? ? 286 ? 'X-RAY DIFFRACTION' 
f_chiral_restr     0.076  ? ? 101 ? 'X-RAY DIFFRACTION' 
f_plane_restr      0.005  ? ? 123 ? 'X-RAY DIFFRACTION' 
# 
loop_
_refine_ls_shell.pdbx_total_number_of_bins_used 
_refine_ls_shell.d_res_high 
_refine_ls_shell.d_res_low 
_refine_ls_shell.number_reflns_R_work 
_refine_ls_shell.R_factor_R_work 
_refine_ls_shell.percent_reflns_obs 
_refine_ls_shell.R_factor_R_free 
_refine_ls_shell.R_factor_R_free_error 
_refine_ls_shell.percent_reflns_R_free 
_refine_ls_shell.number_reflns_R_free 
_refine_ls_shell.number_reflns_all 
_refine_ls_shell.R_factor_all 
_refine_ls_shell.number_reflns_obs 
_refine_ls_shell.redundancy_reflns_obs 
_refine_ls_shell.pdbx_refine_id 
. 1.5002 1.5236  1264 0.2564 99.00  0.2620 . . 140 . . . . 'X-RAY DIFFRACTION' 
. 1.5236 1.5486  1193 0.2418 100.00 0.2658 . . 147 . . . . 'X-RAY DIFFRACTION' 
. 1.5486 1.5753  1232 0.2163 99.00  0.2382 . . 139 . . . . 'X-RAY DIFFRACTION' 
. 1.5753 1.6039  1236 0.2164 100.00 0.2796 . . 139 . . . . 'X-RAY DIFFRACTION' 
. 1.6039 1.6348  1242 0.2087 100.00 0.2098 . . 133 . . . . 'X-RAY DIFFRACTION' 
. 1.6348 1.6681  1235 0.2060 100.00 0.2349 . . 135 . . . . 'X-RAY DIFFRACTION' 
. 1.6681 1.7044  1257 0.2042 100.00 0.1961 . . 144 . . . . 'X-RAY DIFFRACTION' 
. 1.7044 1.7441  1221 0.1913 100.00 0.2120 . . 139 . . . . 'X-RAY DIFFRACTION' 
. 1.7441 1.7877  1245 0.1812 100.00 0.2281 . . 140 . . . . 'X-RAY DIFFRACTION' 
. 1.7877 1.8360  1221 0.1848 100.00 0.1902 . . 131 . . . . 'X-RAY DIFFRACTION' 
. 1.8360 1.8900  1252 0.1822 100.00 0.2481 . . 138 . . . . 'X-RAY DIFFRACTION' 
. 1.8900 1.9510  1246 0.1780 100.00 0.1757 . . 139 . . . . 'X-RAY DIFFRACTION' 
. 1.9510 2.0208  1221 0.1742 100.00 0.2245 . . 134 . . . . 'X-RAY DIFFRACTION' 
. 2.0208 2.1017  1261 0.1827 100.00 0.1945 . . 134 . . . . 'X-RAY DIFFRACTION' 
. 2.1017 2.1973  1233 0.1825 100.00 0.1913 . . 142 . . . . 'X-RAY DIFFRACTION' 
. 2.1973 2.3131  1247 0.1748 100.00 0.2476 . . 138 . . . . 'X-RAY DIFFRACTION' 
. 2.3131 2.4580  1237 0.1731 100.00 0.2140 . . 136 . . . . 'X-RAY DIFFRACTION' 
. 2.4580 2.6477  1237 0.1929 100.00 0.2755 . . 134 . . . . 'X-RAY DIFFRACTION' 
. 2.6477 2.9140  1252 0.2161 100.00 0.2362 . . 142 . . . . 'X-RAY DIFFRACTION' 
. 2.9140 3.3354  1220 0.2071 100.00 0.2534 . . 142 . . . . 'X-RAY DIFFRACTION' 
. 3.3354 4.2009  1262 0.1684 100.00 0.1865 . . 139 . . . . 'X-RAY DIFFRACTION' 
. 4.2009 33.6697 1235 0.2061 100.00 0.2287 . . 139 . . . . 'X-RAY DIFFRACTION' 
# 
_struct.entry_id                  4J3H 
_struct.title                     'Ring cycle for dilating and constricting the nuclear pore: structure of a Nup54 homo-tetramer.' 
_struct.pdbx_model_details        ? 
_struct.pdbx_CASP_flag            ? 
_struct.pdbx_model_type_details   ? 
# 
_struct_keywords.entry_id        4J3H 
_struct_keywords.pdbx_keywords   'TRANSPORT PROTEIN' 
_struct_keywords.text            
;FG-repeat, mid-plane ring, gating, nup, Helical bundle, four helix bundle, transport channel, Nucleoporin, transport, nucleo-cytoplasmic transport, mRNP export, Nup58, Nup62, Karyopherin, Nup45, Nuclear envelope, nuclear pore complex, nucleus, NPC, TRANSPORT PROTEIN
;
# 
loop_
_struct_asym.id 
_struct_asym.pdbx_blank_PDB_chainid_flag 
_struct_asym.pdbx_modified 
_struct_asym.entity_id 
_struct_asym.details 
A N N 1 ? 
B N N 1 ? 
C N N 2 ? 
D N N 2 ? 
E N N 2 ? 
F N N 3 ? 
G N N 3 ? 
# 
_struct_ref.id                         1 
_struct_ref.db_name                    UNP 
_struct_ref.db_code                    NUP54_RAT 
_struct_ref.pdbx_db_accession          P70582 
_struct_ref.entity_id                  1 
_struct_ref.pdbx_seq_one_letter_code   EEKYYIDADLLREIKQHLKQQQEGLSHLISIIKDDLEDIKLV 
_struct_ref.pdbx_align_begin           453 
_struct_ref.pdbx_db_isoform            ? 
# 
loop_
_struct_ref_seq.align_id 
_struct_ref_seq.ref_id 
_struct_ref_seq.pdbx_PDB_id_code 
_struct_ref_seq.pdbx_strand_id 
_struct_ref_seq.seq_align_beg 
_struct_ref_seq.pdbx_seq_align_beg_ins_code 
_struct_ref_seq.seq_align_end 
_struct_ref_seq.pdbx_seq_align_end_ins_code 
_struct_ref_seq.pdbx_db_accession 
_struct_ref_seq.db_align_beg 
_struct_ref_seq.pdbx_db_align_beg_ins_code 
_struct_ref_seq.db_align_end 
_struct_ref_seq.pdbx_db_align_end_ins_code 
_struct_ref_seq.pdbx_auth_seq_align_beg 
_struct_ref_seq.pdbx_auth_seq_align_end 
1 1 4J3H A 5 ? 46 ? P70582 453 ? 494 ? 453 494 
2 1 4J3H B 5 ? 46 ? P70582 453 ? 494 ? 453 494 
# 
loop_
_struct_ref_seq_dif.align_id 
_struct_ref_seq_dif.pdbx_pdb_id_code 
_struct_ref_seq_dif.mon_id 
_struct_ref_seq_dif.pdbx_pdb_strand_id 
_struct_ref_seq_dif.seq_num 
_struct_ref_seq_dif.pdbx_pdb_ins_code 
_struct_ref_seq_dif.pdbx_seq_db_name 
_struct_ref_seq_dif.pdbx_seq_db_accession_code 
_struct_ref_seq_dif.db_mon_id 
_struct_ref_seq_dif.pdbx_seq_db_seq_num 
_struct_ref_seq_dif.details 
_struct_ref_seq_dif.pdbx_auth_seq_num 
_struct_ref_seq_dif.pdbx_ordinal 
1 4J3H GLY A 1  ? UNP P70582 ?   ?   'expression tag'      449 1  
1 4J3H SER A 2  ? UNP P70582 ?   ?   'expression tag'      450 2  
1 4J3H HIS A 3  ? UNP P70582 ?   ?   'expression tag'      451 3  
1 4J3H MSE A 4  ? UNP P70582 ?   ?   'expression tag'      452 4  
1 4J3H MSE A 10 ? UNP P70582 ILE 458 'engineered mutation' 458 5  
1 4J3H MSE A 33 ? UNP P70582 ILE 481 'engineered mutation' 481 6  
2 4J3H GLY B 1  ? UNP P70582 ?   ?   'expression tag'      449 7  
2 4J3H SER B 2  ? UNP P70582 ?   ?   'expression tag'      450 8  
2 4J3H HIS B 3  ? UNP P70582 ?   ?   'expression tag'      451 9  
2 4J3H MSE B 4  ? UNP P70582 ?   ?   'expression tag'      452 10 
2 4J3H MSE B 10 ? UNP P70582 ILE 458 'engineered mutation' 458 11 
2 4J3H MSE B 33 ? UNP P70582 ILE 481 'engineered mutation' 481 12 
# 
_pdbx_struct_assembly.id                   1 
_pdbx_struct_assembly.details              author_and_software_defined_assembly 
_pdbx_struct_assembly.method_details       PISA 
_pdbx_struct_assembly.oligomeric_details   tetrameric 
_pdbx_struct_assembly.oligomeric_count     4 
# 
loop_
_pdbx_struct_assembly_prop.biol_id 
_pdbx_struct_assembly_prop.type 
_pdbx_struct_assembly_prop.value 
_pdbx_struct_assembly_prop.details 
1 'ABSA (A^2)' 6620  ? 
1 MORE         -104  ? 
1 'SSA (A^2)'  11700 ? 
# 
_pdbx_struct_assembly_gen.assembly_id       1 
_pdbx_struct_assembly_gen.oper_expression   1,2 
_pdbx_struct_assembly_gen.asym_id_list      A,B,C,D,E,F,G 
# 
loop_
_pdbx_struct_oper_list.id 
_pdbx_struct_oper_list.type 
_pdbx_struct_oper_list.name 
_pdbx_struct_oper_list.symmetry_operation 
_pdbx_struct_oper_list.matrix[1][1] 
_pdbx_struct_oper_list.matrix[1][2] 
_pdbx_struct_oper_list.matrix[1][3] 
_pdbx_struct_oper_list.vector[1] 
_pdbx_struct_oper_list.matrix[2][1] 
_pdbx_struct_oper_list.matrix[2][2] 
_pdbx_struct_oper_list.matrix[2][3] 
_pdbx_struct_oper_list.vector[2] 
_pdbx_struct_oper_list.matrix[3][1] 
_pdbx_struct_oper_list.matrix[3][2] 
_pdbx_struct_oper_list.matrix[3][3] 
_pdbx_struct_oper_list.vector[3] 
1 'identity operation'         1_555  x,y,z          1.0000000000 0.0000000000 0.0000000000  0.0000000000  0.0000000000 1.0000000000  0.0000000000  0.0000000000 0.0000000000  0.0000000000  1.0000000000  0.0000000000  
2 'crystal symmetry operation' 12_566 x,x-y+1,-z+7/6 0.5174782872 0.3654838422 -0.7737168626 -2.7830517548 0.3654838422 -0.9119734101 -0.1863492968 0.2628779499 -0.7737168626 -0.1863492968 -0.6055048771 -5.3341773531 
# 
_struct_biol.id        1 
_struct_biol.details   ? 
# 
loop_
_struct_conf.conf_type_id 
_struct_conf.id 
_struct_conf.pdbx_PDB_helix_id 
_struct_conf.beg_label_comp_id 
_struct_conf.beg_label_asym_id 
_struct_conf.beg_label_seq_id 
_struct_conf.pdbx_beg_PDB_ins_code 
_struct_conf.end_label_comp_id 
_struct_conf.end_label_asym_id 
_struct_conf.end_label_seq_id 
_struct_conf.pdbx_end_PDB_ins_code 
_struct_conf.beg_auth_comp_id 
_struct_conf.beg_auth_asym_id 
_struct_conf.beg_auth_seq_id 
_struct_conf.end_auth_comp_id 
_struct_conf.end_auth_asym_id 
_struct_conf.end_auth_seq_id 
_struct_conf.pdbx_PDB_helix_class 
_struct_conf.details 
_struct_conf.pdbx_PDB_helix_length 
HELX_P HELX_P1 1 ASP A 11 ? GLU A 41 ? ASP A 459 GLU A 489 1 ? 31 
HELX_P HELX_P2 2 ASP B 11 ? ASP B 42 ? ASP B 459 ASP B 490 1 ? 32 
# 
_struct_conf_type.id          HELX_P 
_struct_conf_type.criteria    ? 
_struct_conf_type.reference   ? 
# 
loop_
_struct_conn.id 
_struct_conn.conn_type_id 
_struct_conn.pdbx_leaving_atom_flag 
_struct_conn.pdbx_PDB_id 
_struct_conn.ptnr1_label_asym_id 
_struct_conn.ptnr1_label_comp_id 
_struct_conn.ptnr1_label_seq_id 
_struct_conn.ptnr1_label_atom_id 
_struct_conn.pdbx_ptnr1_label_alt_id 
_struct_conn.pdbx_ptnr1_PDB_ins_code 
_struct_conn.pdbx_ptnr1_standard_comp_id 
_struct_conn.ptnr1_symmetry 
_struct_conn.ptnr2_label_asym_id 
_struct_conn.ptnr2_label_comp_id 
_struct_conn.ptnr2_label_seq_id 
_struct_conn.ptnr2_label_atom_id 
_struct_conn.pdbx_ptnr2_label_alt_id 
_struct_conn.pdbx_ptnr2_PDB_ins_code 
_struct_conn.ptnr1_auth_asym_id 
_struct_conn.ptnr1_auth_comp_id 
_struct_conn.ptnr1_auth_seq_id 
_struct_conn.ptnr2_auth_asym_id 
_struct_conn.ptnr2_auth_comp_id 
_struct_conn.ptnr2_auth_seq_id 
_struct_conn.ptnr2_symmetry 
_struct_conn.pdbx_ptnr3_label_atom_id 
_struct_conn.pdbx_ptnr3_label_seq_id 
_struct_conn.pdbx_ptnr3_label_comp_id 
_struct_conn.pdbx_ptnr3_label_asym_id 
_struct_conn.pdbx_ptnr3_label_alt_id 
_struct_conn.pdbx_ptnr3_PDB_ins_code 
_struct_conn.details 
_struct_conn.pdbx_dist_value 
_struct_conn.pdbx_value_order 
_struct_conn.pdbx_role 
covale1  covale both ? A TYR 9  C   ? ? ? 1_555 A MSE 10 N  ? ? A TYR 457 A MSE 458 1_555 ? ? ? ? ? ? ? 1.327 ? ? 
covale2  covale both ? A MSE 10 C   ? ? ? 1_555 A ASP 11 N  ? ? A MSE 458 A ASP 459 1_555 ? ? ? ? ? ? ? 1.330 ? ? 
covale3  covale both ? A LEU 32 C   ? ? ? 1_555 A MSE 33 N  ? ? A LEU 480 A MSE 481 1_555 ? ? ? ? ? ? ? 1.329 ? ? 
covale4  covale both ? A MSE 33 C   ? ? ? 1_555 A SER 34 N  ? ? A MSE 481 A SER 482 1_555 ? ? ? ? ? ? ? 1.329 ? ? 
covale5  covale both ? B TYR 9  C   ? ? ? 1_555 B MSE 10 N  ? ? B TYR 457 B MSE 458 1_555 ? ? ? ? ? ? ? 1.333 ? ? 
covale6  covale both ? B MSE 10 C   ? ? ? 1_555 B ASP 11 N  ? ? B MSE 458 B ASP 459 1_555 ? ? ? ? ? ? ? 1.320 ? ? 
covale7  covale both ? B LEU 32 C   ? ? ? 1_555 B MSE 33 N  ? ? B LEU 480 B MSE 481 1_555 ? ? ? ? ? ? ? 1.336 ? ? 
covale8  covale both ? B MSE 33 C   ? ? ? 1_555 B SER 34 N  ? ? B MSE 481 B SER 482 1_555 ? ? ? ? ? ? ? 1.323 ? ? 
metalc1  metalc ?    ? A ASP 11 OD1 ? ? ? 1_555 D CA  .  CA ? ? A ASP 459 A CA  502 1_555 ? ? ? ? ? ? ? 2.551 ? ? 
metalc2  metalc ?    ? A ASP 11 OD2 ? ? ? 1_555 D CA  .  CA ? ? A ASP 459 A CA  502 1_555 ? ? ? ? ? ? ? 2.584 ? ? 
metalc3  metalc ?    ? A ASP 39 O   ? ? ? 1_555 C CA  .  CA ? ? A ASP 487 A CA  501 1_555 ? ? ? ? ? ? ? 2.387 ? ? 
metalc4  metalc ?    ? A ASP 39 OD1 ? ? ? 1_555 C CA  .  CA ? ? A ASP 487 A CA  501 1_555 ? ? ? ? ? ? ? 2.405 ? ? 
metalc5  metalc ?    ? A ASP 42 OD1 ? ? ? 1_555 C CA  .  CA ? ? A ASP 490 A CA  501 1_555 ? ? ? ? ? ? ? 2.309 ? ? 
metalc6  metalc ?    ? D CA  .  CA  ? ? ? 1_555 F HOH .  O  ? ? A CA  502 A HOH 601 1_555 ? ? ? ? ? ? ? 2.597 ? ? 
metalc7  metalc ?    ? D CA  .  CA  ? ? ? 1_555 F HOH .  O  ? ? A CA  502 A HOH 605 1_555 ? ? ? ? ? ? ? 2.504 ? ? 
metalc8  metalc ?    ? D CA  .  CA  ? ? ? 1_555 F HOH .  O  ? ? A CA  502 A HOH 639 1_555 ? ? ? ? ? ? ? 2.527 ? ? 
metalc9  metalc ?    ? B ILE 35 O   ? ? ? 1_555 E CA  .  CA ? ? B ILE 483 B CA  501 1_555 ? ? ? ? ? ? ? 2.245 ? ? 
metalc10 metalc ?    ? B ASP 38 OD1 ? ? ? 1_555 E CA  .  CA ? ? B ASP 486 B CA  501 1_555 ? ? ? ? ? ? ? 2.427 ? ? 
metalc11 metalc ?    ? B ASP 39 OD2 ? ? ? 1_555 E CA  .  CA ? ? B ASP 487 B CA  501 1_555 ? ? ? ? ? ? ? 2.373 ? ? 
metalc12 metalc ?    ? E CA  .  CA  ? ? ? 1_555 G HOH .  O  ? ? B CA  501 B HOH 604 1_555 ? ? ? ? ? ? ? 2.372 ? ? 
# 
loop_
_struct_conn_type.id 
_struct_conn_type.criteria 
_struct_conn_type.reference 
covale ? ? 
metalc ? ? 
# 
loop_
_pdbx_struct_conn_angle.id 
_pdbx_struct_conn_angle.ptnr1_label_atom_id 
_pdbx_struct_conn_angle.ptnr1_label_alt_id 
_pdbx_struct_conn_angle.ptnr1_label_asym_id 
_pdbx_struct_conn_angle.ptnr1_label_comp_id 
_pdbx_struct_conn_angle.ptnr1_label_seq_id 
_pdbx_struct_conn_angle.ptnr1_auth_atom_id 
_pdbx_struct_conn_angle.ptnr1_auth_asym_id 
_pdbx_struct_conn_angle.ptnr1_auth_comp_id 
_pdbx_struct_conn_angle.ptnr1_auth_seq_id 
_pdbx_struct_conn_angle.ptnr1_PDB_ins_code 
_pdbx_struct_conn_angle.ptnr1_symmetry 
_pdbx_struct_conn_angle.ptnr2_label_atom_id 
_pdbx_struct_conn_angle.ptnr2_label_alt_id 
_pdbx_struct_conn_angle.ptnr2_label_asym_id 
_pdbx_struct_conn_angle.ptnr2_label_comp_id 
_pdbx_struct_conn_angle.ptnr2_label_seq_id 
_pdbx_struct_conn_angle.ptnr2_auth_atom_id 
_pdbx_struct_conn_angle.ptnr2_auth_asym_id 
_pdbx_struct_conn_angle.ptnr2_auth_comp_id 
_pdbx_struct_conn_angle.ptnr2_auth_seq_id 
_pdbx_struct_conn_angle.ptnr2_PDB_ins_code 
_pdbx_struct_conn_angle.ptnr2_symmetry 
_pdbx_struct_conn_angle.ptnr3_label_atom_id 
_pdbx_struct_conn_angle.ptnr3_label_alt_id 
_pdbx_struct_conn_angle.ptnr3_label_asym_id 
_pdbx_struct_conn_angle.ptnr3_label_comp_id 
_pdbx_struct_conn_angle.ptnr3_label_seq_id 
_pdbx_struct_conn_angle.ptnr3_auth_atom_id 
_pdbx_struct_conn_angle.ptnr3_auth_asym_id 
_pdbx_struct_conn_angle.ptnr3_auth_comp_id 
_pdbx_struct_conn_angle.ptnr3_auth_seq_id 
_pdbx_struct_conn_angle.ptnr3_PDB_ins_code 
_pdbx_struct_conn_angle.ptnr3_symmetry 
_pdbx_struct_conn_angle.value 
_pdbx_struct_conn_angle.value_esd 
1  OD1 ? A ASP 11 ? A ASP 459 ? 1_555 CA ? D CA . ? A CA 502 ? 1_555 OD2 ? A ASP 11 ? A ASP 459 ? 1_555 49.8  ? 
2  OD1 ? A ASP 11 ? A ASP 459 ? 1_555 CA ? D CA . ? A CA 502 ? 1_555 O   ? F HOH .  ? A HOH 601 ? 1_555 143.2 ? 
3  OD2 ? A ASP 11 ? A ASP 459 ? 1_555 CA ? D CA . ? A CA 502 ? 1_555 O   ? F HOH .  ? A HOH 601 ? 1_555 167.0 ? 
4  OD1 ? A ASP 11 ? A ASP 459 ? 1_555 CA ? D CA . ? A CA 502 ? 1_555 O   ? F HOH .  ? A HOH 605 ? 1_555 77.6  ? 
5  OD2 ? A ASP 11 ? A ASP 459 ? 1_555 CA ? D CA . ? A CA 502 ? 1_555 O   ? F HOH .  ? A HOH 605 ? 1_555 127.3 ? 
6  O   ? F HOH .  ? A HOH 601 ? 1_555 CA ? D CA . ? A CA 502 ? 1_555 O   ? F HOH .  ? A HOH 605 ? 1_555 65.7  ? 
7  OD1 ? A ASP 11 ? A ASP 459 ? 1_555 CA ? D CA . ? A CA 502 ? 1_555 O   ? F HOH .  ? A HOH 639 ? 1_555 93.2  ? 
8  OD2 ? A ASP 11 ? A ASP 459 ? 1_555 CA ? D CA . ? A CA 502 ? 1_555 O   ? F HOH .  ? A HOH 639 ? 1_555 85.8  ? 
9  O   ? F HOH .  ? A HOH 601 ? 1_555 CA ? D CA . ? A CA 502 ? 1_555 O   ? F HOH .  ? A HOH 639 ? 1_555 91.6  ? 
10 O   ? F HOH .  ? A HOH 605 ? 1_555 CA ? D CA . ? A CA 502 ? 1_555 O   ? F HOH .  ? A HOH 639 ? 1_555 101.6 ? 
11 O   ? A ASP 39 ? A ASP 487 ? 1_555 CA ? C CA . ? A CA 501 ? 1_555 OD1 ? A ASP 39 ? A ASP 487 ? 1_555 71.7  ? 
12 O   ? A ASP 39 ? A ASP 487 ? 1_555 CA ? C CA . ? A CA 501 ? 1_555 OD1 ? A ASP 42 ? A ASP 490 ? 1_555 83.5  ? 
13 OD1 ? A ASP 39 ? A ASP 487 ? 1_555 CA ? C CA . ? A CA 501 ? 1_555 OD1 ? A ASP 42 ? A ASP 490 ? 1_555 154.1 ? 
14 O   ? B ILE 35 ? B ILE 483 ? 1_555 CA ? E CA . ? B CA 501 ? 1_555 OD1 ? B ASP 38 ? B ASP 486 ? 1_555 96.1  ? 
15 O   ? B ILE 35 ? B ILE 483 ? 1_555 CA ? E CA . ? B CA 501 ? 1_555 OD2 ? B ASP 39 ? B ASP 487 ? 1_555 89.5  ? 
16 OD1 ? B ASP 38 ? B ASP 486 ? 1_555 CA ? E CA . ? B CA 501 ? 1_555 OD2 ? B ASP 39 ? B ASP 487 ? 1_555 81.1  ? 
17 O   ? B ILE 35 ? B ILE 483 ? 1_555 CA ? E CA . ? B CA 501 ? 1_555 O   ? G HOH .  ? B HOH 604 ? 1_555 86.7  ? 
18 OD1 ? B ASP 38 ? B ASP 486 ? 1_555 CA ? E CA . ? B CA 501 ? 1_555 O   ? G HOH .  ? B HOH 604 ? 1_555 83.2  ? 
19 OD2 ? B ASP 39 ? B ASP 487 ? 1_555 CA ? E CA . ? B CA 501 ? 1_555 O   ? G HOH .  ? B HOH 604 ? 1_555 163.4 ? 
# 
loop_
_pdbx_modification_feature.ordinal 
_pdbx_modification_feature.label_comp_id 
_pdbx_modification_feature.label_asym_id 
_pdbx_modification_feature.label_seq_id 
_pdbx_modification_feature.label_alt_id 
_pdbx_modification_feature.modified_residue_label_comp_id 
_pdbx_modification_feature.modified_residue_label_asym_id 
_pdbx_modification_feature.modified_residue_label_seq_id 
_pdbx_modification_feature.modified_residue_label_alt_id 
_pdbx_modification_feature.auth_comp_id 
_pdbx_modification_feature.auth_asym_id 
_pdbx_modification_feature.auth_seq_id 
_pdbx_modification_feature.PDB_ins_code 
_pdbx_modification_feature.symmetry 
_pdbx_modification_feature.modified_residue_auth_comp_id 
_pdbx_modification_feature.modified_residue_auth_asym_id 
_pdbx_modification_feature.modified_residue_auth_seq_id 
_pdbx_modification_feature.modified_residue_PDB_ins_code 
_pdbx_modification_feature.modified_residue_symmetry 
_pdbx_modification_feature.comp_id_linking_atom 
_pdbx_modification_feature.modified_residue_id_linking_atom 
_pdbx_modification_feature.modified_residue_id 
_pdbx_modification_feature.ref_pcm_id 
_pdbx_modification_feature.ref_comp_id 
_pdbx_modification_feature.type 
_pdbx_modification_feature.category 
1 MSE A 10 ? . . . . MSE A 458 ? 1_555 . . . . . . . MET 1 MSE Selenomethionine 'Named protein modification' 
2 MSE A 33 ? . . . . MSE A 481 ? 1_555 . . . . . . . MET 1 MSE Selenomethionine 'Named protein modification' 
3 MSE B 10 ? . . . . MSE B 458 ? 1_555 . . . . . . . MET 1 MSE Selenomethionine 'Named protein modification' 
4 MSE B 33 ? . . . . MSE B 481 ? 1_555 . . . . . . . MET 1 MSE Selenomethionine 'Named protein modification' 
# 
loop_
_struct_site.id 
_struct_site.pdbx_evidence_code 
_struct_site.pdbx_auth_asym_id 
_struct_site.pdbx_auth_comp_id 
_struct_site.pdbx_auth_seq_id 
_struct_site.pdbx_auth_ins_code 
_struct_site.pdbx_num_residues 
_struct_site.details 
AC1 Software A CA 501 ? 5 'BINDING SITE FOR RESIDUE CA A 501' 
AC2 Software A CA 502 ? 6 'BINDING SITE FOR RESIDUE CA A 502' 
AC3 Software B CA 501 ? 6 'BINDING SITE FOR RESIDUE CA B 501' 
# 
loop_
_struct_site_gen.id 
_struct_site_gen.site_id 
_struct_site_gen.pdbx_num_res 
_struct_site_gen.label_comp_id 
_struct_site_gen.label_asym_id 
_struct_site_gen.label_seq_id 
_struct_site_gen.pdbx_auth_ins_code 
_struct_site_gen.auth_comp_id 
_struct_site_gen.auth_asym_id 
_struct_site_gen.auth_seq_id 
_struct_site_gen.label_atom_id 
_struct_site_gen.label_alt_id 
_struct_site_gen.symmetry 
_struct_site_gen.details 
1  AC1 5 ASP A 13 ? ASP A 461 . ? 5_554 ? 
2  AC1 5 ASP A 39 ? ASP A 487 . ? 1_555 ? 
3  AC1 5 ASP A 42 ? ASP A 490 . ? 1_555 ? 
4  AC1 5 HOH F .  ? HOH A 632 . ? 5_554 ? 
5  AC1 5 HOH F .  ? HOH A 634 . ? 5_554 ? 
6  AC2 6 ASP A 11 ? ASP A 459 . ? 1_555 ? 
7  AC2 6 ASP A 38 ? ASP A 486 . ? 6_555 ? 
8  AC2 6 GLU A 41 ? GLU A 489 . ? 6_555 ? 
9  AC2 6 HOH F .  ? HOH A 601 . ? 1_555 ? 
10 AC2 6 HOH F .  ? HOH A 605 . ? 1_555 ? 
11 AC2 6 HOH F .  ? HOH A 639 . ? 1_555 ? 
12 AC3 6 LEU A 40 ? LEU A 488 . ? 6_555 ? 
13 AC3 6 ASP A 42 ? ASP A 490 . ? 6_555 ? 
14 AC3 6 ILE B 35 ? ILE B 483 . ? 1_555 ? 
15 AC3 6 ASP B 38 ? ASP B 486 . ? 1_555 ? 
16 AC3 6 ASP B 39 ? ASP B 487 . ? 1_555 ? 
17 AC3 6 HOH G .  ? HOH B 604 . ? 1_555 ? 
# 
_pdbx_entry_details.entry_id                   4J3H 
_pdbx_entry_details.compound_details           ? 
_pdbx_entry_details.source_details             ? 
_pdbx_entry_details.nonpolymer_details         ? 
_pdbx_entry_details.sequence_details           ? 
_pdbx_entry_details.has_ligand_of_interest     ? 
_pdbx_entry_details.has_protein_modification   Y 
# 
loop_
_pdbx_validate_close_contact.id 
_pdbx_validate_close_contact.PDB_model_num 
_pdbx_validate_close_contact.auth_atom_id_1 
_pdbx_validate_close_contact.auth_asym_id_1 
_pdbx_validate_close_contact.auth_comp_id_1 
_pdbx_validate_close_contact.auth_seq_id_1 
_pdbx_validate_close_contact.PDB_ins_code_1 
_pdbx_validate_close_contact.label_alt_id_1 
_pdbx_validate_close_contact.auth_atom_id_2 
_pdbx_validate_close_contact.auth_asym_id_2 
_pdbx_validate_close_contact.auth_comp_id_2 
_pdbx_validate_close_contact.auth_seq_id_2 
_pdbx_validate_close_contact.PDB_ins_code_2 
_pdbx_validate_close_contact.label_alt_id_2 
_pdbx_validate_close_contact.dist 
1 1 O   B HOH 623 ? ? O B HOH 633 ? ? 2.08 
2 1 OE1 B GLN 473 ? A O B HOH 601 ? ? 2.15 
3 1 O   B HOH 635 ? ? O B HOH 636 ? ? 2.17 
4 1 OD2 A ASP 487 ? ? O A HOH 612 ? ? 2.19 
# 
_pdbx_validate_symm_contact.id                1 
_pdbx_validate_symm_contact.PDB_model_num     1 
_pdbx_validate_symm_contact.auth_atom_id_1    OE1 
_pdbx_validate_symm_contact.auth_asym_id_1    A 
_pdbx_validate_symm_contact.auth_comp_id_1    GLN 
_pdbx_validate_symm_contact.auth_seq_id_1     473 
_pdbx_validate_symm_contact.PDB_ins_code_1    ? 
_pdbx_validate_symm_contact.label_alt_id_1    A 
_pdbx_validate_symm_contact.site_symmetry_1   1_555 
_pdbx_validate_symm_contact.auth_atom_id_2    O 
_pdbx_validate_symm_contact.auth_asym_id_2    B 
_pdbx_validate_symm_contact.auth_comp_id_2    HOH 
_pdbx_validate_symm_contact.auth_seq_id_2     601 
_pdbx_validate_symm_contact.PDB_ins_code_2    ? 
_pdbx_validate_symm_contact.label_alt_id_2    ? 
_pdbx_validate_symm_contact.site_symmetry_2   12_566 
_pdbx_validate_symm_contact.dist              2.07 
# 
_pdbx_validate_torsion.id              1 
_pdbx_validate_torsion.PDB_model_num   1 
_pdbx_validate_torsion.auth_comp_id    GLU 
_pdbx_validate_torsion.auth_asym_id    A 
_pdbx_validate_torsion.auth_seq_id     454 
_pdbx_validate_torsion.PDB_ins_code    ? 
_pdbx_validate_torsion.label_alt_id    ? 
_pdbx_validate_torsion.phi             -140.76 
_pdbx_validate_torsion.psi             -20.41 
# 
loop_
_pdbx_struct_mod_residue.id 
_pdbx_struct_mod_residue.label_asym_id 
_pdbx_struct_mod_residue.label_comp_id 
_pdbx_struct_mod_residue.label_seq_id 
_pdbx_struct_mod_residue.auth_asym_id 
_pdbx_struct_mod_residue.auth_comp_id 
_pdbx_struct_mod_residue.auth_seq_id 
_pdbx_struct_mod_residue.PDB_ins_code 
_pdbx_struct_mod_residue.parent_comp_id 
_pdbx_struct_mod_residue.details 
1 A MSE 10 A MSE 458 ? MET SELENOMETHIONINE 
2 A MSE 33 A MSE 481 ? MET SELENOMETHIONINE 
3 B MSE 10 B MSE 458 ? MET SELENOMETHIONINE 
4 B MSE 33 B MSE 481 ? MET SELENOMETHIONINE 
# 
loop_
_pdbx_refine_tls.pdbx_refine_id 
_pdbx_refine_tls.id 
_pdbx_refine_tls.details 
_pdbx_refine_tls.method 
_pdbx_refine_tls.origin_x 
_pdbx_refine_tls.origin_y 
_pdbx_refine_tls.origin_z 
_pdbx_refine_tls.T[1][1] 
_pdbx_refine_tls.T[2][2] 
_pdbx_refine_tls.T[3][3] 
_pdbx_refine_tls.T[1][2] 
_pdbx_refine_tls.T[1][3] 
_pdbx_refine_tls.T[2][3] 
_pdbx_refine_tls.L[1][1] 
_pdbx_refine_tls.L[2][2] 
_pdbx_refine_tls.L[3][3] 
_pdbx_refine_tls.L[1][2] 
_pdbx_refine_tls.L[1][3] 
_pdbx_refine_tls.L[2][3] 
_pdbx_refine_tls.S[1][1] 
_pdbx_refine_tls.S[1][2] 
_pdbx_refine_tls.S[1][3] 
_pdbx_refine_tls.S[2][1] 
_pdbx_refine_tls.S[2][2] 
_pdbx_refine_tls.S[2][3] 
_pdbx_refine_tls.S[3][1] 
_pdbx_refine_tls.S[3][2] 
_pdbx_refine_tls.S[3][3] 
'X-RAY DIFFRACTION' 1 ? refined 0.0877   -16.6896 -13.4026 0.1215 0.1826 0.1547 0.0190  -0.0163 -0.0241 0.2964  1.0132 0.6585  0.1412  -0.3687 0.3584  -0.1087 0.2675  -0.0003 -0.1928 0.0866  0.0708  -0.0770 0.2498  0.1001  
'X-RAY DIFFRACTION' 2 ? refined -2.2755  -5.6348  1.3649   0.1723 0.1890 0.2273 -0.0269 0.0625  -0.1087 3.5533  7.7974 6.6484  -2.1720 -0.6679 6.1209  0.2021  -0.8950 0.2022  0.9730  0.0360  0.0993  0.5855  0.2028  -0.1675 
'X-RAY DIFFRACTION' 3 ? refined -7.6703  8.7484   9.6309   0.2078 0.1820 0.2411 -0.0305 0.0552  -0.0828 3.6224  7.7678 5.6330  -2.7807 -2.0991 3.8309  -0.1276 0.0934  -0.3088 0.4234  -0.0458 0.4879  0.7596  -0.1393 0.2500  
'X-RAY DIFFRACTION' 4 ? refined -18.0122 15.9349  16.0256  0.1579 0.2752 0.2144 -0.0718 0.0138  -0.1392 10.1722 2.1834 1.3664  3.1514  -2.9163 -1.6888 -0.0629 0.4134  -0.7141 -0.3898 0.0138  -0.0693 0.4210  -0.5073 0.1701  
'X-RAY DIFFRACTION' 5 ? refined -1.2689  21.2320  8.6260   0.2533 0.1393 0.1706 -0.0213 -0.0157 0.0044  4.9990  2.8418 0.9142  2.6096  -1.1960 0.2907  -0.2369 0.0763  0.4035  -0.1170 0.1353  0.1964  -0.4049 0.3190  0.1564  
'X-RAY DIFFRACTION' 6 ? refined 4.3456   6.4716   7.5717   0.1942 0.1240 0.1184 0.0429  -0.0048 0.0189  2.6694  7.3047 7.4392  -1.3147 -1.8396 5.8150  -0.2669 -0.3429 -0.1738 0.8183  0.2519  -0.2405 0.7011  0.5929  -0.0169 
'X-RAY DIFFRACTION' 7 ? refined 7.3395   -3.6539  -5.0723  0.1683 0.0810 0.1563 0.0233  0.0315  0.0053  4.1412  7.7568 1.0028  -3.3003 -1.5483 2.5680  0.2209  0.1151  0.2066  -0.3262 -0.1349 -0.0117 -0.0052 -0.0134 -0.0418 
'X-RAY DIFFRACTION' 8 ? refined 8.9034   -10.0043 -17.0858 0.3269 0.3589 0.2340 0.0094  0.0239  0.0393  2.0155  5.8237 10.0166 -2.1859 -2.8493 7.6234  0.2156  1.2093  0.4841  -1.2532 -0.1708 -0.2016 -0.9372 0.5998  -0.0580 
# 
loop_
_pdbx_refine_tls_group.pdbx_refine_id 
_pdbx_refine_tls_group.id 
_pdbx_refine_tls_group.refine_tls_id 
_pdbx_refine_tls_group.beg_auth_asym_id 
_pdbx_refine_tls_group.beg_auth_seq_id 
_pdbx_refine_tls_group.beg_label_asym_id 
_pdbx_refine_tls_group.beg_label_seq_id 
_pdbx_refine_tls_group.end_auth_asym_id 
_pdbx_refine_tls_group.end_auth_seq_id 
_pdbx_refine_tls_group.end_label_asym_id 
_pdbx_refine_tls_group.end_label_seq_id 
_pdbx_refine_tls_group.selection 
_pdbx_refine_tls_group.selection_details 
'X-RAY DIFFRACTION' 1 1 ? ? ? ? ? ? ? ? ? 
;chain 'A' and resseq 453:466
;
'X-RAY DIFFRACTION' 2 2 ? ? ? ? ? ? ? ? ? 
;chain 'A' and resseq 467:478
;
'X-RAY DIFFRACTION' 3 3 ? ? ? ? ? ? ? ? ? 
;chain 'A' and resseq 479:489
;
'X-RAY DIFFRACTION' 4 4 ? ? ? ? ? ? ? ? ? 
;chain 'A' and resseq 490:494
;
'X-RAY DIFFRACTION' 5 5 ? ? ? ? ? ? ? ? ? 
;chain 'B' and resseq 453:459
;
'X-RAY DIFFRACTION' 6 6 ? ? ? ? ? ? ? ? ? 
;chain 'B' and resseq 460:472
;
'X-RAY DIFFRACTION' 7 7 ? ? ? ? ? ? ? ? ? 
;chain 'B' and resseq 473:482
;
'X-RAY DIFFRACTION' 8 8 ? ? ? ? ? ? ? ? ? 
;chain 'B' and resseq 483:490
;
# 
loop_
_pdbx_unobs_or_zero_occ_residues.id 
_pdbx_unobs_or_zero_occ_residues.PDB_model_num 
_pdbx_unobs_or_zero_occ_residues.polymer_flag 
_pdbx_unobs_or_zero_occ_residues.occupancy_flag 
_pdbx_unobs_or_zero_occ_residues.auth_asym_id 
_pdbx_unobs_or_zero_occ_residues.auth_comp_id 
_pdbx_unobs_or_zero_occ_residues.auth_seq_id 
_pdbx_unobs_or_zero_occ_residues.PDB_ins_code 
_pdbx_unobs_or_zero_occ_residues.label_asym_id 
_pdbx_unobs_or_zero_occ_residues.label_comp_id 
_pdbx_unobs_or_zero_occ_residues.label_seq_id 
1  1 Y 1 A GLY 449 ? A GLY 1  
2  1 Y 1 A SER 450 ? A SER 2  
3  1 Y 1 A HIS 451 ? A HIS 3  
4  1 Y 1 A MSE 452 ? A MSE 4  
5  1 Y 1 B GLY 449 ? B GLY 1  
6  1 Y 1 B SER 450 ? B SER 2  
7  1 Y 1 B HIS 451 ? B HIS 3  
8  1 Y 1 B MSE 452 ? B MSE 4  
9  1 Y 1 B ILE 491 ? B ILE 43 
10 1 Y 1 B LYS 492 ? B LYS 44 
11 1 Y 1 B LEU 493 ? B LEU 45 
12 1 Y 1 B VAL 494 ? B VAL 46 
# 
loop_
_chem_comp_atom.comp_id 
_chem_comp_atom.atom_id 
_chem_comp_atom.type_symbol 
_chem_comp_atom.pdbx_aromatic_flag 
_chem_comp_atom.pdbx_stereo_config 
_chem_comp_atom.pdbx_ordinal 
ALA N    N  N N 1   
ALA CA   C  N S 2   
ALA C    C  N N 3   
ALA O    O  N N 4   
ALA CB   C  N N 5   
ALA OXT  O  N N 6   
ALA H    H  N N 7   
ALA H2   H  N N 8   
ALA HA   H  N N 9   
ALA HB1  H  N N 10  
ALA HB2  H  N N 11  
ALA HB3  H  N N 12  
ALA HXT  H  N N 13  
ARG N    N  N N 14  
ARG CA   C  N S 15  
ARG C    C  N N 16  
ARG O    O  N N 17  
ARG CB   C  N N 18  
ARG CG   C  N N 19  
ARG CD   C  N N 20  
ARG NE   N  N N 21  
ARG CZ   C  N N 22  
ARG NH1  N  N N 23  
ARG NH2  N  N N 24  
ARG OXT  O  N N 25  
ARG H    H  N N 26  
ARG H2   H  N N 27  
ARG HA   H  N N 28  
ARG HB2  H  N N 29  
ARG HB3  H  N N 30  
ARG HG2  H  N N 31  
ARG HG3  H  N N 32  
ARG HD2  H  N N 33  
ARG HD3  H  N N 34  
ARG HE   H  N N 35  
ARG HH11 H  N N 36  
ARG HH12 H  N N 37  
ARG HH21 H  N N 38  
ARG HH22 H  N N 39  
ARG HXT  H  N N 40  
ASP N    N  N N 41  
ASP CA   C  N S 42  
ASP C    C  N N 43  
ASP O    O  N N 44  
ASP CB   C  N N 45  
ASP CG   C  N N 46  
ASP OD1  O  N N 47  
ASP OD2  O  N N 48  
ASP OXT  O  N N 49  
ASP H    H  N N 50  
ASP H2   H  N N 51  
ASP HA   H  N N 52  
ASP HB2  H  N N 53  
ASP HB3  H  N N 54  
ASP HD2  H  N N 55  
ASP HXT  H  N N 56  
CA  CA   CA N N 57  
GLN N    N  N N 58  
GLN CA   C  N S 59  
GLN C    C  N N 60  
GLN O    O  N N 61  
GLN CB   C  N N 62  
GLN CG   C  N N 63  
GLN CD   C  N N 64  
GLN OE1  O  N N 65  
GLN NE2  N  N N 66  
GLN OXT  O  N N 67  
GLN H    H  N N 68  
GLN H2   H  N N 69  
GLN HA   H  N N 70  
GLN HB2  H  N N 71  
GLN HB3  H  N N 72  
GLN HG2  H  N N 73  
GLN HG3  H  N N 74  
GLN HE21 H  N N 75  
GLN HE22 H  N N 76  
GLN HXT  H  N N 77  
GLU N    N  N N 78  
GLU CA   C  N S 79  
GLU C    C  N N 80  
GLU O    O  N N 81  
GLU CB   C  N N 82  
GLU CG   C  N N 83  
GLU CD   C  N N 84  
GLU OE1  O  N N 85  
GLU OE2  O  N N 86  
GLU OXT  O  N N 87  
GLU H    H  N N 88  
GLU H2   H  N N 89  
GLU HA   H  N N 90  
GLU HB2  H  N N 91  
GLU HB3  H  N N 92  
GLU HG2  H  N N 93  
GLU HG3  H  N N 94  
GLU HE2  H  N N 95  
GLU HXT  H  N N 96  
GLY N    N  N N 97  
GLY CA   C  N N 98  
GLY C    C  N N 99  
GLY O    O  N N 100 
GLY OXT  O  N N 101 
GLY H    H  N N 102 
GLY H2   H  N N 103 
GLY HA2  H  N N 104 
GLY HA3  H  N N 105 
GLY HXT  H  N N 106 
HIS N    N  N N 107 
HIS CA   C  N S 108 
HIS C    C  N N 109 
HIS O    O  N N 110 
HIS CB   C  N N 111 
HIS CG   C  Y N 112 
HIS ND1  N  Y N 113 
HIS CD2  C  Y N 114 
HIS CE1  C  Y N 115 
HIS NE2  N  Y N 116 
HIS OXT  O  N N 117 
HIS H    H  N N 118 
HIS H2   H  N N 119 
HIS HA   H  N N 120 
HIS HB2  H  N N 121 
HIS HB3  H  N N 122 
HIS HD1  H  N N 123 
HIS HD2  H  N N 124 
HIS HE1  H  N N 125 
HIS HE2  H  N N 126 
HIS HXT  H  N N 127 
HOH O    O  N N 128 
HOH H1   H  N N 129 
HOH H2   H  N N 130 
ILE N    N  N N 131 
ILE CA   C  N S 132 
ILE C    C  N N 133 
ILE O    O  N N 134 
ILE CB   C  N S 135 
ILE CG1  C  N N 136 
ILE CG2  C  N N 137 
ILE CD1  C  N N 138 
ILE OXT  O  N N 139 
ILE H    H  N N 140 
ILE H2   H  N N 141 
ILE HA   H  N N 142 
ILE HB   H  N N 143 
ILE HG12 H  N N 144 
ILE HG13 H  N N 145 
ILE HG21 H  N N 146 
ILE HG22 H  N N 147 
ILE HG23 H  N N 148 
ILE HD11 H  N N 149 
ILE HD12 H  N N 150 
ILE HD13 H  N N 151 
ILE HXT  H  N N 152 
LEU N    N  N N 153 
LEU CA   C  N S 154 
LEU C    C  N N 155 
LEU O    O  N N 156 
LEU CB   C  N N 157 
LEU CG   C  N N 158 
LEU CD1  C  N N 159 
LEU CD2  C  N N 160 
LEU OXT  O  N N 161 
LEU H    H  N N 162 
LEU H2   H  N N 163 
LEU HA   H  N N 164 
LEU HB2  H  N N 165 
LEU HB3  H  N N 166 
LEU HG   H  N N 167 
LEU HD11 H  N N 168 
LEU HD12 H  N N 169 
LEU HD13 H  N N 170 
LEU HD21 H  N N 171 
LEU HD22 H  N N 172 
LEU HD23 H  N N 173 
LEU HXT  H  N N 174 
LYS N    N  N N 175 
LYS CA   C  N S 176 
LYS C    C  N N 177 
LYS O    O  N N 178 
LYS CB   C  N N 179 
LYS CG   C  N N 180 
LYS CD   C  N N 181 
LYS CE   C  N N 182 
LYS NZ   N  N N 183 
LYS OXT  O  N N 184 
LYS H    H  N N 185 
LYS H2   H  N N 186 
LYS HA   H  N N 187 
LYS HB2  H  N N 188 
LYS HB3  H  N N 189 
LYS HG2  H  N N 190 
LYS HG3  H  N N 191 
LYS HD2  H  N N 192 
LYS HD3  H  N N 193 
LYS HE2  H  N N 194 
LYS HE3  H  N N 195 
LYS HZ1  H  N N 196 
LYS HZ2  H  N N 197 
LYS HZ3  H  N N 198 
LYS HXT  H  N N 199 
MSE N    N  N N 200 
MSE CA   C  N S 201 
MSE C    C  N N 202 
MSE O    O  N N 203 
MSE OXT  O  N N 204 
MSE CB   C  N N 205 
MSE CG   C  N N 206 
MSE SE   SE N N 207 
MSE CE   C  N N 208 
MSE H    H  N N 209 
MSE H2   H  N N 210 
MSE HA   H  N N 211 
MSE HXT  H  N N 212 
MSE HB2  H  N N 213 
MSE HB3  H  N N 214 
MSE HG2  H  N N 215 
MSE HG3  H  N N 216 
MSE HE1  H  N N 217 
MSE HE2  H  N N 218 
MSE HE3  H  N N 219 
SER N    N  N N 220 
SER CA   C  N S 221 
SER C    C  N N 222 
SER O    O  N N 223 
SER CB   C  N N 224 
SER OG   O  N N 225 
SER OXT  O  N N 226 
SER H    H  N N 227 
SER H2   H  N N 228 
SER HA   H  N N 229 
SER HB2  H  N N 230 
SER HB3  H  N N 231 
SER HG   H  N N 232 
SER HXT  H  N N 233 
TYR N    N  N N 234 
TYR CA   C  N S 235 
TYR C    C  N N 236 
TYR O    O  N N 237 
TYR CB   C  N N 238 
TYR CG   C  Y N 239 
TYR CD1  C  Y N 240 
TYR CD2  C  Y N 241 
TYR CE1  C  Y N 242 
TYR CE2  C  Y N 243 
TYR CZ   C  Y N 244 
TYR OH   O  N N 245 
TYR OXT  O  N N 246 
TYR H    H  N N 247 
TYR H2   H  N N 248 
TYR HA   H  N N 249 
TYR HB2  H  N N 250 
TYR HB3  H  N N 251 
TYR HD1  H  N N 252 
TYR HD2  H  N N 253 
TYR HE1  H  N N 254 
TYR HE2  H  N N 255 
TYR HH   H  N N 256 
TYR HXT  H  N N 257 
VAL N    N  N N 258 
VAL CA   C  N S 259 
VAL C    C  N N 260 
VAL O    O  N N 261 
VAL CB   C  N N 262 
VAL CG1  C  N N 263 
VAL CG2  C  N N 264 
VAL OXT  O  N N 265 
VAL H    H  N N 266 
VAL H2   H  N N 267 
VAL HA   H  N N 268 
VAL HB   H  N N 269 
VAL HG11 H  N N 270 
VAL HG12 H  N N 271 
VAL HG13 H  N N 272 
VAL HG21 H  N N 273 
VAL HG22 H  N N 274 
VAL HG23 H  N N 275 
VAL HXT  H  N N 276 
# 
loop_
_chem_comp_bond.comp_id 
_chem_comp_bond.atom_id_1 
_chem_comp_bond.atom_id_2 
_chem_comp_bond.value_order 
_chem_comp_bond.pdbx_aromatic_flag 
_chem_comp_bond.pdbx_stereo_config 
_chem_comp_bond.pdbx_ordinal 
ALA N   CA   sing N N 1   
ALA N   H    sing N N 2   
ALA N   H2   sing N N 3   
ALA CA  C    sing N N 4   
ALA CA  CB   sing N N 5   
ALA CA  HA   sing N N 6   
ALA C   O    doub N N 7   
ALA C   OXT  sing N N 8   
ALA CB  HB1  sing N N 9   
ALA CB  HB2  sing N N 10  
ALA CB  HB3  sing N N 11  
ALA OXT HXT  sing N N 12  
ARG N   CA   sing N N 13  
ARG N   H    sing N N 14  
ARG N   H2   sing N N 15  
ARG CA  C    sing N N 16  
ARG CA  CB   sing N N 17  
ARG CA  HA   sing N N 18  
ARG C   O    doub N N 19  
ARG C   OXT  sing N N 20  
ARG CB  CG   sing N N 21  
ARG CB  HB2  sing N N 22  
ARG CB  HB3  sing N N 23  
ARG CG  CD   sing N N 24  
ARG CG  HG2  sing N N 25  
ARG CG  HG3  sing N N 26  
ARG CD  NE   sing N N 27  
ARG CD  HD2  sing N N 28  
ARG CD  HD3  sing N N 29  
ARG NE  CZ   sing N N 30  
ARG NE  HE   sing N N 31  
ARG CZ  NH1  sing N N 32  
ARG CZ  NH2  doub N N 33  
ARG NH1 HH11 sing N N 34  
ARG NH1 HH12 sing N N 35  
ARG NH2 HH21 sing N N 36  
ARG NH2 HH22 sing N N 37  
ARG OXT HXT  sing N N 38  
ASP N   CA   sing N N 39  
ASP N   H    sing N N 40  
ASP N   H2   sing N N 41  
ASP CA  C    sing N N 42  
ASP CA  CB   sing N N 43  
ASP CA  HA   sing N N 44  
ASP C   O    doub N N 45  
ASP C   OXT  sing N N 46  
ASP CB  CG   sing N N 47  
ASP CB  HB2  sing N N 48  
ASP CB  HB3  sing N N 49  
ASP CG  OD1  doub N N 50  
ASP CG  OD2  sing N N 51  
ASP OD2 HD2  sing N N 52  
ASP OXT HXT  sing N N 53  
GLN N   CA   sing N N 54  
GLN N   H    sing N N 55  
GLN N   H2   sing N N 56  
GLN CA  C    sing N N 57  
GLN CA  CB   sing N N 58  
GLN CA  HA   sing N N 59  
GLN C   O    doub N N 60  
GLN C   OXT  sing N N 61  
GLN CB  CG   sing N N 62  
GLN CB  HB2  sing N N 63  
GLN CB  HB3  sing N N 64  
GLN CG  CD   sing N N 65  
GLN CG  HG2  sing N N 66  
GLN CG  HG3  sing N N 67  
GLN CD  OE1  doub N N 68  
GLN CD  NE2  sing N N 69  
GLN NE2 HE21 sing N N 70  
GLN NE2 HE22 sing N N 71  
GLN OXT HXT  sing N N 72  
GLU N   CA   sing N N 73  
GLU N   H    sing N N 74  
GLU N   H2   sing N N 75  
GLU CA  C    sing N N 76  
GLU CA  CB   sing N N 77  
GLU CA  HA   sing N N 78  
GLU C   O    doub N N 79  
GLU C   OXT  sing N N 80  
GLU CB  CG   sing N N 81  
GLU CB  HB2  sing N N 82  
GLU CB  HB3  sing N N 83  
GLU CG  CD   sing N N 84  
GLU CG  HG2  sing N N 85  
GLU CG  HG3  sing N N 86  
GLU CD  OE1  doub N N 87  
GLU CD  OE2  sing N N 88  
GLU OE2 HE2  sing N N 89  
GLU OXT HXT  sing N N 90  
GLY N   CA   sing N N 91  
GLY N   H    sing N N 92  
GLY N   H2   sing N N 93  
GLY CA  C    sing N N 94  
GLY CA  HA2  sing N N 95  
GLY CA  HA3  sing N N 96  
GLY C   O    doub N N 97  
GLY C   OXT  sing N N 98  
GLY OXT HXT  sing N N 99  
HIS N   CA   sing N N 100 
HIS N   H    sing N N 101 
HIS N   H2   sing N N 102 
HIS CA  C    sing N N 103 
HIS CA  CB   sing N N 104 
HIS CA  HA   sing N N 105 
HIS C   O    doub N N 106 
HIS C   OXT  sing N N 107 
HIS CB  CG   sing N N 108 
HIS CB  HB2  sing N N 109 
HIS CB  HB3  sing N N 110 
HIS CG  ND1  sing Y N 111 
HIS CG  CD2  doub Y N 112 
HIS ND1 CE1  doub Y N 113 
HIS ND1 HD1  sing N N 114 
HIS CD2 NE2  sing Y N 115 
HIS CD2 HD2  sing N N 116 
HIS CE1 NE2  sing Y N 117 
HIS CE1 HE1  sing N N 118 
HIS NE2 HE2  sing N N 119 
HIS OXT HXT  sing N N 120 
HOH O   H1   sing N N 121 
HOH O   H2   sing N N 122 
ILE N   CA   sing N N 123 
ILE N   H    sing N N 124 
ILE N   H2   sing N N 125 
ILE CA  C    sing N N 126 
ILE CA  CB   sing N N 127 
ILE CA  HA   sing N N 128 
ILE C   O    doub N N 129 
ILE C   OXT  sing N N 130 
ILE CB  CG1  sing N N 131 
ILE CB  CG2  sing N N 132 
ILE CB  HB   sing N N 133 
ILE CG1 CD1  sing N N 134 
ILE CG1 HG12 sing N N 135 
ILE CG1 HG13 sing N N 136 
ILE CG2 HG21 sing N N 137 
ILE CG2 HG22 sing N N 138 
ILE CG2 HG23 sing N N 139 
ILE CD1 HD11 sing N N 140 
ILE CD1 HD12 sing N N 141 
ILE CD1 HD13 sing N N 142 
ILE OXT HXT  sing N N 143 
LEU N   CA   sing N N 144 
LEU N   H    sing N N 145 
LEU N   H2   sing N N 146 
LEU CA  C    sing N N 147 
LEU CA  CB   sing N N 148 
LEU CA  HA   sing N N 149 
LEU C   O    doub N N 150 
LEU C   OXT  sing N N 151 
LEU CB  CG   sing N N 152 
LEU CB  HB2  sing N N 153 
LEU CB  HB3  sing N N 154 
LEU CG  CD1  sing N N 155 
LEU CG  CD2  sing N N 156 
LEU CG  HG   sing N N 157 
LEU CD1 HD11 sing N N 158 
LEU CD1 HD12 sing N N 159 
LEU CD1 HD13 sing N N 160 
LEU CD2 HD21 sing N N 161 
LEU CD2 HD22 sing N N 162 
LEU CD2 HD23 sing N N 163 
LEU OXT HXT  sing N N 164 
LYS N   CA   sing N N 165 
LYS N   H    sing N N 166 
LYS N   H2   sing N N 167 
LYS CA  C    sing N N 168 
LYS CA  CB   sing N N 169 
LYS CA  HA   sing N N 170 
LYS C   O    doub N N 171 
LYS C   OXT  sing N N 172 
LYS CB  CG   sing N N 173 
LYS CB  HB2  sing N N 174 
LYS CB  HB3  sing N N 175 
LYS CG  CD   sing N N 176 
LYS CG  HG2  sing N N 177 
LYS CG  HG3  sing N N 178 
LYS CD  CE   sing N N 179 
LYS CD  HD2  sing N N 180 
LYS CD  HD3  sing N N 181 
LYS CE  NZ   sing N N 182 
LYS CE  HE2  sing N N 183 
LYS CE  HE3  sing N N 184 
LYS NZ  HZ1  sing N N 185 
LYS NZ  HZ2  sing N N 186 
LYS NZ  HZ3  sing N N 187 
LYS OXT HXT  sing N N 188 
MSE N   CA   sing N N 189 
MSE N   H    sing N N 190 
MSE N   H2   sing N N 191 
MSE CA  C    sing N N 192 
MSE CA  CB   sing N N 193 
MSE CA  HA   sing N N 194 
MSE C   O    doub N N 195 
MSE C   OXT  sing N N 196 
MSE OXT HXT  sing N N 197 
MSE CB  CG   sing N N 198 
MSE CB  HB2  sing N N 199 
MSE CB  HB3  sing N N 200 
MSE CG  SE   sing N N 201 
MSE CG  HG2  sing N N 202 
MSE CG  HG3  sing N N 203 
MSE SE  CE   sing N N 204 
MSE CE  HE1  sing N N 205 
MSE CE  HE2  sing N N 206 
MSE CE  HE3  sing N N 207 
SER N   CA   sing N N 208 
SER N   H    sing N N 209 
SER N   H2   sing N N 210 
SER CA  C    sing N N 211 
SER CA  CB   sing N N 212 
SER CA  HA   sing N N 213 
SER C   O    doub N N 214 
SER C   OXT  sing N N 215 
SER CB  OG   sing N N 216 
SER CB  HB2  sing N N 217 
SER CB  HB3  sing N N 218 
SER OG  HG   sing N N 219 
SER OXT HXT  sing N N 220 
TYR N   CA   sing N N 221 
TYR N   H    sing N N 222 
TYR N   H2   sing N N 223 
TYR CA  C    sing N N 224 
TYR CA  CB   sing N N 225 
TYR CA  HA   sing N N 226 
TYR C   O    doub N N 227 
TYR C   OXT  sing N N 228 
TYR CB  CG   sing N N 229 
TYR CB  HB2  sing N N 230 
TYR CB  HB3  sing N N 231 
TYR CG  CD1  doub Y N 232 
TYR CG  CD2  sing Y N 233 
TYR CD1 CE1  sing Y N 234 
TYR CD1 HD1  sing N N 235 
TYR CD2 CE2  doub Y N 236 
TYR CD2 HD2  sing N N 237 
TYR CE1 CZ   doub Y N 238 
TYR CE1 HE1  sing N N 239 
TYR CE2 CZ   sing Y N 240 
TYR CE2 HE2  sing N N 241 
TYR CZ  OH   sing N N 242 
TYR OH  HH   sing N N 243 
TYR OXT HXT  sing N N 244 
VAL N   CA   sing N N 245 
VAL N   H    sing N N 246 
VAL N   H2   sing N N 247 
VAL CA  C    sing N N 248 
VAL CA  CB   sing N N 249 
VAL CA  HA   sing N N 250 
VAL C   O    doub N N 251 
VAL C   OXT  sing N N 252 
VAL CB  CG1  sing N N 253 
VAL CB  CG2  sing N N 254 
VAL CB  HB   sing N N 255 
VAL CG1 HG11 sing N N 256 
VAL CG1 HG12 sing N N 257 
VAL CG1 HG13 sing N N 258 
VAL CG2 HG21 sing N N 259 
VAL CG2 HG22 sing N N 260 
VAL CG2 HG23 sing N N 261 
VAL OXT HXT  sing N N 262 
# 
_atom_sites.entry_id                    4J3H 
_atom_sites.fract_transf_matrix[1][1]   -0.02434201 
_atom_sites.fract_transf_matrix[1][2]   -0.00586284 
_atom_sites.fract_transf_matrix[1][3]   0.01241075 
_atom_sites.fract_transf_matrix[2][1]   -0.02148025 
_atom_sites.fract_transf_matrix[2][2]   -0.00948726 
_atom_sites.fract_transf_matrix[2][3]   -0.01514971 
_atom_sites.fract_transf_matrix[3][1]   0.00153939 
_atom_sites.fract_transf_matrix[3][2]   -0.00473493 
_atom_sites.fract_transf_matrix[3][3]   0.00078252 
_atom_sites.fract_transf_vector[1]      0.623377 
_atom_sites.fract_transf_vector[2]      0.742628 
_atom_sites.fract_transf_vector[3]      0.588177 
# 
loop_
_atom_type.symbol 
C  
CA 
H  
N  
O  
SE 
# 
loop_
_atom_site.group_PDB 
_atom_site.id 
_atom_site.type_symbol 
_atom_site.label_atom_id 
_atom_site.label_alt_id 
_atom_site.label_comp_id 
_atom_site.label_asym_id 
_atom_site.label_entity_id 
_atom_site.label_seq_id 
_atom_site.pdbx_PDB_ins_code 
_atom_site.Cartn_x 
_atom_site.Cartn_y 
_atom_site.Cartn_z 
_atom_site.occupancy 
_atom_site.B_iso_or_equiv 
_atom_site.pdbx_formal_charge 
_atom_site.auth_seq_id 
_atom_site.auth_comp_id 
_atom_site.auth_asym_id 
_atom_site.auth_atom_id 
_atom_site.pdbx_PDB_model_num 
ATOM   1   N  N   . GLU A 1 5  ? -3.654  -17.316 -27.136 1.00 45.76 ? 453 GLU A N   1 
ATOM   2   C  CA  . GLU A 1 5  ? -3.700  -15.871 -27.337 1.00 44.81 ? 453 GLU A CA  1 
ATOM   3   C  C   . GLU A 1 5  ? -4.691  -15.214 -26.383 1.00 47.37 ? 453 GLU A C   1 
ATOM   4   O  O   . GLU A 1 5  ? -4.936  -14.007 -26.461 1.00 49.12 ? 453 GLU A O   1 
ATOM   5   C  CB  . GLU A 1 5  ? -4.074  -15.545 -28.785 0.00 40.20 ? 453 GLU A CB  1 
ATOM   6   C  CG  . GLU A 1 5  ? -3.047  -16.000 -29.805 0.00 40.66 ? 453 GLU A CG  1 
ATOM   7   C  CD  . GLU A 1 5  ? -3.484  -15.727 -31.231 0.00 41.99 ? 453 GLU A CD  1 
ATOM   8   O  OE1 . GLU A 1 5  ? -4.669  -15.389 -31.436 0.00 42.31 ? 453 GLU A OE1 1 
ATOM   9   O  OE2 . GLU A 1 5  ? -2.643  -15.849 -32.145 0.00 42.72 ? 453 GLU A OE2 1 
ATOM   10  N  N   . GLU A 1 6  ? -5.259  -16.007 -25.479 1.00 45.18 ? 454 GLU A N   1 
ATOM   11  C  CA  . GLU A 1 6  ? -6.321  -15.512 -24.616 1.00 35.02 ? 454 GLU A CA  1 
ATOM   12  C  C   . GLU A 1 6  ? -6.244  -16.019 -23.179 1.00 21.78 ? 454 GLU A C   1 
ATOM   13  O  O   . GLU A 1 6  ? -6.849  -15.414 -22.299 1.00 22.95 ? 454 GLU A O   1 
ATOM   14  C  CB  . GLU A 1 6  ? -7.717  -15.816 -25.212 1.00 38.75 ? 454 GLU A CB  1 
ATOM   15  C  CG  . GLU A 1 6  ? -8.883  -15.433 -24.284 1.00 39.89 ? 454 GLU A CG  1 
ATOM   16  C  CD  . GLU A 1 6  ? -10.255 -15.635 -24.905 0.00 38.28 ? 454 GLU A CD  1 
ATOM   17  O  OE1 . GLU A 1 6  ? -10.402 -15.387 -26.119 0.00 38.88 ? 454 GLU A OE1 1 
ATOM   18  O  OE2 . GLU A 1 6  ? -11.191 -16.032 -24.178 0.00 37.49 ? 454 GLU A OE2 1 
ATOM   19  N  N   . LYS A 1 7  ? -5.535  -17.128 -22.939 1.00 18.93 ? 455 LYS A N   1 
ATOM   20  C  CA  . LYS A 1 7  ? -5.433  -17.695 -21.582 1.00 16.13 ? 455 LYS A CA  1 
ATOM   21  C  C   . LYS A 1 7  ? -3.982  -17.872 -21.176 1.00 17.42 ? 455 LYS A C   1 
ATOM   22  O  O   . LYS A 1 7  ? -3.119  -18.100 -22.033 1.00 19.15 ? 455 LYS A O   1 
ATOM   23  C  CB  . LYS A 1 7  ? -6.137  -19.063 -21.505 1.00 20.69 ? 455 LYS A CB  1 
ATOM   24  C  CG  . LYS A 1 7  ? -7.515  -19.096 -22.124 1.00 22.29 ? 455 LYS A CG  1 
ATOM   25  C  CD  . LYS A 1 7  ? -8.521  -18.366 -21.287 1.00 21.30 ? 455 LYS A CD  1 
ATOM   26  C  CE  . LYS A 1 7  ? -9.842  -18.399 -22.035 1.00 26.55 ? 455 LYS A CE  1 
ATOM   27  N  NZ  . LYS A 1 7  ? -10.851 -17.547 -21.381 1.00 29.73 ? 455 LYS A NZ  1 
ATOM   28  N  N   . TYR A 1 8  ? -3.725  -17.814 -19.867 1.00 15.95 ? 456 TYR A N   1 
ATOM   29  C  CA  . TYR A 1 8  ? -2.350  -17.886 -19.353 1.00 14.64 ? 456 TYR A CA  1 
ATOM   30  C  C   . TYR A 1 8  ? -2.276  -18.825 -18.182 1.00 16.66 ? 456 TYR A C   1 
ATOM   31  O  O   . TYR A 1 8  ? -3.290  -19.065 -17.519 1.00 16.86 ? 456 TYR A O   1 
ATOM   32  C  CB  . TYR A 1 8  ? -1.905  -16.497 -18.892 1.00 17.26 ? 456 TYR A CB  1 
ATOM   33  C  CG  . TYR A 1 8  ? -1.899  -15.525 -20.027 1.00 18.14 ? 456 TYR A CG  1 
ATOM   34  C  CD1 . TYR A 1 8  ? -3.045  -14.821 -20.372 1.00 19.86 ? 456 TYR A CD1 1 
ATOM   35  C  CD2 . TYR A 1 8  ? -0.753  -15.343 -20.779 1.00 19.39 ? 456 TYR A CD2 1 
ATOM   36  C  CE1 . TYR A 1 8  ? -3.045  -13.942 -21.456 1.00 23.13 ? 456 TYR A CE1 1 
ATOM   37  C  CE2 . TYR A 1 8  ? -0.739  -14.479 -21.859 1.00 20.88 ? 456 TYR A CE2 1 
ATOM   38  C  CZ  . TYR A 1 8  ? -1.880  -13.781 -22.183 1.00 24.12 ? 456 TYR A CZ  1 
ATOM   39  O  OH  . TYR A 1 8  ? -1.860  -12.924 -23.259 1.00 28.07 ? 456 TYR A OH  1 
ATOM   40  N  N   . TYR A 1 9  ? -1.071  -19.310 -17.899 1.00 16.05 ? 457 TYR A N   1 
ATOM   41  C  CA  . TYR A 1 9  ? -0.783  -19.971 -16.636 1.00 15.07 ? 457 TYR A CA  1 
ATOM   42  C  C   . TYR A 1 9  ? 0.149   -19.069 -15.865 1.00 15.59 ? 457 TYR A C   1 
ATOM   43  O  O   . TYR A 1 9  ? 1.142   -18.605 -16.429 1.00 16.32 ? 457 TYR A O   1 
ATOM   44  C  CB  . TYR A 1 9  ? -0.035  -21.279 -16.850 1.00 15.84 ? 457 TYR A CB  1 
ATOM   45  C  CG  . TYR A 1 9  ? -0.781  -22.356 -17.588 1.00 14.53 ? 457 TYR A CG  1 
ATOM   46  C  CD1 . TYR A 1 9  ? -2.015  -22.822 -17.135 1.00 15.50 ? 457 TYR A CD1 1 
ATOM   47  C  CD2 . TYR A 1 9  ? -0.254  -22.921 -18.733 1.00 18.11 ? 457 TYR A CD2 1 
ATOM   48  C  CE1 . TYR A 1 9  ? -2.695  -23.834 -17.827 1.00 14.71 ? 457 TYR A CE1 1 
ATOM   49  C  CE2 . TYR A 1 9  ? -0.915  -23.926 -19.417 1.00 16.79 ? 457 TYR A CE2 1 
ATOM   50  C  CZ  . TYR A 1 9  ? -2.136  -24.378 -18.966 1.00 17.20 ? 457 TYR A CZ  1 
ATOM   51  O  OH  . TYR A 1 9  ? -2.778  -25.370 -19.668 1.00 19.25 ? 457 TYR A OH  1 
HETATM 52  N  N   . MSE A 1 10 ? -0.135  -18.834 -14.591 1.00 13.18 ? 458 MSE A N   1 
HETATM 53  C  CA  . MSE A 1 10 ? 0.786   -18.105 -13.716 1.00 12.28 ? 458 MSE A CA  1 
HETATM 54  C  C   . MSE A 1 10 ? 1.430   -19.053 -12.723 1.00 11.97 ? 458 MSE A C   1 
HETATM 55  O  O   . MSE A 1 10 ? 0.736   -19.853 -12.094 1.00 14.35 ? 458 MSE A O   1 
HETATM 56  C  CB  . MSE A 1 10 ? 0.021   -17.033 -12.930 1.00 12.67 ? 458 MSE A CB  1 
HETATM 57  C  CG  . MSE A 1 10 ? 0.945   -16.167 -12.073 1.00 12.17 ? 458 MSE A CG  1 
HETATM 58  SE SE  . MSE A 1 10 ? 0.011   -14.724 -11.181 1.00 15.73 ? 458 MSE A SE  1 
HETATM 59  C  CE  . MSE A 1 10 ? -0.015  -13.485 -12.667 1.00 16.10 ? 458 MSE A CE  1 
ATOM   60  N  N   . ASP A 1 11 ? 2.747   -18.951 -12.566 1.00 13.59 ? 459 ASP A N   1 
ATOM   61  C  CA  . ASP A 1 11 ? 3.440   -19.814 -11.606 1.00 13.36 ? 459 ASP A CA  1 
ATOM   62  C  C   . ASP A 1 11 ? 2.974   -19.547 -10.184 1.00 13.82 ? 459 ASP A C   1 
ATOM   63  O  O   . ASP A 1 11 ? 2.645   -18.398 -9.796  1.00 12.46 ? 459 ASP A O   1 
ATOM   64  C  CB  . ASP A 1 11 ? 4.974   -19.627 -11.653 1.00 17.04 ? 459 ASP A CB  1 
ATOM   65  C  CG  . ASP A 1 11 ? 5.651   -20.386 -12.759 1.00 24.56 ? 459 ASP A CG  1 
ATOM   66  O  OD1 . ASP A 1 11 ? 5.074   -20.624 -13.814 1.00 20.97 ? 459 ASP A OD1 1 
ATOM   67  O  OD2 . ASP A 1 11 ? 6.834   -20.710 -12.564 1.00 24.85 ? 459 ASP A OD2 1 
ATOM   68  N  N   . ALA A 1 12 ? 3.012   -20.594 -9.365  1.00 14.21 ? 460 ALA A N   1 
ATOM   69  C  CA  . ALA A 1 12 ? 2.557   -20.521 -7.987  1.00 13.22 ? 460 ALA A CA  1 
ATOM   70  C  C   . ALA A 1 12 ? 3.271   -19.451 -7.167  1.00 13.07 ? 460 ALA A C   1 
ATOM   71  O  O   . ALA A 1 12 ? 2.616   -18.733 -6.391  1.00 13.72 ? 460 ALA A O   1 
ATOM   72  C  CB  . ALA A 1 12 ? 2.722   -21.888 -7.323  1.00 14.57 ? 460 ALA A CB  1 
ATOM   73  N  N   . ASP A 1 13 ? 4.579   -19.327 -7.325  1.00 13.26 ? 461 ASP A N   1 
ATOM   74  C  CA  . ASP A 1 13 ? 5.317   -18.359 -6.516  1.00 13.26 ? 461 ASP A CA  1 
ATOM   75  C  C   . ASP A 1 13 ? 4.893   -16.925 -6.820  1.00 13.83 ? 461 ASP A C   1 
ATOM   76  O  O   . ASP A 1 13 ? 4.658   -16.127 -5.899  1.00 12.70 ? 461 ASP A O   1 
ATOM   77  C  CB  . ASP A 1 13 ? 6.849   -18.576 -6.531  1.00 12.27 ? 461 ASP A CB  1 
ATOM   78  C  CG  . ASP A 1 13 ? 7.467   -18.667 -7.909  1.00 18.79 ? 461 ASP A CG  1 
ATOM   79  O  OD1 . ASP A 1 13 ? 6.832   -18.418 -8.956  1.00 18.39 ? 461 ASP A OD1 1 
ATOM   80  O  OD2 . ASP A 1 13 ? 8.695   -18.978 -7.933  1.00 20.87 ? 461 ASP A OD2 1 
ATOM   81  N  N   . LEU A 1 14 ? 4.772   -16.584 -8.096  1.00 11.70 ? 462 LEU A N   1 
ATOM   82  C  CA  . LEU A 1 14 ? 4.319   -15.245 -8.457  1.00 13.01 ? 462 LEU A CA  1 
ATOM   83  C  C   . LEU A 1 14 ? 2.915   -14.990 -7.930  1.00 12.46 ? 462 LEU A C   1 
ATOM   84  O  O   . LEU A 1 14 ? 2.656   -13.914 -7.360  1.00 13.44 ? 462 LEU A O   1 
ATOM   85  C  CB  . LEU A 1 14 ? 4.380   -15.048 -9.976  1.00 14.18 ? 462 LEU A CB  1 
ATOM   86  C  CG  . LEU A 1 14 ? 3.810   -13.702 -10.467 1.00 12.85 ? 462 LEU A CG  1 
ATOM   87  C  CD1 . LEU A 1 14 ? 4.458   -12.534 -9.770  1.00 16.24 ? 462 LEU A CD1 1 
ATOM   88  C  CD2 . LEU A 1 14 ? 3.986   -13.552 -11.979 1.00 12.94 ? 462 LEU A CD2 1 
ATOM   89  N  N   . LEU A 1 15 ? 2.010   -15.964 -8.048  1.00 10.97 ? 463 LEU A N   1 
ATOM   90  C  CA  . LEU A 1 15 ? 0.662   -15.725 -7.523  1.00 11.46 ? 463 LEU A CA  1 
ATOM   91  C  C   . LEU A 1 15 ? 0.685   -15.518 -6.015  1.00 11.89 ? 463 LEU A C   1 
ATOM   92  O  O   . LEU A 1 15 ? 0.022   -14.598 -5.499  1.00 11.74 ? 463 LEU A O   1 
ATOM   93  C  CB  . LEU A 1 15 ? -0.287  -16.858 -7.946  1.00 13.32 ? 463 LEU A CB  1 
ATOM   94  C  CG  . LEU A 1 15 ? -1.711  -16.706 -7.429  1.00 14.65 ? 463 LEU A CG  1 
ATOM   95  C  CD1 . LEU A 1 15 ? -2.382  -15.467 -8.038  1.00 15.61 ? 463 LEU A CD1 1 
ATOM   96  C  CD2 . LEU A 1 15 ? -2.496  -17.993 -7.753  1.00 17.32 ? 463 LEU A CD2 1 
ATOM   97  N  N   . ARG A 1 16 ? 1.438   -16.350 -5.312  1.00 11.75 ? 464 ARG A N   1 
ATOM   98  C  CA  . ARG A 1 16 ? 1.558   -16.230 -3.860  1.00 11.86 ? 464 ARG A CA  1 
ATOM   99  C  C   . ARG A 1 16 ? 2.036   -14.832 -3.489  1.00 12.48 ? 464 ARG A C   1 
ATOM   100 O  O   . ARG A 1 16 ? 1.491   -14.193 -2.571  1.00 14.00 ? 464 ARG A O   1 
ATOM   101 C  CB  . ARG A 1 16 ? 2.524   -17.291 -3.342  1.00 13.67 ? 464 ARG A CB  1 
ATOM   102 C  CG  . ARG A 1 16 ? 2.823   -17.262 -1.862  1.00 17.43 ? 464 ARG A CG  1 
ATOM   103 C  CD  . ARG A 1 16 ? 4.003   -18.173 -1.577  1.00 19.44 ? 464 ARG A CD  1 
ATOM   104 N  NE  . ARG A 1 16 ? 5.263   -17.575 -2.026  1.00 23.66 ? 464 ARG A NE  1 
ATOM   105 C  CZ  . ARG A 1 16 ? 6.238   -18.217 -2.664  1.00 24.27 ? 464 ARG A CZ  1 
ATOM   106 N  NH1 . ARG A 1 16 ? 6.116   -19.506 -2.966  1.00 27.14 ? 464 ARG A NH1 1 
ATOM   107 N  NH2 . ARG A 1 16 ? 7.346   -17.571 -3.002  1.00 21.56 ? 464 ARG A NH2 1 
ATOM   108 N  N   . GLU A 1 17 ? 3.052   -14.335 -4.177  1.00 11.81 ? 465 GLU A N   1 
ATOM   109 C  CA  . GLU A 1 17 ? 3.630   -13.047 -3.789  1.00 12.69 ? 465 GLU A CA  1 
ATOM   110 C  C   . GLU A 1 17 ? 2.681   -11.921 -4.131  1.00 13.54 ? 465 GLU A C   1 
ATOM   111 O  O   . GLU A 1 17 ? 2.597   -10.949 -3.378  1.00 13.48 ? 465 GLU A O   1 
ATOM   112 C  CB  . GLU A 1 17 ? 5.002   -12.858 -4.440  1.00 11.56 ? 465 GLU A CB  1 
ATOM   113 C  CG  . GLU A 1 17 ? 6.036   -13.884 -3.944  1.00 13.19 ? 465 GLU A CG  1 
ATOM   114 C  CD  . GLU A 1 17 ? 6.226   -13.856 -2.439  1.00 18.01 ? 465 GLU A CD  1 
ATOM   115 O  OE1 . GLU A 1 17 ? 6.586   -12.778 -1.927  1.00 16.99 ? 465 GLU A OE1 1 
ATOM   116 O  OE2 . GLU A 1 17 ? 6.041   -14.902 -1.756  1.00 21.28 ? 465 GLU A OE2 1 
ATOM   117 N  N   . ILE A 1 18 ? 1.955   -12.012 -5.242  1.00 11.80 ? 466 ILE A N   1 
ATOM   118 C  CA  . ILE A 1 18 ? 0.946   -11.007 -5.557  1.00 12.43 ? 466 ILE A CA  1 
ATOM   119 C  C   . ILE A 1 18 ? -0.135  -10.967 -4.483  1.00 12.11 ? 466 ILE A C   1 
ATOM   120 O  O   . ILE A 1 18 ? -0.465  -9.893  -3.981  1.00 13.80 ? 466 ILE A O   1 
ATOM   121 C  CB  . ILE A 1 18 ? 0.336   -11.253 -6.957  1.00 12.69 ? 466 ILE A CB  1 
ATOM   122 C  CG1 . ILE A 1 18 ? 1.362   -10.939 -8.036  1.00 16.65 ? 466 ILE A CG1 1 
ATOM   123 C  CG2 . ILE A 1 18 ? -0.912  -10.391 -7.132  1.00 15.94 ? 466 ILE A CG2 1 
ATOM   124 C  CD1 . ILE A 1 18 ? 0.928   -11.326 -9.452  1.00 17.77 ? 466 ILE A CD1 1 
ATOM   125 N  N   . LYS A 1 19 ? -0.678  -12.128 -4.131  1.00 13.28 ? 467 LYS A N   1 
ATOM   126 C  CA  . LYS A 1 19 ? -1.733  -12.154 -3.107  1.00 13.40 ? 467 LYS A CA  1 
ATOM   127 C  C   . LYS A 1 19 ? -1.210  -11.569 -1.804  1.00 14.10 ? 467 LYS A C   1 
ATOM   128 O  O   . LYS A 1 19 ? -1.939  -10.809 -1.147  1.00 14.50 ? 467 LYS A O   1 
ATOM   129 C  CB  . LYS A 1 19 ? -2.196  -13.565 -2.845  1.00 14.79 ? 467 LYS A CB  1 
ATOM   130 C  CG  . LYS A 1 19 ? -2.956  -14.192 -3.994  1.00 19.01 ? 467 LYS A CG  1 
ATOM   131 C  CD  . LYS A 1 19 ? -3.466  -15.565 -3.621  1.00 23.40 ? 467 LYS A CD  1 
ATOM   132 C  CE  . LYS A 1 19 ? -4.421  -16.073 -4.654  1.00 26.91 ? 467 LYS A CE  1 
ATOM   133 N  NZ  . LYS A 1 19 ? -4.826  -17.468 -4.341  1.00 37.66 ? 467 LYS A NZ  1 
ATOM   134 N  N   . GLN A 1 20 ? 0.027   -11.898 -1.424  1.00 15.41 ? 468 GLN A N   1 
ATOM   135 C  CA  . GLN A 1 20 ? 0.584   -11.373 -0.168  1.00 17.56 ? 468 GLN A CA  1 
ATOM   136 C  C   . GLN A 1 20 ? 0.684   -9.854  -0.222  1.00 16.30 ? 468 GLN A C   1 
ATOM   137 O  O   . GLN A 1 20 ? 0.365   -9.177  0.770   1.00 17.32 ? 468 GLN A O   1 
ATOM   138 C  CB  . GLN A 1 20 ? 1.953   -12.004 0.134   1.00 19.83 ? 468 GLN A CB  1 
ATOM   139 C  CG  . GLN A 1 20 ? 2.588   -11.532 1.434   1.00 27.63 ? 468 GLN A CG  1 
ATOM   140 C  CD  . GLN A 1 20 ? 3.775   -12.393 1.832   1.00 40.27 ? 468 GLN A CD  1 
ATOM   141 O  OE1 . GLN A 1 20 ? 3.977   -13.480 1.282   1.00 47.95 ? 468 GLN A OE1 1 
ATOM   142 N  NE2 . GLN A 1 20 ? 4.569   -11.911 2.779   1.00 48.36 ? 468 GLN A NE2 1 
ATOM   143 N  N   . HIS A 1 21 ? 1.120   -9.313  -1.357  1.00 15.44 ? 469 HIS A N   1 
ATOM   144 C  CA  . HIS A 1 21 ? 1.242   -7.867  -1.526  1.00 14.28 ? 469 HIS A CA  1 
ATOM   145 C  C   . HIS A 1 21 ? -0.110  -7.183  -1.387  1.00 14.44 ? 469 HIS A C   1 
ATOM   146 O  O   . HIS A 1 21 ? -0.234  -6.149  -0.716  1.00 15.60 ? 469 HIS A O   1 
ATOM   147 C  CB  . HIS A 1 21 ? 1.826   -7.544  -2.916  1.00 14.64 ? 469 HIS A CB  1 
ATOM   148 C  CG  . HIS A 1 21 ? 1.921   -6.079  -3.197  1.00 15.69 ? 469 HIS A CG  1 
ATOM   149 N  ND1 . HIS A 1 21 ? 2.942   -5.296  -2.713  1.00 19.97 ? 469 HIS A ND1 1 
ATOM   150 C  CD2 . HIS A 1 21 ? 1.087   -5.240  -3.862  1.00 15.23 ? 469 HIS A CD2 1 
ATOM   151 C  CE1 . HIS A 1 21 ? 2.746   -4.040  -3.080  1.00 18.39 ? 469 HIS A CE1 1 
ATOM   152 N  NE2 . HIS A 1 21 ? 1.633   -3.984  -3.785  1.00 16.39 ? 469 HIS A NE2 1 
ATOM   153 N  N   . LEU A 1 22 ? -1.128  -7.745  -2.028  1.00 13.92 ? 470 LEU A N   1 
ATOM   154 C  CA  . LEU A 1 22 ? -2.455  -7.130  -2.005  1.00 12.63 ? 470 LEU A CA  1 
ATOM   155 C  C   . LEU A 1 22 ? -3.024  -7.153  -0.595  1.00 14.37 ? 470 LEU A C   1 
ATOM   156 O  O   . LEU A 1 22 ? -3.589  -6.153  -0.125  1.00 15.20 ? 470 LEU A O   1 
ATOM   157 C  CB  . LEU A 1 22 ? -3.411  -7.841  -2.967  1.00 13.93 ? 470 LEU A CB  1 
ATOM   158 C  CG  . LEU A 1 22 ? -2.945  -7.849  -4.416  1.00 15.57 ? 470 LEU A CG  1 
ATOM   159 C  CD1 . LEU A 1 22 ? -3.937  -8.642  -5.218  1.00 15.92 ? 470 LEU A CD1 1 
ATOM   160 C  CD2 . LEU A 1 22 ? -2.854  -6.433  -4.958  1.00 15.69 ? 470 LEU A CD2 1 
ATOM   161 N  N   . LYS A 1 23 ? -2.830  -8.264  0.112   1.00 15.02 ? 471 LYS A N   1 
ATOM   162 C  CA  . LYS A 1 23 ? -3.304  -8.403  1.494   1.00 17.51 ? 471 LYS A CA  1 
ATOM   163 C  C   . LYS A 1 23 ? -2.618  -7.372  2.379   1.00 19.65 ? 471 LYS A C   1 
ATOM   164 O  O   . LYS A 1 23 ? -3.268  -6.675  3.164   1.00 20.16 ? 471 LYS A O   1 
ATOM   165 C  CB  . LYS A 1 23 ? -3.047  -9.825  2.004   1.00 20.98 ? 471 LYS A CB  1 
ATOM   166 C  CG  . LYS A 1 23 ? -3.374  -10.043 3.461   1.00 25.86 ? 471 LYS A CG  1 
ATOM   167 C  CD  . LYS A 1 23 ? -2.985  -11.442 3.921   1.00 37.48 ? 471 LYS A CD  1 
ATOM   168 C  CE  . LYS A 1 23 ? -3.985  -12.486 3.460   1.00 46.40 ? 471 LYS A CE  1 
ATOM   169 N  NZ  . LYS A 1 23 ? -3.818  -13.772 4.213   1.00 55.37 ? 471 LYS A NZ  1 
ATOM   170 N  N   . GLN A 1 24 ? -1.310  -7.233  2.224   1.00 18.13 ? 472 GLN A N   1 
ATOM   171 C  CA  . GLN A 1 24 ? -0.557  -6.266  3.013   1.00 21.19 ? 472 GLN A CA  1 
ATOM   172 C  C   . GLN A 1 24 ? -0.951  -4.849  2.657   1.00 18.95 ? 472 GLN A C   1 
ATOM   173 O  O   . GLN A 1 24 ? -1.053  -4.004  3.581   1.00 25.04 ? 472 GLN A O   1 
ATOM   174 C  CB  . GLN A 1 24 ? 0.957   -6.483  2.842   1.00 24.43 ? 472 GLN A CB  1 
ATOM   175 C  CG  . GLN A 1 24 ? 1.449   -7.774  3.448   1.00 26.71 ? 472 GLN A CG  1 
ATOM   176 C  CD  . GLN A 1 24 ? 2.886   -8.099  3.044   1.00 36.48 ? 472 GLN A CD  1 
ATOM   177 O  OE1 . GLN A 1 24 ? 3.425   -7.526  2.092   1.00 38.18 ? 472 GLN A OE1 1 
ATOM   178 N  NE2 . GLN A 1 24 ? 3.508   -9.024  3.763   1.00 37.70 ? 472 GLN A NE2 1 
ATOM   179 N  N   A GLN A 1 25 ? -1.155  -4.558  1.364   0.54 19.16 ? 473 GLN A N   1 
ATOM   180 N  N   B GLN A 1 25 ? -1.185  -4.534  1.393   0.46 19.43 ? 473 GLN A N   1 
ATOM   181 C  CA  A GLN A 1 25 ? -1.608  -3.208  0.948   0.54 17.49 ? 473 GLN A CA  1 
ATOM   182 C  CA  B GLN A 1 25 ? -1.556  -3.148  1.090   0.46 17.64 ? 473 GLN A CA  1 
ATOM   183 C  C   A GLN A 1 25 ? -2.879  -2.925  1.729   0.54 18.88 ? 473 GLN A C   1 
ATOM   184 C  C   B GLN A 1 25 ? -2.984  -2.828  1.537   0.46 18.50 ? 473 GLN A C   1 
ATOM   185 O  O   A GLN A 1 25 ? -2.983  -1.920  2.430   0.54 20.00 ? 473 GLN A O   1 
ATOM   186 O  O   B GLN A 1 25 ? -3.325  -1.669  1.778   0.46 16.93 ? 473 GLN A O   1 
ATOM   187 C  CB  A GLN A 1 25 ? -1.887  -3.055  -0.584  0.54 14.28 ? 473 GLN A CB  1 
ATOM   188 C  CB  B GLN A 1 25 ? -1.408  -2.815  -0.389  0.46 16.06 ? 473 GLN A CB  1 
ATOM   189 C  CG  A GLN A 1 25 ? -2.022  -1.532  -1.090  0.54 18.85 ? 473 GLN A CG  1 
ATOM   190 C  CG  B GLN A 1 25 ? -0.107  -3.232  -1.026  0.46 17.10 ? 473 GLN A CG  1 
ATOM   191 C  CD  A GLN A 1 25 ? -2.397  -1.307  -2.599  0.54 12.03 ? 473 GLN A CD  1 
ATOM   192 C  CD  B GLN A 1 25 ? 1.074   -3.171  -0.108  0.46 31.16 ? 473 GLN A CD  1 
ATOM   193 O  OE1 A GLN A 1 25 ? -2.637  -2.246  -3.357  0.54 15.26 ? 473 GLN A OE1 1 
ATOM   194 O  OE1 B GLN A 1 25 ? 1.285   -2.188  0.599   0.46 29.38 ? 473 GLN A OE1 1 
ATOM   195 N  NE2 A GLN A 1 25 ? -2.446  -0.045  -3.016  0.54 19.03 ? 473 GLN A NE2 1 
ATOM   196 N  NE2 B GLN A 1 25 ? 1.879   -4.230  -0.130  0.46 15.57 ? 473 GLN A NE2 1 
ATOM   197 N  N   . GLN A 1 26 ? -3.831  -3.841  1.627   1.00 16.66 ? 474 GLN A N   1 
ATOM   198 C  CA  . GLN A 1 26 ? -5.166  -3.611  2.170   1.00 16.90 ? 474 GLN A CA  1 
ATOM   199 C  C   . GLN A 1 26 ? -5.102  -3.317  3.657   1.00 20.26 ? 474 GLN A C   1 
ATOM   200 O  O   . GLN A 1 26 ? -5.794  -2.411  4.177   1.00 20.50 ? 474 GLN A O   1 
ATOM   201 C  CB  . GLN A 1 26 ? -6.053  -4.823  1.903   1.00 17.37 ? 474 GLN A CB  1 
ATOM   202 C  CG  . GLN A 1 26 ? -7.428  -4.634  2.465   1.00 22.24 ? 474 GLN A CG  1 
ATOM   203 C  CD  . GLN A 1 26 ? -8.115  -3.408  1.913   1.00 25.29 ? 474 GLN A CD  1 
ATOM   204 O  OE1 . GLN A 1 26 ? -8.719  -3.462  0.845   1.00 27.60 ? 474 GLN A OE1 1 
ATOM   205 N  NE2 . GLN A 1 26 ? -8.044  -2.286  2.652   1.00 30.60 ? 474 GLN A NE2 1 
ATOM   206 N  N   . GLU A 1 27 ? -4.284  -4.081  4.366   1.00 21.27 ? 475 GLU A N   1 
ATOM   207 C  CA  . GLU A 1 27 ? -4.186  -3.920  5.815   1.00 27.93 ? 475 GLU A CA  1 
ATOM   208 C  C   . GLU A 1 27 ? -3.603  -2.540  6.105   1.00 24.70 ? 475 GLU A C   1 
ATOM   209 O  O   . GLU A 1 27 ? -4.077  -1.829  7.015   1.00 29.87 ? 475 GLU A O   1 
ATOM   210 C  CB  . GLU A 1 27 ? -3.350  -5.052  6.434   1.00 33.25 ? 475 GLU A CB  1 
ATOM   211 C  CG  . GLU A 1 27 ? -4.041  -6.415  6.335   1.00 40.97 ? 475 GLU A CG  1 
ATOM   212 C  CD  . GLU A 1 27 ? -3.121  -7.611  6.585   1.00 48.57 ? 475 GLU A CD  1 
ATOM   213 O  OE1 . GLU A 1 27 ? -1.923  -7.548  6.237   1.00 51.79 ? 475 GLU A OE1 1 
ATOM   214 O  OE2 . GLU A 1 27 ? -3.610  -8.626  7.124   1.00 53.54 ? 475 GLU A OE2 1 
ATOM   215 N  N   . GLY A 1 28 ? -2.635  -2.128  5.291   1.00 27.12 ? 476 GLY A N   1 
ATOM   216 C  CA  . GLY A 1 28 ? -2.004  -0.827  5.449   1.00 29.92 ? 476 GLY A CA  1 
ATOM   217 C  C   . GLY A 1 28 ? -2.899  0.347   5.088   1.00 29.22 ? 476 GLY A C   1 
ATOM   218 O  O   . GLY A 1 28 ? -2.901  1.386   5.794   1.00 29.58 ? 476 GLY A O   1 
ATOM   219 N  N   . LEU A 1 29 ? -3.638  0.232   3.992   1.00 26.34 ? 477 LEU A N   1 
ATOM   220 C  CA  . LEU A 1 29 ? -4.533  1.304   3.594   1.00 23.08 ? 477 LEU A CA  1 
ATOM   221 C  C   . LEU A 1 29 ? -5.602  1.462   4.643   1.00 21.84 ? 477 LEU A C   1 
ATOM   222 O  O   . LEU A 1 29 ? -5.935  2.577   5.008   1.00 22.69 ? 477 LEU A O   1 
ATOM   223 C  CB  . LEU A 1 29 ? -5.190  1.096   2.219   1.00 20.30 ? 477 LEU A CB  1 
ATOM   224 C  CG  . LEU A 1 29 ? -4.435  1.288   0.907   1.00 24.25 ? 477 LEU A CG  1 
ATOM   225 C  CD1 . LEU A 1 29 ? -5.287  0.853   -0.260  1.00 30.82 ? 477 LEU A CD1 1 
ATOM   226 C  CD2 . LEU A 1 29 ? -4.048  2.776   0.782   1.00 30.05 ? 477 LEU A CD2 1 
ATOM   227 N  N   . SER A 1 30 ? -6.153  0.360   5.132   1.00 22.30 ? 478 SER A N   1 
ATOM   228 C  CA  . SER A 1 30 ? -7.278  0.467   6.054   1.00 24.77 ? 478 SER A CA  1 
ATOM   229 C  C   . SER A 1 30 ? -6.852  1.203   7.297   1.00 28.26 ? 478 SER A C   1 
ATOM   230 O  O   . SER A 1 30 ? -7.560  2.093   7.796   1.00 28.56 ? 478 SER A O   1 
ATOM   231 C  CB  . SER A 1 30 ? -7.794  -0.920  6.450   1.00 26.69 ? 478 SER A CB  1 
ATOM   232 O  OG  . SER A 1 30 ? -8.509  -1.543  5.399   1.00 30.46 ? 478 SER A OG  1 
ATOM   233 N  N   . HIS A 1 31 ? -5.703  0.823   7.833   1.00 27.25 ? 479 HIS A N   1 
ATOM   234 C  CA  . HIS A 1 31 ? -5.209  1.470   9.036   1.00 27.49 ? 479 HIS A CA  1 
ATOM   235 C  C   . HIS A 1 31 ? -4.905  2.952   8.792   1.00 22.77 ? 479 HIS A C   1 
ATOM   236 O  O   . HIS A 1 31 ? -5.353  3.837   9.530   1.00 22.05 ? 479 HIS A O   1 
ATOM   237 C  CB  . HIS A 1 31 ? -3.958  0.753   9.545   1.00 29.90 ? 479 HIS A CB  1 
ATOM   238 C  CG  . HIS A 1 31 ? -3.315  1.443   10.706  1.00 36.87 ? 479 HIS A CG  1 
ATOM   239 N  ND1 . HIS A 1 31 ? -3.937  1.569   11.929  1.00 41.62 ? 479 HIS A ND1 1 
ATOM   240 C  CD2 . HIS A 1 31 ? -2.118  2.065   10.826  1.00 40.42 ? 479 HIS A CD2 1 
ATOM   241 C  CE1 . HIS A 1 31 ? -3.149  2.233   12.755  1.00 39.36 ? 479 HIS A CE1 1 
ATOM   242 N  NE2 . HIS A 1 31 ? -2.039  2.546   12.110  1.00 37.83 ? 479 HIS A NE2 1 
ATOM   243 N  N   . LEU A 1 32 ? -4.134  3.225   7.754   1.00 22.06 ? 480 LEU A N   1 
ATOM   244 C  CA  . LEU A 1 32 ? -3.728  4.587   7.480   1.00 21.43 ? 480 LEU A CA  1 
ATOM   245 C  C   . LEU A 1 32 ? -4.931  5.508   7.203   1.00 18.67 ? 480 LEU A C   1 
ATOM   246 O  O   . LEU A 1 32 ? -5.009  6.628   7.723   1.00 17.37 ? 480 LEU A O   1 
ATOM   247 C  CB  . LEU A 1 32 ? -2.734  4.623   6.321   1.00 21.31 ? 480 LEU A CB  1 
ATOM   248 C  CG  . LEU A 1 32 ? -2.233  6.023   6.006   1.00 18.08 ? 480 LEU A CG  1 
ATOM   249 C  CD1 . LEU A 1 32 ? -1.548  6.639   7.215   1.00 24.46 ? 480 LEU A CD1 1 
ATOM   250 C  CD2 . LEU A 1 32 ? -1.261  5.936   4.843   1.00 18.69 ? 480 LEU A CD2 1 
HETATM 251 N  N   . MSE A 1 33 ? -5.876  5.062   6.382   1.00 19.33 ? 481 MSE A N   1 
HETATM 252 C  CA  . MSE A 1 33 ? -7.046  5.899   6.108   1.00 19.02 ? 481 MSE A CA  1 
HETATM 253 C  C   . MSE A 1 33 ? -7.850  6.157   7.360   1.00 19.36 ? 481 MSE A C   1 
HETATM 254 O  O   . MSE A 1 33 ? -8.305  7.289   7.575   1.00 18.84 ? 481 MSE A O   1 
HETATM 255 C  CB  . MSE A 1 33 ? -7.916  5.289   5.015   1.00 20.71 ? 481 MSE A CB  1 
HETATM 256 C  CG  . MSE A 1 33 ? -7.246  5.419   3.639   1.00 22.79 ? 481 MSE A CG  1 
HETATM 257 SE SE  . MSE A 1 33 ? -8.111  4.375   2.265   0.91 28.25 ? 481 MSE A SE  1 
HETATM 258 C  CE  . MSE A 1 33 ? -9.451  5.674   1.722   1.00 31.57 ? 481 MSE A CE  1 
ATOM   259 N  N   . SER A 1 34 ? -7.988  5.152   8.219   1.00 20.83 ? 482 SER A N   1 
ATOM   260 C  CA  . SER A 1 34 ? -8.759  5.355   9.454   1.00 21.66 ? 482 SER A CA  1 
ATOM   261 C  C   . SER A 1 34 ? -8.083  6.407   10.347  1.00 20.00 ? 482 SER A C   1 
ATOM   262 O  O   . SER A 1 34 ? -8.757  7.287   10.916  1.00 19.67 ? 482 SER A O   1 
ATOM   263 C  CB  . SER A 1 34 ? -8.960  4.053   10.222  1.00 34.53 ? 482 SER A CB  1 
ATOM   264 O  OG  . SER A 1 34 ? -7.734  3.551   10.714  1.00 40.75 ? 482 SER A OG  1 
ATOM   265 N  N   . ILE A 1 35 ? -6.761  6.339   10.491  1.00 19.39 ? 483 ILE A N   1 
ATOM   266 C  CA  . ILE A 1 35 ? -6.115  7.278   11.409  1.00 18.59 ? 483 ILE A CA  1 
ATOM   267 C  C   . ILE A 1 35 ? -6.039  8.676   10.824  1.00 16.63 ? 483 ILE A C   1 
ATOM   268 O  O   . ILE A 1 35 ? -6.141  9.647   11.562  1.00 17.39 ? 483 ILE A O   1 
ATOM   269 C  CB  . ILE A 1 35 ? -4.731  6.814   11.928  1.00 19.91 ? 483 ILE A CB  1 
ATOM   270 C  CG1 . ILE A 1 35 ? -3.724  6.684   10.795  1.00 21.53 ? 483 ILE A CG1 1 
ATOM   271 C  CG2 . ILE A 1 35 ? -4.846  5.498   12.704  1.00 24.40 ? 483 ILE A CG2 1 
ATOM   272 C  CD1 . ILE A 1 35 ? -2.351  6.258   11.286  1.00 25.96 ? 483 ILE A CD1 1 
ATOM   273 N  N   . ILE A 1 36 ? -5.913  8.783   9.506   1.00 16.87 ? 484 ILE A N   1 
ATOM   274 C  CA  . ILE A 1 36 ? -5.957  10.101  8.884   1.00 17.13 ? 484 ILE A CA  1 
ATOM   275 C  C   . ILE A 1 36 ? -7.337  10.731  9.106   1.00 16.71 ? 484 ILE A C   1 
ATOM   276 O  O   . ILE A 1 36 ? -7.468  11.875  9.580   1.00 15.80 ? 484 ILE A O   1 
ATOM   277 C  CB  . ILE A 1 36 ? -5.653  10.032  7.382   1.00 17.54 ? 484 ILE A CB  1 
ATOM   278 C  CG1 . ILE A 1 36 ? -4.180  9.709   7.155   1.00 16.17 ? 484 ILE A CG1 1 
ATOM   279 C  CG2 . ILE A 1 36 ? -5.963  11.360  6.722   1.00 19.18 ? 484 ILE A CG2 1 
ATOM   280 C  CD1 . ILE A 1 36 ? -3.916  9.309   5.709   1.00 18.41 ? 484 ILE A CD1 1 
ATOM   281 N  N   . LYS A 1 37 ? -8.382  9.982   8.797   1.00 16.63 ? 485 LYS A N   1 
ATOM   282 C  CA  . LYS A 1 37 ? -9.748  10.502  8.935   1.00 18.94 ? 485 LYS A CA  1 
ATOM   283 C  C   . LYS A 1 37 ? -10.016 10.927  10.369  1.00 20.43 ? 485 LYS A C   1 
ATOM   284 O  O   . LYS A 1 37 ? -10.522 12.042  10.609  1.00 19.68 ? 485 LYS A O   1 
ATOM   285 C  CB  . LYS A 1 37 ? -10.803 9.484   8.477   1.00 20.90 ? 485 LYS A CB  1 
ATOM   286 C  CG  . LYS A 1 37 ? -12.238 10.031  8.496   1.00 29.82 ? 485 LYS A CG  1 
ATOM   287 C  CD  . LYS A 1 37 ? -13.243 9.093   7.836   1.00 35.59 ? 485 LYS A CD  1 
ATOM   288 C  CE  . LYS A 1 37 ? -14.646 9.694   7.871   1.00 39.38 ? 485 LYS A CE  1 
ATOM   289 N  NZ  . LYS A 1 37 ? -15.677 8.717   7.418   1.00 48.86 ? 485 LYS A NZ  1 
ATOM   290 N  N   . ASP A 1 38 ? -9.651  10.081  11.327  1.00 17.44 ? 486 ASP A N   1 
ATOM   291 C  CA  . ASP A 1 38 ? -9.963  10.404  12.727  1.00 18.20 ? 486 ASP A CA  1 
ATOM   292 C  C   . ASP A 1 38 ? -9.143  11.568  13.219  1.00 16.82 ? 486 ASP A C   1 
ATOM   293 O  O   . ASP A 1 38 ? -9.667  12.355  14.020  1.00 18.37 ? 486 ASP A O   1 
ATOM   294 C  CB  . ASP A 1 38 ? -9.711  9.210   13.645  1.00 24.82 ? 486 ASP A CB  1 
ATOM   295 C  CG  . ASP A 1 38 ? -10.815 8.156   13.570  1.00 39.09 ? 486 ASP A CG  1 
ATOM   296 O  OD1 . ASP A 1 38 ? -11.982 8.512   13.285  1.00 47.93 ? 486 ASP A OD1 1 
ATOM   297 O  OD2 . ASP A 1 38 ? -10.508 6.967   13.802  1.00 38.77 ? 486 ASP A OD2 1 
ATOM   298 N  N   . ASP A 1 39 ? -7.883  11.677  12.803  1.00 15.79 ? 487 ASP A N   1 
ATOM   299 C  CA  . ASP A 1 39 ? -7.052  12.782  13.311  1.00 15.20 ? 487 ASP A CA  1 
ATOM   300 C  C   . ASP A 1 39 ? -7.489  14.117  12.728  1.00 14.27 ? 487 ASP A C   1 
ATOM   301 O  O   . ASP A 1 39 ? -7.531  15.122  13.469  1.00 14.89 ? 487 ASP A O   1 
ATOM   302 C  CB  . ASP A 1 39 ? -5.569  12.558  13.013  1.00 15.63 ? 487 ASP A CB  1 
ATOM   303 C  CG  . ASP A 1 39 ? -4.670  13.295  13.979  1.00 26.44 ? 487 ASP A CG  1 
ATOM   304 O  OD1 . ASP A 1 39 ? -5.142  14.248  14.655  1.00 22.69 ? 487 ASP A OD1 1 
ATOM   305 O  OD2 . ASP A 1 39 ? -3.491  12.893  14.083  1.00 38.17 ? 487 ASP A OD2 1 
ATOM   306 N  N   . LEU A 1 40 ? -7.830  14.162  11.444  1.00 15.19 ? 488 LEU A N   1 
ATOM   307 C  CA  . LEU A 1 40 ? -8.173  15.440  10.797  1.00 17.03 ? 488 LEU A CA  1 
ATOM   308 C  C   . LEU A 1 40 ? -9.590  15.905  11.128  1.00 16.56 ? 488 LEU A C   1 
ATOM   309 O  O   . LEU A 1 40 ? -9.896  17.108  11.100  1.00 16.38 ? 488 LEU A O   1 
ATOM   310 C  CB  . LEU A 1 40 ? -7.994  15.356  9.281   1.00 19.75 ? 488 LEU A CB  1 
ATOM   311 C  CG  . LEU A 1 40 ? -6.536  15.302  8.837   1.00 26.25 ? 488 LEU A CG  1 
ATOM   312 C  CD1 . LEU A 1 40 ? -5.734  14.302  9.647   1.00 38.41 ? 488 LEU A CD1 1 
ATOM   313 C  CD2 . LEU A 1 40 ? -6.473  14.968  7.354   1.00 28.13 ? 488 LEU A CD2 1 
ATOM   314 N  N   . GLU A 1 41 ? -10.464 14.965  11.477  1.00 16.01 ? 489 GLU A N   1 
ATOM   315 C  CA  . GLU A 1 41 ? -11.816 15.303  11.884  1.00 16.34 ? 489 GLU A CA  1 
ATOM   316 C  C   . GLU A 1 41 ? -11.733 15.623  13.363  1.00 17.81 ? 489 GLU A C   1 
ATOM   317 O  O   . GLU A 1 41 ? -11.673 14.709  14.172  1.00 19.91 ? 489 GLU A O   1 
ATOM   318 C  CB  . GLU A 1 41 ? -12.818 14.156  11.655  1.00 18.28 ? 489 GLU A CB  1 
ATOM   319 C  CG  . GLU A 1 41 ? -14.237 14.493  12.117  1.00 20.08 ? 489 GLU A CG  1 
ATOM   320 C  CD  . GLU A 1 41 ? -15.205 13.333  11.956  1.00 34.48 ? 489 GLU A CD  1 
ATOM   321 O  OE1 . GLU A 1 41 ? -14.923 12.244  12.493  1.00 34.13 ? 489 GLU A OE1 1 
ATOM   322 O  OE2 . GLU A 1 41 ? -16.251 13.511  11.292  1.00 36.17 ? 489 GLU A OE2 1 
ATOM   323 N  N   . ASP A 1 42 ? -11.747 16.903  13.717  1.00 15.94 ? 490 ASP A N   1 
ATOM   324 C  CA  . ASP A 1 42 ? -11.524 17.285  15.119  1.00 14.43 ? 490 ASP A CA  1 
ATOM   325 C  C   . ASP A 1 42 ? -12.793 17.693  15.845  1.00 14.44 ? 490 ASP A C   1 
ATOM   326 O  O   . ASP A 1 42 ? -12.787 17.846  17.073  1.00 15.34 ? 490 ASP A O   1 
ATOM   327 C  CB  . ASP A 1 42 ? -10.513 18.436  15.214  1.00 13.67 ? 490 ASP A CB  1 
ATOM   328 C  CG  . ASP A 1 42 ? -9.134  18.008  14.816  1.00 13.64 ? 490 ASP A CG  1 
ATOM   329 O  OD1 . ASP A 1 42 ? -8.514  17.237  15.552  1.00 16.13 ? 490 ASP A OD1 1 
ATOM   330 O  OD2 . ASP A 1 42 ? -8.632  18.415  13.760  1.00 15.14 ? 490 ASP A OD2 1 
ATOM   331 N  N   . ILE A 1 43 ? -13.868 17.890  15.085  1.00 16.00 ? 491 ILE A N   1 
ATOM   332 C  CA  . ILE A 1 43 ? -15.172 18.224  15.647  1.00 17.19 ? 491 ILE A CA  1 
ATOM   333 C  C   . ILE A 1 43 ? -16.164 17.284  14.997  1.00 17.56 ? 491 ILE A C   1 
ATOM   334 O  O   . ILE A 1 43 ? -16.185 17.130  13.766  1.00 20.61 ? 491 ILE A O   1 
ATOM   335 C  CB  . ILE A 1 43 ? -15.552 19.677  15.357  1.00 18.95 ? 491 ILE A CB  1 
ATOM   336 C  CG1 . ILE A 1 43 ? -14.490 20.608  15.962  1.00 20.07 ? 491 ILE A CG1 1 
ATOM   337 C  CG2 . ILE A 1 43 ? -16.977 19.983  15.887  1.00 20.88 ? 491 ILE A CG2 1 
ATOM   338 C  CD1 . ILE A 1 43 ? -14.701 22.094  15.710  1.00 21.44 ? 491 ILE A CD1 1 
ATOM   339 N  N   . LYS A 1 44 ? -16.957 16.608  15.822  1.00 17.49 ? 492 LYS A N   1 
ATOM   340 C  CA  . LYS A 1 44 ? -17.929 15.667  15.325  1.00 19.11 ? 492 LYS A CA  1 
ATOM   341 C  C   . LYS A 1 44 ? -19.250 15.858  16.050  1.00 21.28 ? 492 LYS A C   1 
ATOM   342 O  O   . LYS A 1 44 ? -19.276 16.014  17.265  1.00 19.67 ? 492 LYS A O   1 
ATOM   343 C  CB  . LYS A 1 44 ? -17.443 14.229  15.503  1.00 21.80 ? 492 LYS A CB  1 
ATOM   344 C  CG  . LYS A 1 44 ? -18.433 13.203  14.974  1.00 31.89 ? 492 LYS A CG  1 
ATOM   345 C  CD  . LYS A 1 44 ? -17.740 11.923  14.571  1.00 36.42 ? 492 LYS A CD  1 
ATOM   346 C  CE  . LYS A 1 44 ? -18.743 10.889  14.089  1.00 37.19 ? 492 LYS A CE  1 
ATOM   347 N  NZ  . LYS A 1 44 ? -18.084 9.570   13.873  1.00 47.02 ? 492 LYS A NZ  1 
ATOM   348 N  N   . LEU A 1 45 ? -20.344 15.820  15.303  1.00 22.63 ? 493 LEU A N   1 
ATOM   349 C  CA  . LEU A 1 45 ? -21.656 15.937  15.899  1.00 22.38 ? 493 LEU A CA  1 
ATOM   350 C  C   . LEU A 1 45 ? -21.952 14.668  16.703  1.00 22.19 ? 493 LEU A C   1 
ATOM   351 O  O   . LEU A 1 45 ? -21.690 13.557  16.243  1.00 25.85 ? 493 LEU A O   1 
ATOM   352 C  CB  . LEU A 1 45 ? -22.685 16.185  14.790  1.00 21.77 ? 493 LEU A CB  1 
ATOM   353 C  CG  . LEU A 1 45 ? -24.138 16.493  15.131  1.00 28.66 ? 493 LEU A CG  1 
ATOM   354 C  CD1 . LEU A 1 45 ? -24.290 17.832  15.824  1.00 26.69 ? 493 LEU A CD1 1 
ATOM   355 C  CD2 . LEU A 1 45 ? -24.957 16.461  13.844  1.00 33.83 ? 493 LEU A CD2 1 
ATOM   356 N  N   . VAL A 1 46 ? -22.464 14.835  17.926  1.00 23.70 ? 494 VAL A N   1 
ATOM   357 C  CA  . VAL A 1 46 ? -22.878 13.689  18.731  1.00 27.59 ? 494 VAL A CA  1 
ATOM   358 C  C   . VAL A 1 46 ? -24.149 13.074  18.152  1.00 33.46 ? 494 VAL A C   1 
ATOM   359 O  O   . VAL A 1 46 ? -25.095 13.792  17.810  1.00 32.52 ? 494 VAL A O   1 
ATOM   360 C  CB  . VAL A 1 46 ? -23.135 14.090  20.198  1.00 22.85 ? 494 VAL A CB  1 
ATOM   361 C  CG1 . VAL A 1 46 ? -23.627 12.886  21.013  1.00 26.63 ? 494 VAL A CG1 1 
ATOM   362 C  CG2 . VAL A 1 46 ? -21.880 14.694  20.810  1.00 21.40 ? 494 VAL A CG2 1 
ATOM   363 O  OXT . VAL A 1 46 ? -24.262 11.853  18.009  1.00 36.55 ? 494 VAL A OXT 1 
ATOM   364 N  N   . GLU B 1 5  ? -1.959  30.676  3.169   1.00 49.25 ? 453 GLU B N   1 
ATOM   365 C  CA  . GLU B 1 5  ? -1.182  29.443  3.078   1.00 41.59 ? 453 GLU B CA  1 
ATOM   366 C  C   . GLU B 1 5  ? -1.902  28.308  3.790   1.00 38.16 ? 453 GLU B C   1 
ATOM   367 O  O   . GLU B 1 5  ? -1.783  28.156  5.007   1.00 40.33 ? 453 GLU B O   1 
ATOM   368 C  CB  . GLU B 1 5  ? 0.210   29.631  3.681   0.00 41.98 ? 453 GLU B CB  1 
ATOM   369 C  CG  . GLU B 1 5  ? 1.131   30.528  2.873   0.00 45.83 ? 453 GLU B CG  1 
ATOM   370 C  CD  . GLU B 1 5  ? 2.479   30.716  3.538   0.00 45.76 ? 453 GLU B CD  1 
ATOM   371 O  OE1 . GLU B 1 5  ? 2.624   30.307  4.710   0.00 44.35 ? 453 GLU B OE1 1 
ATOM   372 O  OE2 . GLU B 1 5  ? 3.393   31.269  2.892   0.00 47.05 ? 453 GLU B OE2 1 
ATOM   373 N  N   . GLU B 1 6  ? -2.639  27.508  3.028   1.00 31.37 ? 454 GLU B N   1 
ATOM   374 C  CA  . GLU B 1 6  ? -3.452  26.427  3.608   1.00 23.18 ? 454 GLU B CA  1 
ATOM   375 C  C   . GLU B 1 6  ? -2.602  25.217  3.947   1.00 24.18 ? 454 GLU B C   1 
ATOM   376 O  O   . GLU B 1 6  ? -1.933  24.654  3.083   1.00 23.15 ? 454 GLU B O   1 
ATOM   377 C  CB  . GLU B 1 6  ? -4.551  26.014  2.633   1.00 27.62 ? 454 GLU B CB  1 
ATOM   378 C  CG  . GLU B 1 6  ? -5.579  25.118  3.277   1.00 27.48 ? 454 GLU B CG  1 
ATOM   379 C  CD  . GLU B 1 6  ? -6.636  24.655  2.303   1.00 37.28 ? 454 GLU B CD  1 
ATOM   380 O  OE1 . GLU B 1 6  ? -7.169  25.508  1.570   1.00 47.38 ? 454 GLU B OE1 1 
ATOM   381 O  OE2 . GLU B 1 6  ? -6.929  23.440  2.268   1.00 39.81 ? 454 GLU B OE2 1 
ATOM   382 N  N   . LYS B 1 7  ? -2.621  24.837  5.217   1.00 19.74 ? 455 LYS B N   1 
ATOM   383 C  CA  . LYS B 1 7  ? -1.750  23.770  5.692   1.00 18.18 ? 455 LYS B CA  1 
ATOM   384 C  C   . LYS B 1 7  ? -2.422  23.046  6.840   1.00 17.60 ? 455 LYS B C   1 
ATOM   385 O  O   . LYS B 1 7  ? -3.402  23.542  7.408   1.00 17.31 ? 455 LYS B O   1 
ATOM   386 C  CB  . LYS B 1 7  ? -0.395  24.325  6.124   1.00 19.63 ? 455 LYS B CB  1 
ATOM   387 C  CG  . LYS B 1 7  ? -0.485  25.139  7.390   1.00 20.78 ? 455 LYS B CG  1 
ATOM   388 C  CD  . LYS B 1 7  ? 0.701   26.085  7.603   1.00 24.74 ? 455 LYS B CD  1 
ATOM   389 C  CE  . LYS B 1 7  ? 0.491   26.831  8.911   1.00 27.71 ? 455 LYS B CE  1 
ATOM   390 N  NZ  . LYS B 1 7  ? 1.448   27.943  9.163   1.00 34.30 ? 455 LYS B NZ  1 
ATOM   391 N  N   . TYR B 1 8  ? -1.886  21.885  7.172   1.00 15.74 ? 456 TYR B N   1 
ATOM   392 C  CA  . TYR B 1 8  ? -2.556  20.976  8.090   1.00 14.69 ? 456 TYR B CA  1 
ATOM   393 C  C   . TYR B 1 8  ? -1.601  20.496  9.165   1.00 14.43 ? 456 TYR B C   1 
ATOM   394 O  O   . TYR B 1 8  ? -0.579  19.884  8.867   1.00 14.68 ? 456 TYR B O   1 
ATOM   395 C  CB  . TYR B 1 8  ? -3.129  19.783  7.298   1.00 14.66 ? 456 TYR B CB  1 
ATOM   396 C  CG  . TYR B 1 8  ? -4.279  20.214  6.423   1.00 14.77 ? 456 TYR B CG  1 
ATOM   397 C  CD1 . TYR B 1 8  ? -4.060  20.755  5.156   1.00 15.93 ? 456 TYR B CD1 1 
ATOM   398 C  CD2 . TYR B 1 8  ? -5.582  20.115  6.870   1.00 19.27 ? 456 TYR B CD2 1 
ATOM   399 C  CE1 . TYR B 1 8  ? -5.101  21.185  4.369   1.00 19.31 ? 456 TYR B CE1 1 
ATOM   400 C  CE2 . TYR B 1 8  ? -6.639  20.549  6.081   1.00 22.68 ? 456 TYR B CE2 1 
ATOM   401 C  CZ  . TYR B 1 8  ? -6.388  21.075  4.833   1.00 25.26 ? 456 TYR B CZ  1 
ATOM   402 O  OH  . TYR B 1 8  ? -7.420  21.513  4.043   1.00 26.58 ? 456 TYR B OH  1 
ATOM   403 N  N   . TYR B 1 9  ? -1.943  20.802  10.416  1.00 14.34 ? 457 TYR B N   1 
ATOM   404 C  CA  . TYR B 1 9  ? -1.234  20.301  11.586  1.00 14.26 ? 457 TYR B CA  1 
ATOM   405 C  C   . TYR B 1 9  ? -1.322  18.789  11.678  1.00 14.24 ? 457 TYR B C   1 
ATOM   406 O  O   . TYR B 1 9  ? -2.391  18.194  11.471  1.00 15.12 ? 457 TYR B O   1 
ATOM   407 C  CB  . TYR B 1 9  ? -1.905  20.905  12.826  1.00 14.87 ? 457 TYR B CB  1 
ATOM   408 C  CG  . TYR B 1 9  ? -1.332  20.580  14.181  1.00 15.88 ? 457 TYR B CG  1 
ATOM   409 C  CD1 . TYR B 1 9  ? -0.167  21.183  14.626  1.00 17.53 ? 457 TYR B CD1 1 
ATOM   410 C  CD2 . TYR B 1 9  ? -2.020  19.745  15.059  1.00 24.10 ? 457 TYR B CD2 1 
ATOM   411 C  CE1 . TYR B 1 9  ? 0.335   20.934  15.907  1.00 20.53 ? 457 TYR B CE1 1 
ATOM   412 C  CE2 . TYR B 1 9  ? -1.522  19.499  16.338  1.00 22.54 ? 457 TYR B CE2 1 
ATOM   413 C  CZ  . TYR B 1 9  ? -0.352  20.099  16.739  1.00 21.35 ? 457 TYR B CZ  1 
ATOM   414 O  OH  . TYR B 1 9  ? 0.151   19.866  17.997  1.00 27.46 ? 457 TYR B OH  1 
HETATM 415 N  N   . MSE B 1 10 ? -0.194  18.150  11.988  1.00 13.55 ? 458 MSE B N   1 
HETATM 416 C  CA  . MSE B 1 10 ? -0.261  16.737  12.349  1.00 16.17 ? 458 MSE B CA  1 
HETATM 417 C  C   . MSE B 1 10 ? 0.896   16.368  13.242  1.00 15.60 ? 458 MSE B C   1 
HETATM 418 O  O   . MSE B 1 10 ? 1.947   17.029  13.234  1.00 18.88 ? 458 MSE B O   1 
HETATM 419 C  CB  . MSE B 1 10 ? -0.287  15.853  11.119  1.00 20.59 ? 458 MSE B CB  1 
HETATM 420 C  CG  . MSE B 1 10 ? 0.953   16.003  10.306  1.00 15.56 ? 458 MSE B CG  1 
HETATM 421 SE SE  . MSE B 1 10 ? 0.901   14.950  8.650   1.00 21.11 ? 458 MSE B SE  1 
HETATM 422 C  CE  . MSE B 1 10 ? -0.690  15.763  7.918   1.00 18.51 ? 458 MSE B CE  1 
ATOM   423 N  N   . ASP B 1 11 ? 0.711   15.322  14.026  1.00 14.78 ? 459 ASP B N   1 
ATOM   424 C  CA  . ASP B 1 11 ? 1.811   14.881  14.860  1.00 16.04 ? 459 ASP B CA  1 
ATOM   425 C  C   . ASP B 1 11 ? 2.791   13.980  14.124  1.00 16.71 ? 459 ASP B C   1 
ATOM   426 O  O   . ASP B 1 11 ? 2.526   13.501  13.010  1.00 14.95 ? 459 ASP B O   1 
ATOM   427 C  CB  . ASP B 1 11 ? 1.357   14.287  16.211  1.00 19.19 ? 459 ASP B CB  1 
ATOM   428 C  CG  . ASP B 1 11 ? 0.453   13.078  16.073  1.00 31.39 ? 459 ASP B CG  1 
ATOM   429 O  OD1 . ASP B 1 11 ? 0.419   12.427  15.007  1.00 24.11 ? 459 ASP B OD1 1 
ATOM   430 O  OD2 . ASP B 1 11 ? -0.217  12.747  17.077  1.00 35.60 ? 459 ASP B OD2 1 
ATOM   431 N  N   . ALA B 1 12 ? 3.953   13.807  14.726  1.00 17.66 ? 460 ALA B N   1 
ATOM   432 C  CA  . ALA B 1 12 ? 4.997   12.989  14.134  1.00 16.95 ? 460 ALA B CA  1 
ATOM   433 C  C   . ALA B 1 12 ? 4.484   11.580  13.891  1.00 19.10 ? 460 ALA B C   1 
ATOM   434 O  O   . ALA B 1 12 ? 4.892   10.942  12.932  1.00 18.26 ? 460 ALA B O   1 
ATOM   435 C  CB  . ALA B 1 12 ? 6.217   12.967  15.038  1.00 20.15 ? 460 ALA B CB  1 
ATOM   436 N  N   . ASP B 1 13 ? 3.601   11.096  14.755  1.00 17.64 ? 461 ASP B N   1 
ATOM   437 C  CA  . ASP B 1 13 ? 3.099   9.726   14.584  1.00 19.26 ? 461 ASP B CA  1 
ATOM   438 C  C   . ASP B 1 13 ? 2.340   9.566   13.265  1.00 18.16 ? 461 ASP B C   1 
ATOM   439 O  O   . ASP B 1 13 ? 2.535   8.596   12.513  1.00 17.52 ? 461 ASP B O   1 
ATOM   440 C  CB  . ASP B 1 13 ? 2.210   9.317   15.773  1.00 22.69 ? 461 ASP B CB  1 
ATOM   441 C  CG  . ASP B 1 13 ? 2.993   9.135   17.075  1.00 32.82 ? 461 ASP B CG  1 
ATOM   442 O  OD1 . ASP B 1 13 ? 4.179   8.741   17.039  1.00 33.16 ? 461 ASP B OD1 1 
ATOM   443 O  OD2 . ASP B 1 13 ? 2.399   9.374   18.150  1.00 37.80 ? 461 ASP B OD2 1 
ATOM   444 N  N   . LEU B 1 14 ? 1.481   10.531  12.957  1.00 16.08 ? 462 LEU B N   1 
ATOM   445 C  CA  . LEU B 1 14 ? 0.712   10.444  11.731  1.00 14.46 ? 462 LEU B CA  1 
ATOM   446 C  C   . LEU B 1 14 ? 1.637   10.576  10.524  1.00 12.35 ? 462 LEU B C   1 
ATOM   447 O  O   . LEU B 1 14 ? 1.519   9.819   9.566   1.00 14.17 ? 462 LEU B O   1 
ATOM   448 C  CB  . LEU B 1 14 ? -0.417  11.485  11.709  1.00 15.42 ? 462 LEU B CB  1 
ATOM   449 C  CG  . LEU B 1 14 ? -1.279  11.405  10.447  1.00 16.60 ? 462 LEU B CG  1 
ATOM   450 C  CD1 . LEU B 1 14 ? -1.965  10.059  10.366  1.00 24.67 ? 462 LEU B CD1 1 
ATOM   451 C  CD2 . LEU B 1 14 ? -2.301  12.547  10.410  1.00 16.36 ? 462 LEU B CD2 1 
ATOM   452 N  N   . LEU B 1 15 ? 2.558   11.529  10.536  1.00 11.48 ? 463 LEU B N   1 
ATOM   453 C  CA  . LEU B 1 15 ? 3.467   11.690  9.409   1.00 12.14 ? 463 LEU B CA  1 
ATOM   454 C  C   . LEU B 1 15 ? 4.320   10.428  9.230   1.00 12.91 ? 463 LEU B C   1 
ATOM   455 O  O   . LEU B 1 15 ? 4.546   9.988   8.098   1.00 13.25 ? 463 LEU B O   1 
ATOM   456 C  CB  . LEU B 1 15 ? 4.348   12.908  9.633   1.00 15.44 ? 463 LEU B CB  1 
ATOM   457 C  CG  . LEU B 1 15 ? 5.387   13.171  8.546   1.00 15.49 ? 463 LEU B CG  1 
ATOM   458 C  CD1 . LEU B 1 15 ? 4.673   13.324  7.209   1.00 18.22 ? 463 LEU B CD1 1 
ATOM   459 C  CD2 . LEU B 1 15 ? 6.169   14.417  8.914   1.00 19.12 ? 463 LEU B CD2 1 
ATOM   460 N  N   . ARG B 1 16 ? 4.738   9.810   10.332  1.00 14.10 ? 464 ARG B N   1 
ATOM   461 C  CA  . ARG B 1 16 ? 5.533   8.587   10.226  1.00 14.61 ? 464 ARG B CA  1 
ATOM   462 C  C   . ARG B 1 16 ? 4.722   7.469   9.563   1.00 15.39 ? 464 ARG B C   1 
ATOM   463 O  O   . ARG B 1 16 ? 5.241   6.706   8.741   1.00 15.79 ? 464 ARG B O   1 
ATOM   464 C  CB  . ARG B 1 16 ? 5.985   8.155   11.603  1.00 17.46 ? 464 ARG B CB  1 
ATOM   465 C  CG  . ARG B 1 16 ? 6.788   6.858   11.579  1.00 19.53 ? 464 ARG B CG  1 
ATOM   466 C  CD  . ARG B 1 16 ? 7.142   6.383   12.978  1.00 23.26 ? 464 ARG B CD  1 
ATOM   467 N  NE  . ARG B 1 16 ? 5.951   6.148   13.790  1.00 29.85 ? 464 ARG B NE  1 
ATOM   468 C  CZ  . ARG B 1 16 ? 5.594   6.893   14.830  1.00 38.67 ? 464 ARG B CZ  1 
ATOM   469 N  NH1 . ARG B 1 16 ? 6.341   7.927   15.200  1.00 33.88 ? 464 ARG B NH1 1 
ATOM   470 N  NH2 . ARG B 1 16 ? 4.490   6.597   15.503  1.00 44.92 ? 464 ARG B NH2 1 
ATOM   471 N  N   . GLU B 1 17 ? 3.453   7.358   9.936   1.00 14.86 ? 465 GLU B N   1 
ATOM   472 C  CA  . GLU B 1 17 ? 2.615   6.316   9.337   1.00 16.64 ? 465 GLU B CA  1 
ATOM   473 C  C   . GLU B 1 17 ? 2.401   6.546   7.847   1.00 15.49 ? 465 GLU B C   1 
ATOM   474 O  O   . GLU B 1 17 ? 2.350   5.574   7.085   1.00 15.10 ? 465 GLU B O   1 
ATOM   475 C  CB  . GLU B 1 17 ? 1.263   6.201   10.044  1.00 18.65 ? 465 GLU B CB  1 
ATOM   476 C  CG  . GLU B 1 17 ? 1.364   5.814   11.497  1.00 21.03 ? 465 GLU B CG  1 
ATOM   477 C  CD  . GLU B 1 17 ? 1.701   4.341   11.702  1.00 31.05 ? 465 GLU B CD  1 
ATOM   478 O  OE1 . GLU B 1 17 ? 1.610   3.562   10.732  1.00 29.08 ? 465 GLU B OE1 1 
ATOM   479 O  OE2 . GLU B 1 17 ? 2.067   3.955   12.834  1.00 41.19 ? 465 GLU B OE2 1 
ATOM   480 N  N   . ILE B 1 18 ? 2.229   7.805   7.442   1.00 12.65 ? 466 ILE B N   1 
ATOM   481 C  CA  . ILE B 1 18 ? 2.102   8.110   6.019   1.00 13.42 ? 466 ILE B CA  1 
ATOM   482 C  C   . ILE B 1 18 ? 3.380   7.714   5.291   1.00 13.95 ? 466 ILE B C   1 
ATOM   483 O  O   . ILE B 1 18 ? 3.346   7.005   4.274   1.00 15.25 ? 466 ILE B O   1 
ATOM   484 C  CB  . ILE B 1 18 ? 1.833   9.595   5.813   1.00 11.55 ? 466 ILE B CB  1 
ATOM   485 C  CG1 . ILE B 1 18 ? 0.425   9.925   6.313   1.00 15.55 ? 466 ILE B CG1 1 
ATOM   486 C  CG2 . ILE B 1 18 ? 2.034   9.955   4.337   1.00 15.72 ? 466 ILE B CG2 1 
ATOM   487 C  CD1 . ILE B 1 18 ? 0.085   11.444  6.325   1.00 15.99 ? 466 ILE B CD1 1 
ATOM   488 N  N   . LYS B 1 19 ? 4.520   8.153   5.815   1.00 13.76 ? 467 LYS B N   1 
ATOM   489 C  CA  . LYS B 1 19 ? 5.792   7.841   5.202   1.00 15.21 ? 467 LYS B CA  1 
ATOM   490 C  C   . LYS B 1 19 ? 6.019   6.334   5.103   1.00 13.82 ? 467 LYS B C   1 
ATOM   491 O  O   . LYS B 1 19 ? 6.481   5.819   4.059   1.00 16.68 ? 467 LYS B O   1 
ATOM   492 C  CB  . LYS B 1 19 ? 6.921   8.508   5.981   1.00 16.17 ? 467 LYS B CB  1 
ATOM   493 C  CG  . LYS B 1 19 ? 6.970   9.999   5.728   1.00 20.63 ? 467 LYS B CG  1 
ATOM   494 C  CD  . LYS B 1 19 ? 7.827   10.701  6.763   1.00 25.48 ? 467 LYS B CD  1 
ATOM   495 C  CE  . LYS B 1 19 ? 9.244   10.170  6.784   1.00 29.29 ? 467 LYS B CE  1 
ATOM   496 N  NZ  . LYS B 1 19 ? 10.028  10.794  7.894   1.00 31.58 ? 467 LYS B NZ  1 
ATOM   497 N  N   . GLN B 1 20 ? 5.705   5.608   6.175   1.00 14.27 ? 468 GLN B N   1 
ATOM   498 C  CA  . GLN B 1 20 ? 5.921   4.166   6.209   1.00 18.21 ? 468 GLN B CA  1 
ATOM   499 C  C   . GLN B 1 20 ? 5.064   3.473   5.154   1.00 14.35 ? 468 GLN B C   1 
ATOM   500 O  O   . GLN B 1 20 ? 5.521   2.516   4.515   1.00 16.42 ? 468 GLN B O   1 
ATOM   501 C  CB  . GLN B 1 20 ? 5.595   3.631   7.597   1.00 20.22 ? 468 GLN B CB  1 
ATOM   502 C  CG  . GLN B 1 20 ? 5.968   2.203   7.837   1.00 33.95 ? 468 GLN B CG  1 
ATOM   503 C  CD  . GLN B 1 20 ? 5.842   1.874   9.302   1.00 36.25 ? 468 GLN B CD  1 
ATOM   504 O  OE1 . GLN B 1 20 ? 5.689   2.782   10.128  1.00 37.11 ? 468 GLN B OE1 1 
ATOM   505 N  NE2 . GLN B 1 20 ? 5.897   0.588   9.642   1.00 47.29 ? 468 GLN B NE2 1 
ATOM   506 N  N   . HIS B 1 21 ? 3.830   3.925   4.989   1.00 13.10 ? 469 HIS B N   1 
ATOM   507 C  CA  . HIS B 1 21 ? 2.959   3.289   4.004   1.00 15.66 ? 469 HIS B CA  1 
ATOM   508 C  C   . HIS B 1 21 ? 3.533   3.464   2.606   1.00 14.00 ? 469 HIS B C   1 
ATOM   509 O  O   . HIS B 1 21 ? 3.609   2.479   1.831   1.00 14.22 ? 469 HIS B O   1 
ATOM   510 C  CB  . HIS B 1 21 ? 1.551   3.880   4.058   1.00 18.04 ? 469 HIS B CB  1 
ATOM   511 C  CG  . HIS B 1 21 ? 0.633   3.242   3.070   1.00 16.98 ? 469 HIS B CG  1 
ATOM   512 N  ND1 . HIS B 1 21 ? 0.017   2.038   3.305   1.00 24.27 ? 469 HIS B ND1 1 
ATOM   513 C  CD2 . HIS B 1 21 ? 0.282   3.617   1.817   1.00 18.70 ? 469 HIS B CD2 1 
ATOM   514 C  CE1 . HIS B 1 21 ? -0.699  1.704   2.243   1.00 20.62 ? 469 HIS B CE1 1 
ATOM   515 N  NE2 . HIS B 1 21 ? -0.564  2.650   1.336   1.00 19.02 ? 469 HIS B NE2 1 
ATOM   516 N  N   . LEU B 1 22 ? 3.964   4.679   2.266   1.00 13.24 ? 470 LEU B N   1 
ATOM   517 C  CA  . LEU B 1 22 ? 4.497   4.894   0.924   1.00 14.93 ? 470 LEU B CA  1 
ATOM   518 C  C   . LEU B 1 22 ? 5.759   4.065   0.708   1.00 15.32 ? 470 LEU B C   1 
ATOM   519 O  O   . LEU B 1 22 ? 5.947   3.454   -0.365  1.00 16.60 ? 470 LEU B O   1 
ATOM   520 C  CB  . LEU B 1 22 ? 4.766   6.384   0.675   1.00 16.71 ? 470 LEU B CB  1 
ATOM   521 C  CG  . LEU B 1 22 ? 3.519   7.247   0.867   1.00 18.65 ? 470 LEU B CG  1 
ATOM   522 C  CD1 . LEU B 1 22 ? 3.861   8.701   0.572   1.00 21.77 ? 470 LEU B CD1 1 
ATOM   523 C  CD2 . LEU B 1 22 ? 2.377   6.765   -0.019  1.00 21.50 ? 470 LEU B CD2 1 
ATOM   524 N  N   . LYS B 1 23 ? 6.634   4.020   1.708   1.00 14.97 ? 471 LYS B N   1 
ATOM   525 C  CA  . LYS B 1 23 ? 7.881   3.268   1.599   1.00 18.01 ? 471 LYS B CA  1 
ATOM   526 C  C   . LYS B 1 23 ? 7.627   1.765   1.426   1.00 16.51 ? 471 LYS B C   1 
ATOM   527 O  O   . LYS B 1 23 ? 8.221   1.108   0.578   1.00 17.39 ? 471 LYS B O   1 
ATOM   528 C  CB  . LYS B 1 23 ? 8.766   3.517   2.827   1.00 21.02 ? 471 LYS B CB  1 
ATOM   529 C  CG  . LYS B 1 23 ? 10.117  2.831   2.783   1.00 24.38 ? 471 LYS B CG  1 
ATOM   530 C  CD  . LYS B 1 23 ? 10.868  3.016   4.104   1.00 33.45 ? 471 LYS B CD  1 
ATOM   531 C  CE  . LYS B 1 23 ? 12.231  2.339   4.098   1.00 40.93 ? 471 LYS B CE  1 
ATOM   532 N  NZ  . LYS B 1 23 ? 13.049  2.776   5.272   1.00 46.68 ? 471 LYS B NZ  1 
ATOM   533 N  N   . GLN B 1 24 ? 6.753   1.229   2.259   1.00 15.82 ? 472 GLN B N   1 
ATOM   534 C  CA  . GLN B 1 24 ? 6.425   -0.180  2.212   1.00 17.09 ? 472 GLN B CA  1 
ATOM   535 C  C   . GLN B 1 24 ? 5.728   -0.562  0.914   1.00 14.08 ? 472 GLN B C   1 
ATOM   536 O  O   . GLN B 1 24 ? 5.940   -1.662  0.414   1.00 15.90 ? 472 GLN B O   1 
ATOM   537 C  CB  . GLN B 1 24 ? 5.531   -0.520  3.399   1.00 19.18 ? 472 GLN B CB  1 
ATOM   538 C  CG  . GLN B 1 24 ? 6.264   -0.538  4.723   1.00 24.90 ? 472 GLN B CG  1 
ATOM   539 C  CD  . GLN B 1 24 ? 5.309   -0.718  5.883   1.00 33.98 ? 472 GLN B CD  1 
ATOM   540 O  OE1 . GLN B 1 24 ? 4.142   -0.330  5.803   1.00 35.34 ? 472 GLN B OE1 1 
ATOM   541 N  NE2 . GLN B 1 24 ? 5.797   -1.304  6.965   1.00 39.15 ? 472 GLN B NE2 1 
ATOM   542 N  N   A GLN B 1 25 ? 4.876   0.327   0.381   0.54 13.12 ? 473 GLN B N   1 
ATOM   543 N  N   C GLN B 1 25 ? 4.892   0.316   0.374   0.46 13.16 ? 473 GLN B N   1 
ATOM   544 C  CA  A GLN B 1 25 ? 4.198   0.038   -0.896  0.54 12.79 ? 473 GLN B CA  1 
ATOM   545 C  CA  C GLN B 1 25 ? 4.229   -0.028  -0.879  0.46 12.34 ? 473 GLN B CA  1 
ATOM   546 C  C   A GLN B 1 25 ? 5.222   -0.028  -2.023  0.54 13.93 ? 473 GLN B C   1 
ATOM   547 C  C   C GLN B 1 25 ? 5.217   -0.023  -2.044  0.46 13.86 ? 473 GLN B C   1 
ATOM   548 O  O   A GLN B 1 25 ? 5.167   -0.932  -2.851  0.54 12.99 ? 473 GLN B O   1 
ATOM   549 O  O   C GLN B 1 25 ? 5.138   -0.883  -2.918  0.46 13.13 ? 473 GLN B O   1 
ATOM   550 C  CB  A GLN B 1 25 ? 3.102   1.065   -1.245  0.54 13.88 ? 473 GLN B CB  1 
ATOM   551 C  CB  C GLN B 1 25 ? 3.046   0.894   -1.138  0.46 13.29 ? 473 GLN B CB  1 
ATOM   552 C  CG  A GLN B 1 25 ? 2.171   0.610   -2.414  0.54 14.24 ? 473 GLN B CG  1 
ATOM   553 C  CG  C GLN B 1 25 ? 1.945   0.720   -0.120  0.46 11.93 ? 473 GLN B CG  1 
ATOM   554 C  CD  A GLN B 1 25 ? 1.216   1.688   -2.926  0.54 15.56 ? 473 GLN B CD  1 
ATOM   555 C  CD  C GLN B 1 25 ? 1.298   -0.683  -0.154  0.46 17.67 ? 473 GLN B CD  1 
ATOM   556 O  OE1 A GLN B 1 25 ? 1.326   2.867   -2.578  0.54 14.33 ? 473 GLN B OE1 1 
ATOM   557 O  OE1 C GLN B 1 25 ? 0.421   -0.990  0.643   0.46 19.38 ? 473 GLN B OE1 1 
ATOM   558 N  NE2 A GLN B 1 25 ? 0.254   1.277   -3.755  0.54 15.41 ? 473 GLN B NE2 1 
ATOM   559 N  NE2 C GLN B 1 25 ? 1.706   -1.508  -1.093  0.46 12.06 ? 473 GLN B NE2 1 
ATOM   560 N  N   . GLN B 1 26 ? 6.152   0.924   -2.052  1.00 14.11 ? 474 GLN B N   1 
ATOM   561 C  CA  . GLN B 1 26 ? 7.196   0.923   -3.068  1.00 13.45 ? 474 GLN B CA  1 
ATOM   562 C  C   . GLN B 1 26 ? 8.039   -0.338  -2.975  1.00 16.63 ? 474 GLN B C   1 
ATOM   563 O  O   . GLN B 1 26 ? 8.338   -0.958  -3.989  1.00 15.51 ? 474 GLN B O   1 
ATOM   564 C  CB  . GLN B 1 26 ? 8.105   2.129   -2.930  1.00 13.52 ? 474 GLN B CB  1 
ATOM   565 C  CG  . GLN B 1 26 ? 9.150   2.152   -4.027  1.00 18.82 ? 474 GLN B CG  1 
ATOM   566 C  CD  . GLN B 1 26 ? 8.532   2.241   -5.403  1.00 14.73 ? 474 GLN B CD  1 
ATOM   567 O  OE1 . GLN B 1 26 ? 8.051   3.286   -5.803  1.00 19.17 ? 474 GLN B OE1 1 
ATOM   568 N  NE2 . GLN B 1 26 ? 8.599   1.118   -6.164  1.00 15.41 ? 474 GLN B NE2 1 
ATOM   569 N  N   . GLU B 1 27 ? 8.420   -0.717  -1.756  1.00 13.94 ? 475 GLU B N   1 
ATOM   570 C  CA  . GLU B 1 27 ? 9.207   -1.920  -1.545  1.00 13.54 ? 475 GLU B CA  1 
ATOM   571 C  C   . GLU B 1 27 ? 8.472   -3.144  -2.073  1.00 14.16 ? 475 GLU B C   1 
ATOM   572 O  O   . GLU B 1 27 ? 9.075   -4.025  -2.703  1.00 15.96 ? 475 GLU B O   1 
ATOM   573 C  CB  . GLU B 1 27 ? 9.547   -2.084  -0.053  1.00 18.21 ? 475 GLU B CB  1 
ATOM   574 C  CG  . GLU B 1 27 ? 10.663  -1.151  0.427   1.00 23.95 ? 475 GLU B CG  1 
ATOM   575 C  CD  . GLU B 1 27 ? 10.791  -1.091  1.933   1.00 38.19 ? 475 GLU B CD  1 
ATOM   576 O  OE1 . GLU B 1 27 ? 9.928   -1.667  2.634   1.00 39.96 ? 475 GLU B OE1 1 
ATOM   577 O  OE2 . GLU B 1 27 ? 11.749  -0.446  2.416   1.00 44.63 ? 475 GLU B OE2 1 
ATOM   578 N  N   . GLY B 1 28 ? 7.164   -3.203  -1.842  1.00 12.70 ? 476 GLY B N   1 
ATOM   579 C  CA  . GLY B 1 28 ? 6.360   -4.313  -2.311  1.00 14.51 ? 476 GLY B CA  1 
ATOM   580 C  C   . GLY B 1 28 ? 6.302   -4.386  -3.817  1.00 14.44 ? 476 GLY B C   1 
ATOM   581 O  O   . GLY B 1 28 ? 6.453   -5.471  -4.421  1.00 15.13 ? 476 GLY B O   1 
ATOM   582 N  N   . LEU B 1 29 ? 6.103   -3.242  -4.447  1.00 13.85 ? 477 LEU B N   1 
ATOM   583 C  CA  . LEU B 1 29 ? 6.079   -3.184  -5.904  1.00 13.71 ? 477 LEU B CA  1 
ATOM   584 C  C   . LEU B 1 29 ? 7.421   -3.590  -6.491  1.00 16.12 ? 477 LEU B C   1 
ATOM   585 O  O   . LEU B 1 29 ? 7.463   -4.335  -7.483  1.00 17.94 ? 477 LEU B O   1 
ATOM   586 C  CB  . LEU B 1 29 ? 5.683   -1.795  -6.402  1.00 13.14 ? 477 LEU B CB  1 
ATOM   587 C  CG  . LEU B 1 29 ? 4.232   -1.404  -6.153  1.00 15.30 ? 477 LEU B CG  1 
ATOM   588 C  CD1 . LEU B 1 29 ? 4.019   0.008   -6.594  1.00 17.11 ? 477 LEU B CD1 1 
ATOM   589 C  CD2 . LEU B 1 29 ? 3.253   -2.370  -6.846  1.00 18.69 ? 477 LEU B CD2 1 
ATOM   590 N  N   . SER B 1 30 ? 8.512   -3.114  -5.896  1.00 15.32 ? 478 SER B N   1 
ATOM   591 C  CA  . SER B 1 30 ? 9.847   -3.488  -6.370  1.00 17.40 ? 478 SER B CA  1 
ATOM   592 C  C   . SER B 1 30 ? 10.079  -4.982  -6.197  1.00 17.02 ? 478 SER B C   1 
ATOM   593 O  O   . SER B 1 30 ? 10.680  -5.635  -7.070  1.00 17.20 ? 478 SER B O   1 
ATOM   594 C  CB  . SER B 1 30 ? 10.914  -2.686  -5.644  1.00 17.28 ? 478 SER B CB  1 
ATOM   595 O  OG  . SER B 1 30 ? 10.774  -1.317  -5.978  1.00 21.36 ? 478 SER B OG  1 
ATOM   596 N  N   . HIS B 1 31 ? 9.602   -5.527  -5.087  1.00 15.17 ? 479 HIS B N   1 
ATOM   597 C  CA  . HIS B 1 31 ? 9.667   -6.973  -4.873  1.00 14.21 ? 479 HIS B CA  1 
ATOM   598 C  C   . HIS B 1 31 ? 8.924   -7.722  -5.991  1.00 13.52 ? 479 HIS B C   1 
ATOM   599 O  O   . HIS B 1 31 ? 9.462   -8.670  -6.593  1.00 14.06 ? 479 HIS B O   1 
ATOM   600 C  CB  . HIS B 1 31 ? 9.058   -7.290  -3.503  1.00 14.06 ? 479 HIS B CB  1 
ATOM   601 C  CG  . HIS B 1 31 ? 8.946   -8.751  -3.218  1.00 13.81 ? 479 HIS B CG  1 
ATOM   602 N  ND1 . HIS B 1 31 ? 10.040  -9.567  -3.008  1.00 15.49 ? 479 HIS B ND1 1 
ATOM   603 C  CD2 . HIS B 1 31 ? 7.857   -9.546  -3.106  1.00 16.70 ? 479 HIS B CD2 1 
ATOM   604 C  CE1 . HIS B 1 31 ? 9.624   -10.802 -2.787  1.00 15.85 ? 479 HIS B CE1 1 
ATOM   605 N  NE2 . HIS B 1 31 ? 8.300   -10.810 -2.819  1.00 16.78 ? 479 HIS B NE2 1 
ATOM   606 N  N   . LEU B 1 32 ? 7.698   -7.308  -6.306  1.00 14.01 ? 480 LEU B N   1 
ATOM   607 C  CA  . LEU B 1 32 ? 6.955   -7.973  -7.381  1.00 12.49 ? 480 LEU B CA  1 
ATOM   608 C  C   . LEU B 1 32 ? 7.633   -7.828  -8.736  1.00 12.93 ? 480 LEU B C   1 
ATOM   609 O  O   . LEU B 1 32 ? 7.654   -8.763  -9.532  1.00 15.77 ? 480 LEU B O   1 
ATOM   610 C  CB  . LEU B 1 32 ? 5.495   -7.496  -7.457  1.00 16.03 ? 480 LEU B CB  1 
ATOM   611 C  CG  . LEU B 1 32 ? 4.607   -7.842  -6.250  1.00 14.32 ? 480 LEU B CG  1 
ATOM   612 C  CD1 . LEU B 1 32 ? 3.209   -7.226  -6.400  1.00 16.45 ? 480 LEU B CD1 1 
ATOM   613 C  CD2 . LEU B 1 32 ? 4.547   -9.346  -6.042  1.00 16.28 ? 480 LEU B CD2 1 
HETATM 614 N  N   . MSE B 1 33 ? 8.194   -6.645  -9.001  1.00 15.08 ? 481 MSE B N   1 
HETATM 615 C  CA  . MSE B 1 33 ? 8.925   -6.456  -10.248 1.00 15.42 ? 481 MSE B CA  1 
HETATM 616 C  C   . MSE B 1 33 ? 10.071  -7.438  -10.399 1.00 15.53 ? 481 MSE B C   1 
HETATM 617 O  O   . MSE B 1 33 ? 10.408  -7.830  -11.523 1.00 19.41 ? 481 MSE B O   1 
HETATM 618 C  CB  . MSE B 1 33 ? 9.452   -5.028  -10.336 1.00 19.16 ? 481 MSE B CB  1 
HETATM 619 C  CG  . MSE B 1 33 ? 8.353   -3.996  -10.476 1.00 24.00 ? 481 MSE B CG  1 
HETATM 620 SE SE  . MSE B 1 33 ? 7.278   -4.336  -12.067 1.00 37.53 ? 481 MSE B SE  1 
HETATM 621 C  CE  . MSE B 1 33 ? 8.769   -4.746  -13.236 1.00 19.62 ? 481 MSE B CE  1 
ATOM   622 N  N   . SER B 1 34 ? 10.688  -7.818  -9.292  1.00 14.72 ? 482 SER B N   1 
ATOM   623 C  CA  . SER B 1 34 ? 11.807  -8.755  -9.348  1.00 13.37 ? 482 SER B CA  1 
ATOM   624 C  C   . SER B 1 34 ? 11.352  -10.145 -9.767  1.00 13.22 ? 482 SER B C   1 
ATOM   625 O  O   . SER B 1 34 ? 12.200  -11.005 -10.059 1.00 14.40 ? 482 SER B O   1 
ATOM   626 C  CB  . SER B 1 34 ? 12.529  -8.842  -8.008  1.00 14.56 ? 482 SER B CB  1 
ATOM   627 O  OG  . SER B 1 34 ? 11.836  -9.667  -7.091  1.00 14.89 ? 482 SER B OG  1 
ATOM   628 N  N   . ILE B 1 35 ? 10.043  -10.361 -9.826  1.00 13.96 ? 483 ILE B N   1 
ATOM   629 C  CA  . ILE B 1 35 ? 9.477   -11.646 -10.256 1.00 15.61 ? 483 ILE B CA  1 
ATOM   630 C  C   . ILE B 1 35 ? 8.865   -11.523 -11.650 1.00 13.61 ? 483 ILE B C   1 
ATOM   631 O  O   . ILE B 1 35 ? 9.088   -12.384 -12.526 1.00 15.07 ? 483 ILE B O   1 
ATOM   632 C  CB  . ILE B 1 35 ? 8.374   -12.136 -9.265  1.00 13.66 ? 483 ILE B CB  1 
ATOM   633 C  CG1 . ILE B 1 35 ? 8.874   -11.991 -7.831  1.00 15.93 ? 483 ILE B CG1 1 
ATOM   634 C  CG2 . ILE B 1 35 ? 7.919   -13.546 -9.608  1.00 13.53 ? 483 ILE B CG2 1 
ATOM   635 C  CD1 . ILE B 1 35 ? 7.841   -12.336 -6.763  1.00 17.51 ? 483 ILE B CD1 1 
ATOM   636 N  N   . ILE B 1 36 ? 8.124   -10.438 -11.876 1.00 15.08 ? 484 ILE B N   1 
ATOM   637 C  CA  . ILE B 1 36 ? 7.272   -10.318 -13.055 1.00 17.08 ? 484 ILE B CA  1 
ATOM   638 C  C   . ILE B 1 36 ? 7.879   -9.508  -14.191 1.00 17.95 ? 484 ILE B C   1 
ATOM   639 O  O   . ILE B 1 36 ? 7.380   -9.588  -15.301 1.00 19.91 ? 484 ILE B O   1 
ATOM   640 C  CB  . ILE B 1 36 ? 5.864   -9.756  -12.673 1.00 17.40 ? 484 ILE B CB  1 
ATOM   641 C  CG1 . ILE B 1 36 ? 4.807   -10.181 -13.696 1.00 20.38 ? 484 ILE B CG1 1 
ATOM   642 C  CG2 . ILE B 1 36 ? 5.926   -8.243  -12.455 1.00 20.94 ? 484 ILE B CG2 1 
ATOM   643 C  CD1 . ILE B 1 36 ? 3.376   -9.744  -13.299 1.00 21.38 ? 484 ILE B CD1 1 
ATOM   644 N  N   . LYS B 1 37 ? 8.935   -8.742  -13.938 1.00 19.09 ? 485 LYS B N   1 
ATOM   645 C  CA  . LYS B 1 37 ? 9.491   -7.871  -14.983 1.00 23.02 ? 485 LYS B CA  1 
ATOM   646 C  C   . LYS B 1 37 ? 9.856   -8.621  -16.269 1.00 25.19 ? 485 LYS B C   1 
ATOM   647 O  O   . LYS B 1 37 ? 9.485   -8.189  -17.356 1.00 28.11 ? 485 LYS B O   1 
ATOM   648 C  CB  . LYS B 1 37 ? 10.686  -7.054  -14.470 1.00 26.56 ? 485 LYS B CB  1 
ATOM   649 C  CG  . LYS B 1 37 ? 11.361  -6.204  -15.535 1.00 35.52 ? 485 LYS B CG  1 
ATOM   650 C  CD  . LYS B 1 37 ? 12.625  -5.519  -14.989 1.00 37.10 ? 485 LYS B CD  1 
ATOM   651 C  CE  . LYS B 1 37 ? 13.455  -4.884  -16.097 1.00 46.92 ? 485 LYS B CE  1 
ATOM   652 N  NZ  . LYS B 1 37 ? 12.731  -3.750  -16.725 1.00 53.63 ? 485 LYS B NZ  1 
ATOM   653 N  N   . ASP B 1 38 ? 10.553  -9.749  -16.150 1.00 24.14 ? 486 ASP B N   1 
ATOM   654 C  CA  . ASP B 1 38 ? 10.966  -10.481 -17.352 1.00 26.23 ? 486 ASP B CA  1 
ATOM   655 C  C   . ASP B 1 38 ? 9.801   -11.158 -18.080 1.00 26.20 ? 486 ASP B C   1 
ATOM   656 O  O   . ASP B 1 38 ? 9.938   -11.564 -19.232 1.00 29.86 ? 486 ASP B O   1 
ATOM   657 C  CB  . ASP B 1 38 ? 12.119  -11.466 -17.077 1.00 26.04 ? 486 ASP B CB  1 
ATOM   658 C  CG  . ASP B 1 38 ? 11.781  -12.488 -16.021 1.00 22.64 ? 486 ASP B CG  1 
ATOM   659 O  OD1 . ASP B 1 38 ? 10.610  -12.535 -15.649 1.00 21.35 ? 486 ASP B OD1 1 
ATOM   660 O  OD2 . ASP B 1 38 ? 12.691  -13.227 -15.566 1.00 23.85 ? 486 ASP B OD2 1 
ATOM   661 N  N   . ASP B 1 39 ? 8.659   -11.279 -17.414 1.00 23.28 ? 487 ASP B N   1 
ATOM   662 C  CA  . ASP B 1 39 ? 7.467   -11.808 -18.068 1.00 23.63 ? 487 ASP B CA  1 
ATOM   663 C  C   . ASP B 1 39 ? 6.740   -10.714 -18.847 1.00 26.62 ? 487 ASP B C   1 
ATOM   664 O  O   . ASP B 1 39 ? 6.206   -10.968 -19.928 1.00 29.07 ? 487 ASP B O   1 
ATOM   665 C  CB  . ASP B 1 39 ? 6.555   -12.493 -17.051 1.00 20.70 ? 487 ASP B CB  1 
ATOM   666 C  CG  . ASP B 1 39 ? 7.239   -13.654 -16.380 1.00 18.80 ? 487 ASP B CG  1 
ATOM   667 O  OD1 . ASP B 1 39 ? 7.361   -14.723 -17.021 1.00 20.44 ? 487 ASP B OD1 1 
ATOM   668 O  OD2 . ASP B 1 39 ? 7.662   -13.477 -15.239 1.00 19.44 ? 487 ASP B OD2 1 
ATOM   669 N  N   . LEU B 1 40 ? 6.741   -9.497  -18.308 1.00 27.93 ? 488 LEU B N   1 
ATOM   670 C  CA  . LEU B 1 40 ? 6.154   -8.355  -19.006 1.00 32.60 ? 488 LEU B CA  1 
ATOM   671 C  C   . LEU B 1 40 ? 6.892   -8.085  -20.315 1.00 37.52 ? 488 LEU B C   1 
ATOM   672 O  O   . LEU B 1 40 ? 6.306   -7.566  -21.266 1.00 42.16 ? 488 LEU B O   1 
ATOM   673 C  CB  . LEU B 1 40 ? 6.196   -7.103  -18.127 1.00 31.37 ? 488 LEU B CB  1 
ATOM   674 C  CG  . LEU B 1 40 ? 5.539   -7.210  -16.749 1.00 32.87 ? 488 LEU B CG  1 
ATOM   675 C  CD1 . LEU B 1 40 ? 5.626   -5.893  -15.987 1.00 37.31 ? 488 LEU B CD1 1 
ATOM   676 C  CD2 . LEU B 1 40 ? 4.098   -7.679  -16.877 1.00 33.59 ? 488 LEU B CD2 1 
ATOM   677 N  N   . GLU B 1 41 ? 8.174   -8.447  -20.356 1.00 40.86 ? 489 GLU B N   1 
ATOM   678 C  CA  . GLU B 1 41 ? 9.043   -8.151  -21.497 1.00 47.87 ? 489 GLU B CA  1 
ATOM   679 C  C   . GLU B 1 41 ? 9.204   -9.331  -22.457 1.00 49.82 ? 489 GLU B C   1 
ATOM   680 O  O   . GLU B 1 41 ? 9.673   -9.161  -23.585 1.00 56.07 ? 489 GLU B O   1 
ATOM   681 C  CB  . GLU B 1 41 ? 10.426  -7.712  -21.010 1.00 49.97 ? 489 GLU B CB  1 
ATOM   682 C  CG  . GLU B 1 41 ? 10.413  -6.526  -20.059 1.00 53.31 ? 489 GLU B CG  1 
ATOM   683 C  CD  . GLU B 1 41 ? 11.805  -5.987  -19.796 1.00 54.74 ? 489 GLU B CD  1 
ATOM   684 O  OE1 . GLU B 1 41 ? 12.672  -6.135  -20.685 1.00 60.02 ? 489 GLU B OE1 1 
ATOM   685 O  OE2 . GLU B 1 41 ? 12.033  -5.422  -18.706 1.00 53.19 ? 489 GLU B OE2 1 
ATOM   686 N  N   . ASP B 1 42 ? 8.833   -10.525 -22.005 1.00 48.56 ? 490 ASP B N   1 
ATOM   687 C  CA  . ASP B 1 42 ? 8.935   -11.718 -22.842 1.00 50.97 ? 490 ASP B CA  1 
ATOM   688 C  C   . ASP B 1 42 ? 8.266   -12.918 -22.183 1.00 46.06 ? 490 ASP B C   1 
ATOM   689 O  O   . ASP B 1 42 ? 8.928   -13.755 -21.569 1.00 50.34 ? 490 ASP B O   1 
ATOM   690 C  CB  . ASP B 1 42 ? 10.401  -12.027 -23.161 0.00 53.22 ? 490 ASP B CB  1 
ATOM   691 C  CG  . ASP B 1 42 ? 10.561  -13.234 -24.069 0.00 55.29 ? 490 ASP B CG  1 
ATOM   692 O  OD1 . ASP B 1 42 ? 9.535   -13.764 -24.543 0.00 55.45 ? 490 ASP B OD1 1 
ATOM   693 O  OD2 . ASP B 1 42 ? 11.715  -13.644 -24.316 0.00 56.58 ? 490 ASP B OD2 1 
HETATM 694 CA CA  . CA  C 2 .  ? -6.734  15.768  15.624  1.00 18.59 ? 501 CA  A CA  1 
HETATM 695 CA CA  . CA  D 2 .  ? 7.166   -21.446 -15.019 1.00 17.28 ? 502 CA  A CA  1 
HETATM 696 CA CA  . CA  E 2 .  ? 9.612   -14.001 -13.992 1.00 14.41 ? 501 CA  B CA  1 
HETATM 697 O  O   . HOH F 3 .  ? 8.048   -22.302 -17.306 1.00 26.28 ? 601 HOH A O   1 
HETATM 698 H  H1  . HOH F 3 .  ? 8.931   -21.908 -17.830 1.00 31.53 ? 601 HOH A H1  1 
HETATM 699 H  H2  . HOH F 3 .  ? 8.047   -23.391 -17.461 1.00 31.53 ? 601 HOH A H2  1 
HETATM 700 O  O   . HOH F 3 .  ? 4.738   -9.996  -1.803  1.00 20.02 ? 602 HOH A O   1 
HETATM 701 H  H1  . HOH F 3 .  ? 4.362   -9.849  -2.826  1.00 24.01 ? 602 HOH A H1  1 
HETATM 702 H  H2  . HOH F 3 .  ? 3.876   -9.882  -1.129  1.00 24.01 ? 602 HOH A H2  1 
HETATM 703 O  O   . HOH F 3 .  ? 3.178   -20.436 -15.706 1.00 21.98 ? 603 HOH A O   1 
HETATM 704 H  H1  . HOH F 3 .  ? 3.954   -21.185 -15.484 1.00 26.37 ? 603 HOH A H1  1 
HETATM 705 H  H2  . HOH F 3 .  ? 2.387   -20.567 -14.954 1.00 26.37 ? 603 HOH A H2  1 
HETATM 706 O  O   . HOH F 3 .  ? 0.009   -15.435 -0.506  1.00 23.42 ? 604 HOH A O   1 
HETATM 707 H  H1  . HOH F 3 .  ? 1.009   -15.010 -0.677  1.00 28.10 ? 604 HOH A H1  1 
HETATM 708 H  H2  . HOH F 3 .  ? -0.050  -15.691 0.563   1.00 28.10 ? 604 HOH A H2  1 
HETATM 709 O  O   . HOH F 3 .  ? 5.469   -21.402 -16.859 1.00 27.87 ? 605 HOH A O   1 
HETATM 710 H  H1  . HOH F 3 .  ? 5.139   -22.291 -17.416 1.00 33.44 ? 605 HOH A H1  1 
HETATM 711 H  H2  . HOH F 3 .  ? 5.589   -20.592 -17.594 1.00 33.44 ? 605 HOH A H2  1 
HETATM 712 O  O   . HOH F 3 .  ? -20.147 16.007  12.321  1.00 30.90 ? 606 HOH A O   1 
HETATM 713 H  H1  . HOH F 3 .  ? -19.414 16.762  12.640  1.00 37.08 ? 606 HOH A H1  1 
HETATM 714 H  H2  . HOH F 3 .  ? -19.688 15.024  12.495  1.00 37.08 ? 606 HOH A H2  1 
HETATM 715 O  O   . HOH F 3 .  ? 0.335   -19.769 -5.175  1.00 22.97 ? 607 HOH A O   1 
HETATM 716 H  H1  . HOH F 3 .  ? 1.360   -20.154 -5.072  1.00 27.55 ? 607 HOH A H1  1 
HETATM 717 H  H2  . HOH F 3 .  ? -0.343  -20.616 -4.991  1.00 27.55 ? 607 HOH A H2  1 
HETATM 718 O  O   . HOH F 3 .  ? -11.308 13.629  8.409   1.00 24.90 ? 608 HOH A O   1 
HETATM 719 H  H1  . HOH F 3 .  ? -11.740 12.860  9.066   1.00 29.87 ? 608 HOH A H1  1 
HETATM 720 H  H2  . HOH F 3 .  ? -10.215 13.561  8.514   1.00 29.87 ? 608 HOH A H2  1 
HETATM 721 O  O   . HOH F 3 .  ? -26.137 16.447  18.557  1.00 27.30 ? 609 HOH A O   1 
HETATM 722 H  H1  . HOH F 3 .  ? -25.136 16.092  18.268  1.00 32.76 ? 609 HOH A H1  1 
HETATM 723 H  H2  . HOH F 3 .  ? -26.293 16.142  19.602  1.00 32.76 ? 609 HOH A H2  1 
HETATM 724 O  O   . HOH F 3 .  ? -4.732  -11.321 -1.188  1.00 28.94 ? 610 HOH A O   1 
HETATM 725 H  H1  . HOH F 3 .  ? -4.876  -10.407 -1.783  1.00 34.72 ? 610 HOH A H1  1 
HETATM 726 H  H2  . HOH F 3 .  ? -5.717  -11.595 -0.783  1.00 34.72 ? 610 HOH A H2  1 
HETATM 727 O  O   . HOH F 3 .  ? -0.863  -27.468 -18.538 1.00 35.63 ? 611 HOH A O   1 
HETATM 728 H  H1  . HOH F 3 .  ? -1.190  -27.154 -19.541 1.00 42.74 ? 611 HOH A H1  1 
HETATM 729 H  H2  . HOH F 3 .  ? -1.583  -27.045 -17.822 1.00 42.74 ? 611 HOH A H2  1 
HETATM 730 O  O   . HOH F 3 .  ? -2.035  14.516  14.280  1.00 24.20 ? 612 HOH A O   1 
HETATM 731 H  H1  . HOH F 3 .  ? -1.915  14.063  13.285  1.00 29.03 ? 612 HOH A H1  1 
HETATM 732 H  H2  . HOH F 3 .  ? -1.973  13.697  15.012  1.00 29.03 ? 612 HOH A H2  1 
HETATM 733 O  O   . HOH F 3 .  ? -1.292  -17.792 -1.347  1.00 26.07 ? 613 HOH A O   1 
HETATM 734 H  H1  . HOH F 3 .  ? -0.276  -17.369 -1.370  1.00 31.27 ? 613 HOH A H1  1 
HETATM 735 H  H2  . HOH F 3 .  ? -1.637  -17.737 -0.304  1.00 31.27 ? 613 HOH A H2  1 
HETATM 736 O  O   . HOH F 3 .  ? -1.656  -18.657 -3.956  1.00 27.56 ? 614 HOH A O   1 
HETATM 737 H  H1  . HOH F 3 .  ? -1.349  -17.858 -4.647  1.00 33.07 ? 614 HOH A H1  1 
HETATM 738 H  H2  . HOH F 3 .  ? -2.340  -19.313 -4.513  1.00 33.07 ? 614 HOH A H2  1 
HETATM 739 O  O   . HOH F 3 .  ? -10.224 2.673   6.633   1.00 30.50 ? 615 HOH A O   1 
HETATM 740 H  H1  . HOH F 3 .  ? -9.203  3.045   6.807   1.00 36.59 ? 615 HOH A H1  1 
HETATM 741 H  H2  . HOH F 3 .  ? -10.712 2.609   7.617   1.00 36.59 ? 615 HOH A H2  1 
HETATM 742 O  O   . HOH F 3 .  ? -17.483 15.906  11.522  1.00 27.81 ? 616 HOH A O   1 
HETATM 743 H  H1  . HOH F 3 .  ? -16.720 16.020  10.738  1.00 33.36 ? 616 HOH A H1  1 
HETATM 744 H  H2  . HOH F 3 .  ? -16.950 15.648  12.449  1.00 33.36 ? 616 HOH A H2  1 
HETATM 745 O  O   . HOH F 3 .  ? -1.777  -13.947 1.104   1.00 32.10 ? 617 HOH A O   1 
HETATM 746 H  H1  . HOH F 3 .  ? -2.039  -13.002 0.604   1.00 38.51 ? 617 HOH A H1  1 
HETATM 747 H  H2  . HOH F 3 .  ? -2.708  -14.525 1.198   1.00 38.51 ? 617 HOH A H2  1 
HETATM 748 O  O   . HOH F 3 .  ? -6.093  -11.940 -3.441  1.00 32.18 ? 618 HOH A O   1 
HETATM 749 H  H1  . HOH F 3 .  ? -5.077  -11.714 -3.798  1.00 38.61 ? 618 HOH A H1  1 
HETATM 750 H  H2  . HOH F 3 .  ? -6.016  -12.844 -2.818  1.00 38.61 ? 618 HOH A H2  1 
HETATM 751 O  O   C HOH F 3 .  ? 3.444   -5.323  0.453   1.00 25.80 ? 619 HOH A O   1 
HETATM 752 H  H1  C HOH F 3 .  ? 4.414   -5.261  -0.061  1.00 30.95 ? 619 HOH A H1  1 
HETATM 753 H  H2  C HOH F 3 .  ? 3.659   -5.384  1.530   1.00 30.95 ? 619 HOH A H2  1 
HETATM 754 O  O   . HOH F 3 .  ? -5.912  9.077   14.466  1.00 26.79 ? 620 HOH A O   1 
HETATM 755 H  H1  . HOH F 3 .  ? -4.844  8.841   14.347  1.00 32.14 ? 620 HOH A H1  1 
HETATM 756 H  H2  . HOH F 3 .  ? -6.365  8.238   15.012  1.00 32.14 ? 620 HOH A H2  1 
HETATM 757 O  O   . HOH F 3 .  ? 2.188   -15.775 1.295   1.00 37.60 ? 621 HOH A O   1 
HETATM 758 H  H1  . HOH F 3 .  ? 3.107   -16.348 1.105   1.00 45.11 ? 621 HOH A H1  1 
HETATM 759 H  H2  . HOH F 3 .  ? 2.018   -15.798 2.382   1.00 45.11 ? 621 HOH A H2  1 
HETATM 760 O  O   . HOH F 3 .  ? 0.987   -2.658  5.087   1.00 36.63 ? 622 HOH A O   1 
HETATM 761 H  H1  . HOH F 3 .  ? 0.718   -2.944  4.061   1.00 43.95 ? 622 HOH A H1  1 
HETATM 762 H  H2  . HOH F 3 .  ? 0.213   -3.074  5.747   1.00 43.95 ? 622 HOH A H2  1 
HETATM 763 O  O   . HOH F 3 .  ? 6.307   -21.604 -8.601  1.00 19.75 ? 623 HOH A O   1 
HETATM 764 H  H1  . HOH F 3 .  ? 5.604   -21.812 -7.782  1.00 23.69 ? 623 HOH A H1  1 
HETATM 765 H  H2  . HOH F 3 .  ? 7.310   -21.541 -8.153  1.00 23.69 ? 623 HOH A H2  1 
HETATM 766 O  O   . HOH F 3 .  ? 9.522   -18.998 -3.966  1.00 28.01 ? 624 HOH A O   1 
HETATM 767 H  H1  . HOH F 3 .  ? 9.775   -18.092 -3.395  1.00 33.60 ? 624 HOH A H1  1 
HETATM 768 H  H2  . HOH F 3 .  ? 8.820   -19.578 -3.348  1.00 33.60 ? 624 HOH A H2  1 
HETATM 769 O  O   . HOH F 3 .  ? 7.268   -6.753  0.128   1.00 34.54 ? 625 HOH A O   1 
HETATM 770 H  H1  . HOH F 3 .  ? 8.102   -6.149  -0.260  1.00 41.44 ? 625 HOH A H1  1 
HETATM 771 H  H2  . HOH F 3 .  ? 7.181   -6.523  1.200   1.00 41.44 ? 625 HOH A H2  1 
HETATM 772 O  O   . HOH F 3 .  ? -8.368  -12.134 -3.216  1.00 33.02 ? 626 HOH A O   1 
HETATM 773 H  H1  . HOH F 3 .  ? -8.563  -12.098 -4.298  1.00 39.62 ? 626 HOH A H1  1 
HETATM 774 H  H2  . HOH F 3 .  ? -9.285  -11.788 -2.716  1.00 39.62 ? 626 HOH A H2  1 
HETATM 775 O  O   . HOH F 3 .  ? -1.911  -26.442 -22.000 1.00 32.01 ? 627 HOH A O   1 
HETATM 776 H  H1  . HOH F 3 .  ? -1.618  -27.121 -22.814 1.00 38.40 ? 627 HOH A H1  1 
HETATM 777 H  H2  . HOH F 3 .  ? -2.761  -26.911 -21.484 1.00 38.40 ? 627 HOH A H2  1 
HETATM 778 O  O   . HOH F 3 .  ? 4.801   -6.900  -1.498  1.00 28.62 ? 628 HOH A O   1 
HETATM 779 H  H1  . HOH F 3 .  ? 5.328   -7.229  -2.406  1.00 34.34 ? 628 HOH A H1  1 
HETATM 780 H  H2  . HOH F 3 .  ? 4.892   -7.713  -0.764  1.00 34.34 ? 628 HOH A H2  1 
HETATM 781 O  O   . HOH F 3 .  ? -11.710 16.662  8.650   1.00 33.72 ? 629 HOH A O   1 
HETATM 782 H  H1  . HOH F 3 .  ? -11.947 15.810  7.993   1.00 40.46 ? 629 HOH A H1  1 
HETATM 783 H  H2  . HOH F 3 .  ? -12.591 16.825  9.287   1.00 40.46 ? 629 HOH A H2  1 
HETATM 784 O  O   . HOH F 3 .  ? -11.271 5.189   6.982   1.00 43.70 ? 630 HOH A O   1 
HETATM 785 H  H1  . HOH F 3 .  ? -11.211 5.408   5.905   1.00 52.43 ? 630 HOH A H1  1 
HETATM 786 H  H2  . HOH F 3 .  ? -12.316 5.356   7.282   1.00 52.43 ? 630 HOH A H2  1 
HETATM 787 O  O   . HOH F 3 .  ? -3.721  12.990  17.198  1.00 33.00 ? 631 HOH A O   1 
HETATM 788 H  H1  . HOH F 3 .  ? -3.323  12.253  16.485  1.00 39.59 ? 631 HOH A H1  1 
HETATM 789 H  H2  . HOH F 3 .  ? -3.873  12.461  18.151  1.00 39.59 ? 631 HOH A H2  1 
HETATM 790 O  O   . HOH F 3 .  ? 8.105   -20.960 -10.726 1.00 21.23 ? 632 HOH A O   1 
HETATM 791 H  H1  . HOH F 3 .  ? 8.553   -21.590 -11.509 1.00 25.47 ? 632 HOH A H1  1 
HETATM 792 H  H2  . HOH F 3 .  ? 7.113   -21.381 -10.508 1.00 25.47 ? 632 HOH A H2  1 
HETATM 793 O  O   . HOH F 3 .  ? 10.352  -19.571 -6.215  1.00 29.18 ? 633 HOH A O   1 
HETATM 794 H  H1  . HOH F 3 .  ? 10.115  -18.497 -6.214  1.00 35.01 ? 633 HOH A H1  1 
HETATM 795 H  H2  . HOH F 3 .  ? 10.307  -19.905 -7.263  1.00 35.01 ? 633 HOH A H2  1 
HETATM 796 O  O   . HOH F 3 .  ? 9.908   -16.631 -10.119 1.00 21.24 ? 634 HOH A O   1 
HETATM 797 H  H1  . HOH F 3 .  ? 10.197  -15.900 -10.889 1.00 25.48 ? 634 HOH A H1  1 
HETATM 798 H  H2  . HOH F 3 .  ? 10.213  -16.211 -9.150  1.00 25.48 ? 634 HOH A H2  1 
HETATM 799 O  O   . HOH F 3 .  ? 3.358   -3.878  3.964   1.00 29.52 ? 635 HOH A O   1 
HETATM 800 H  H1  . HOH F 3 .  ? 2.892   -3.566  4.909   1.00 35.42 ? 635 HOH A H1  1 
HETATM 801 H  H2  . HOH F 3 .  ? 2.922   -3.251  3.171   1.00 35.42 ? 635 HOH A H2  1 
HETATM 802 O  O   . HOH F 3 .  ? 5.230   -23.007 -10.703 1.00 41.67 ? 636 HOH A O   1 
HETATM 803 H  H1  . HOH F 3 .  ? 4.538   -22.829 -11.541 1.00 50.00 ? 636 HOH A H1  1 
HETATM 804 H  H2  . HOH F 3 .  ? 4.705   -22.699 -9.787  1.00 50.00 ? 636 HOH A H2  1 
HETATM 805 O  O   . HOH F 3 .  ? 5.979   -11.338 0.179   1.00 36.54 ? 637 HOH A O   1 
HETATM 806 H  H1  . HOH F 3 .  ? 6.970   -11.534 -0.255  1.00 43.84 ? 637 HOH A H1  1 
HETATM 807 H  H2  . HOH F 3 .  ? 5.853   -10.246 0.205   1.00 43.84 ? 637 HOH A H2  1 
HETATM 808 O  O   . HOH F 3 .  ? 4.071   -21.074 -3.610  1.00 45.65 ? 638 HOH A O   1 
HETATM 809 H  H1  . HOH F 3 .  ? 3.996   -21.375 -2.555  1.00 54.78 ? 638 HOH A H1  1 
HETATM 810 H  H2  . HOH F 3 .  ? 3.253   -21.579 -4.144  1.00 54.78 ? 638 HOH A H2  1 
HETATM 811 O  O   . HOH F 3 .  ? 6.912   -23.806 -14.152 1.00 42.53 ? 639 HOH A O   1 
HETATM 812 H  H1  . HOH F 3 .  ? 7.394   -24.676 -14.622 1.00 51.03 ? 639 HOH A H1  1 
HETATM 813 H  H2  . HOH F 3 .  ? 6.140   -24.198 -13.472 1.00 51.03 ? 639 HOH A H2  1 
HETATM 814 O  O   . HOH F 3 .  ? 9.479   -23.334 -10.818 1.00 24.73 ? 640 HOH A O   1 
HETATM 815 H  H1  . HOH F 3 .  ? 10.205  -22.781 -10.204 1.00 29.67 ? 640 HOH A H1  1 
HETATM 816 H  H2  . HOH F 3 .  ? 9.522   -24.384 -10.494 1.00 29.67 ? 640 HOH A H2  1 
HETATM 817 O  O   . HOH F 3 .  ? 7.421   -24.376 -11.778 1.00 39.38 ? 641 HOH A O   1 
HETATM 818 H  H1  . HOH F 3 .  ? 8.089   -25.088 -12.284 1.00 47.25 ? 641 HOH A H1  1 
HETATM 819 H  H2  . HOH F 3 .  ? 7.180   -24.809 -10.795 1.00 47.25 ? 641 HOH A H2  1 
HETATM 820 O  O   B HOH F 3 .  ? 2.291   -0.118  2.214   0.50 17.23 ? 642 HOH A O   1 
HETATM 821 H  H1  B HOH F 3 .  ? 2.711   -0.014  1.202   0.50 20.67 ? 642 HOH A H1  1 
HETATM 822 H  H2  B HOH F 3 .  ? 1.246   -0.440  2.092   0.50 20.67 ? 642 HOH A H2  1 
HETATM 823 O  O   . HOH F 3 .  ? -11.841 16.912  5.813   1.00 43.73 ? 643 HOH A O   1 
HETATM 824 H  H1  . HOH F 3 .  ? -11.553 17.087  4.765   1.00 52.47 ? 643 HOH A H1  1 
HETATM 825 H  H2  . HOH F 3 .  ? -12.850 16.476  5.795   1.00 52.47 ? 643 HOH A H2  1 
HETATM 826 O  O   . HOH G 3 .  ? -0.690  2.476   -1.942  1.00 11.47 ? 601 HOH B O   1 
HETATM 827 H  H1  . HOH G 3 .  ? -1.324  3.337   -2.204  1.00 13.76 ? 601 HOH B H1  1 
HETATM 828 H  H2  . HOH G 3 .  ? -0.132  2.759   -1.037  1.00 13.76 ? 601 HOH B H2  1 
HETATM 829 O  O   . HOH G 3 .  ? -4.787  19.369  10.781  1.00 14.88 ? 602 HOH B O   1 
HETATM 830 H  H1  . HOH G 3 .  ? -4.146  18.811  10.081  1.00 17.85 ? 602 HOH B H1  1 
HETATM 831 H  H2  . HOH G 3 .  ? -4.329  19.276  11.776  1.00 17.85 ? 602 HOH B H2  1 
HETATM 832 O  O   . HOH G 3 .  ? 11.567  -10.426 -13.485 1.00 19.63 ? 603 HOH B O   1 
HETATM 833 H  H1  . HOH G 3 .  ? 12.356  -9.957  -14.091 1.00 23.55 ? 603 HOH B H1  1 
HETATM 834 H  H2  . HOH G 3 .  ? 12.027  -10.703 -12.525 1.00 23.55 ? 603 HOH B H2  1 
HETATM 835 O  O   . HOH G 3 .  ? 11.790  -13.957 -13.054 1.00 18.34 ? 604 HOH B O   1 
HETATM 836 H  H1  . HOH G 3 .  ? 12.445  -14.824 -12.885 1.00 22.00 ? 604 HOH B H1  1 
HETATM 837 H  H2  . HOH G 3 .  ? 12.351  -13.068 -12.732 1.00 22.00 ? 604 HOH B H2  1 
HETATM 838 O  O   . HOH G 3 .  ? -4.685  26.502  6.948   1.00 23.60 ? 605 HOH B O   1 
HETATM 839 H  H1  . HOH G 3 .  ? -4.108  27.258  6.393   1.00 28.32 ? 605 HOH B H1  1 
HETATM 840 H  H2  . HOH G 3 .  ? -5.452  27.044  7.520   1.00 28.32 ? 605 HOH B H2  1 
HETATM 841 O  O   . HOH G 3 .  ? -2.974  27.848  8.697   1.00 29.07 ? 606 HOH B O   1 
HETATM 842 H  H1  . HOH G 3 .  ? -3.286  26.798  8.601   1.00 34.87 ? 606 HOH B H1  1 
HETATM 843 H  H2  . HOH G 3 .  ? -3.605  28.297  9.478   1.00 34.87 ? 606 HOH B H2  1 
HETATM 844 O  O   . HOH G 3 .  ? 1.552   3.084   7.929   1.00 26.20 ? 607 HOH B O   1 
HETATM 845 H  H1  . HOH G 3 .  ? 0.864   3.878   8.251   1.00 31.43 ? 607 HOH B H1  1 
HETATM 846 H  H2  . HOH G 3 .  ? 2.568   3.503   7.975   1.00 31.43 ? 607 HOH B H2  1 
HETATM 847 O  O   . HOH G 3 .  ? 1.945   -0.408  4.272   1.00 32.30 ? 608 HOH B O   1 
HETATM 848 H  H1  . HOH G 3 .  ? 2.496   -1.203  4.797   1.00 38.75 ? 608 HOH B H1  1 
HETATM 849 H  H2  . HOH G 3 .  ? 0.876   -0.586  4.458   1.00 38.75 ? 608 HOH B H2  1 
HETATM 850 O  O   . HOH G 3 .  ? -3.859  16.386  13.068  1.00 26.39 ? 609 HOH B O   1 
HETATM 851 H  H1  . HOH G 3 .  ? -3.839  16.245  11.977  1.00 31.66 ? 609 HOH B H1  1 
HETATM 852 H  H2  . HOH G 3 .  ? -2.976  16.987  13.329  1.00 31.66 ? 609 HOH B H2  1 
HETATM 853 O  O   . HOH G 3 .  ? 8.166   7.575   2.582   1.00 24.68 ? 610 HOH B O   1 
HETATM 854 H  H1  . HOH G 3 .  ? 9.109   7.857   2.090   1.00 29.61 ? 610 HOH B H1  1 
HETATM 855 H  H2  . HOH G 3 .  ? 8.436   7.055   3.512   1.00 29.61 ? 610 HOH B H2  1 
HETATM 856 O  O   . HOH G 3 .  ? 6.022   -4.220  1.354   1.00 26.28 ? 611 HOH B O   1 
HETATM 857 H  H1  . HOH G 3 .  ? 6.999   -4.156  0.853   1.00 31.53 ? 611 HOH B H1  1 
HETATM 858 H  H2  . HOH G 3 .  ? 6.201   -4.658  2.348   1.00 31.53 ? 611 HOH B H2  1 
HETATM 859 O  O   . HOH G 3 .  ? -6.277  23.894  7.385   1.00 25.44 ? 612 HOH B O   1 
HETATM 860 H  H1  . HOH G 3 .  ? -6.618  24.123  6.364   1.00 30.52 ? 612 HOH B H1  1 
HETATM 861 H  H2  . HOH G 3 .  ? -6.347  24.830  7.960   1.00 30.52 ? 612 HOH B H2  1 
HETATM 862 O  O   . HOH G 3 .  ? 10.395  7.555   4.185   1.00 33.94 ? 613 HOH B O   1 
HETATM 863 H  H1  . HOH G 3 .  ? 10.877  8.494   3.879   1.00 40.72 ? 613 HOH B H1  1 
HETATM 864 H  H2  . HOH G 3 .  ? 10.150  7.655   5.253   1.00 40.72 ? 613 HOH B H2  1 
HETATM 865 O  O   . HOH G 3 .  ? -8.498  23.508  5.423   1.00 38.20 ? 614 HOH B O   1 
HETATM 866 H  H1  . HOH G 3 .  ? -8.432  23.563  4.326   1.00 45.83 ? 614 HOH B H1  1 
HETATM 867 H  H2  . HOH G 3 .  ? -8.842  22.492  5.669   1.00 45.83 ? 614 HOH B H2  1 
HETATM 868 O  O   . HOH G 3 .  ? 12.086  -11.920 -20.911 1.00 41.76 ? 615 HOH B O   1 
HETATM 869 H  H1  . HOH G 3 .  ? 12.958  -12.393 -21.386 1.00 50.10 ? 615 HOH B H1  1 
HETATM 870 H  H2  . HOH G 3 .  ? 11.757  -12.595 -20.107 1.00 50.10 ? 615 HOH B H2  1 
HETATM 871 O  O   . HOH G 3 .  ? 11.687  -4.068  -1.845  1.00 35.50 ? 616 HOH B O   1 
HETATM 872 H  H1  . HOH G 3 .  ? 12.524  -3.372  -1.692  1.00 42.60 ? 616 HOH B H1  1 
HETATM 873 H  H2  . HOH G 3 .  ? 11.409  -4.455  -0.853  1.00 42.60 ? 616 HOH B H2  1 
HETATM 874 O  O   . HOH G 3 .  ? -9.302  19.216  3.655   1.00 39.12 ? 617 HOH B O   1 
HETATM 875 H  H1  . HOH G 3 .  ? -9.346  19.462  2.585   1.00 46.94 ? 617 HOH B H1  1 
HETATM 876 H  H2  . HOH G 3 .  ? -10.342 19.130  4.005   1.00 46.94 ? 617 HOH B H2  1 
HETATM 877 O  O   . HOH G 3 .  ? -1.971  11.132  17.685  1.00 26.41 ? 618 HOH B O   1 
HETATM 878 H  H1  . HOH G 3 .  ? -1.566  10.548  16.847  1.00 31.68 ? 618 HOH B H1  1 
HETATM 879 H  H2  . HOH G 3 .  ? -2.542  10.433  18.315  1.00 31.68 ? 618 HOH B H2  1 
HETATM 880 O  O   . HOH G 3 .  ? -8.953  17.442  5.915   1.00 28.32 ? 619 HOH B O   1 
HETATM 881 H  H1  . HOH G 3 .  ? -8.692  18.468  5.616   1.00 33.97 ? 619 HOH B H1  1 
HETATM 882 H  H2  . HOH G 3 .  ? -9.887  17.508  6.493   1.00 33.97 ? 619 HOH B H2  1 
HETATM 883 O  O   . HOH G 3 .  ? 9.619   5.553   6.245   1.00 38.02 ? 620 HOH B O   1 
HETATM 884 H  H1  . HOH G 3 .  ? 10.695  5.362   6.125   1.00 45.62 ? 620 HOH B H1  1 
HETATM 885 H  H2  . HOH G 3 .  ? 9.224   4.753   6.886   1.00 45.62 ? 620 HOH B H2  1 
HETATM 886 O  O   . HOH G 3 .  ? -5.946  28.419  5.687   1.00 33.57 ? 621 HOH B O   1 
HETATM 887 H  H1  . HOH G 3 .  ? -5.675  29.189  4.951   1.00 40.28 ? 621 HOH B H1  1 
HETATM 888 H  H2  . HOH G 3 .  ? -6.544  28.918  6.465   1.00 40.28 ? 621 HOH B H2  1 
HETATM 889 O  O   . HOH G 3 .  ? 2.929   1.490   9.705   1.00 33.71 ? 622 HOH B O   1 
HETATM 890 H  H1  . HOH G 3 .  ? 3.073   1.212   8.650   1.00 40.44 ? 622 HOH B H1  1 
HETATM 891 H  H2  . HOH G 3 .  ? 1.844   1.560   9.870   1.00 40.44 ? 622 HOH B H2  1 
HETATM 892 O  O   . HOH G 3 .  ? 3.409   2.046   13.964  1.00 29.97 ? 623 HOH B O   1 
HETATM 893 H  H1  . HOH G 3 .  ? 3.820   3.062   13.878  1.00 35.95 ? 623 HOH B H1  1 
HETATM 894 H  H2  . HOH G 3 .  ? 2.489   2.125   14.561  1.00 35.95 ? 623 HOH B H2  1 
HETATM 895 O  O   . HOH G 3 .  ? 8.333   5.559   -4.534  1.00 22.92 ? 624 HOH B O   1 
HETATM 896 H  H1  . HOH G 3 .  ? 9.408   5.734   -4.382  1.00 27.50 ? 624 HOH B H1  1 
HETATM 897 H  H2  . HOH G 3 .  ? 8.170   5.504   -5.620  1.00 27.50 ? 624 HOH B H2  1 
HETATM 898 O  O   . HOH G 3 .  ? 7.260   5.536   -2.083  1.00 24.46 ? 625 HOH B O   1 
HETATM 899 H  H1  . HOH G 3 .  ? 7.568   4.672   -1.475  1.00 29.35 ? 625 HOH B H1  1 
HETATM 900 H  H2  . HOH G 3 .  ? 6.593   5.150   -2.868  1.00 29.35 ? 625 HOH B H2  1 
HETATM 901 O  O   . HOH G 3 .  ? 8.672   6.947   -0.013  1.00 33.04 ? 626 HOH B O   1 
HETATM 902 H  H1  . HOH G 3 .  ? 8.917   6.623   -1.034  1.00 39.64 ? 626 HOH B H1  1 
HETATM 903 H  H2  . HOH G 3 .  ? 7.878   6.279   0.351   1.00 39.64 ? 626 HOH B H2  1 
HETATM 904 O  O   . HOH G 3 .  ? 12.008  -0.171  -3.302  1.00 39.96 ? 627 HOH B O   1 
HETATM 905 H  H1  . HOH G 3 .  ? 12.614  0.507   -3.921  1.00 47.94 ? 627 HOH B H1  1 
HETATM 906 H  H2  . HOH G 3 .  ? 11.631  0.424   -2.456  1.00 47.94 ? 627 HOH B H2  1 
HETATM 907 O  O   . HOH G 3 .  ? -1.203  29.365  7.312   1.00 39.46 ? 628 HOH B O   1 
HETATM 908 H  H1  . HOH G 3 .  ? -0.582  29.886  6.569   1.00 47.34 ? 628 HOH B H1  1 
HETATM 909 H  H2  . HOH G 3 .  ? -1.596  30.134  7.994   1.00 47.34 ? 628 HOH B H2  1 
HETATM 910 O  O   . HOH G 3 .  ? 1.952   22.274  18.591  1.00 31.43 ? 629 HOH B O   1 
HETATM 911 H  H1  . HOH G 3 .  ? 2.616   22.035  17.748  1.00 37.71 ? 629 HOH B H1  1 
HETATM 912 H  H2  . HOH G 3 .  ? 1.804   21.339  19.154  1.00 37.71 ? 629 HOH B H2  1 
HETATM 913 O  O   . HOH G 3 .  ? 7.818   11.541  11.907  1.00 37.84 ? 630 HOH B O   1 
HETATM 914 H  H1  . HOH G 3 .  ? 8.220   10.846  11.154  1.00 45.41 ? 630 HOH B H1  1 
HETATM 915 H  H2  . HOH G 3 .  ? 7.311   10.928  12.667  1.00 45.41 ? 630 HOH B H2  1 
HETATM 916 O  O   . HOH G 3 .  ? -2.681  27.814  0.058   1.00 36.89 ? 631 HOH B O   1 
HETATM 917 H  H1  . HOH G 3 .  ? -2.688  27.871  -1.040  1.00 44.27 ? 631 HOH B H1  1 
HETATM 918 H  H2  . HOH G 3 .  ? -3.733  27.796  0.382   1.00 44.27 ? 631 HOH B H2  1 
HETATM 919 O  O   . HOH G 3 .  ? 0.902   0.886   5.978   1.00 39.70 ? 632 HOH B O   1 
HETATM 920 H  H1  . HOH G 3 .  ? 1.863   1.419   5.952   1.00 47.64 ? 632 HOH B H1  1 
HETATM 921 H  H2  . HOH G 3 .  ? 0.156   1.594   6.369   1.00 47.64 ? 632 HOH B H2  1 
HETATM 922 O  O   . HOH G 3 .  ? 3.419   1.734   11.909  1.00 36.04 ? 633 HOH B O   1 
HETATM 923 H  H1  . HOH G 3 .  ? 4.000   0.839   11.643  1.00 43.25 ? 633 HOH B H1  1 
HETATM 924 H  H2  . HOH G 3 .  ? 2.414   1.387   12.195  1.00 43.25 ? 633 HOH B H2  1 
HETATM 925 O  O   . HOH G 3 .  ? 3.272   12.066  17.485  1.00 32.08 ? 634 HOH B O   1 
HETATM 926 H  H1  . HOH G 3 .  ? 4.254   12.475  17.208  1.00 38.49 ? 634 HOH B H1  1 
HETATM 927 H  H2  . HOH G 3 .  ? 3.114   12.312  18.547  1.00 38.49 ? 634 HOH B H2  1 
HETATM 928 O  O   . HOH G 3 .  ? 9.885   -1.073  -8.984  1.00 37.56 ? 635 HOH B O   1 
HETATM 929 H  H1  . HOH G 3 .  ? 10.158  -0.390  -9.804  1.00 45.07 ? 635 HOH B H1  1 
HETATM 930 H  H2  . HOH G 3 .  ? 9.871   -0.473  -8.063  1.00 45.07 ? 635 HOH B H2  1 
HETATM 931 O  O   . HOH G 3 .  ? 11.719  -1.929  -9.767  1.00 36.88 ? 636 HOH B O   1 
HETATM 932 H  H1  . HOH G 3 .  ? 12.663  -2.183  -10.273 1.00 44.25 ? 636 HOH B H1  1 
HETATM 933 H  H2  . HOH G 3 .  ? 11.769  -2.374  -8.762  1.00 44.25 ? 636 HOH B H2  1 
HETATM 934 O  O   . HOH G 3 .  ? 10.062  13.887  7.916   1.00 48.12 ? 637 HOH B O   1 
HETATM 935 H  H1  . HOH G 3 .  ? 10.500  14.568  7.172   1.00 57.73 ? 637 HOH B H1  1 
HETATM 936 H  H2  . HOH G 3 .  ? 9.505   14.511  8.630   1.00 57.73 ? 637 HOH B H2  1 
# 
loop_
_atom_site_anisotrop.id 
_atom_site_anisotrop.type_symbol 
_atom_site_anisotrop.pdbx_label_atom_id 
_atom_site_anisotrop.pdbx_label_alt_id 
_atom_site_anisotrop.pdbx_label_comp_id 
_atom_site_anisotrop.pdbx_label_asym_id 
_atom_site_anisotrop.pdbx_label_seq_id 
_atom_site_anisotrop.pdbx_PDB_ins_code 
_atom_site_anisotrop.U[1][1] 
_atom_site_anisotrop.U[2][2] 
_atom_site_anisotrop.U[3][3] 
_atom_site_anisotrop.U[1][2] 
_atom_site_anisotrop.U[1][3] 
_atom_site_anisotrop.U[2][3] 
_atom_site_anisotrop.pdbx_auth_seq_id 
_atom_site_anisotrop.pdbx_auth_comp_id 
_atom_site_anisotrop.pdbx_auth_asym_id 
_atom_site_anisotrop.pdbx_auth_atom_id 
1   N  N   . GLU A 5  ? 0.5886 0.6497 0.5005 -0.0087 -0.0599 -0.0339 453 GLU A N   
2   C  CA  . GLU A 5  ? 0.5832 0.6353 0.4842 -0.0126 -0.0676 -0.0242 453 GLU A CA  
3   C  C   . GLU A 5  ? 0.6129 0.6575 0.5295 -0.0081 -0.0751 -0.0216 453 GLU A C   
4   O  O   . GLU A 5  ? 0.6403 0.6760 0.5502 -0.0101 -0.0824 -0.0138 453 GLU A O   
5   C  CB  . GLU A 5  ? 0.5341 0.5803 0.4132 -0.0164 -0.0759 -0.0223 453 GLU A CB  
6   C  CG  . GLU A 5  ? 0.5445 0.5956 0.4048 -0.0222 -0.0682 -0.0238 453 GLU A CG  
7   C  CD  . GLU A 5  ? 0.5716 0.6153 0.4085 -0.0260 -0.0767 -0.0222 453 GLU A CD  
8   O  OE1 . GLU A 5  ? 0.5778 0.6144 0.4154 -0.0230 -0.0891 -0.0215 453 GLU A OE1 
9   O  OE2 . GLU A 5  ? 0.5868 0.6317 0.4046 -0.0320 -0.0710 -0.0219 453 GLU A OE2 
10  N  N   . GLU A 6  ? 0.5774 0.6247 0.5145 -0.0022 -0.0726 -0.0283 454 GLU A N   
11  C  CA  . GLU A 6  ? 0.4460 0.4859 0.3989 0.0020  -0.0792 -0.0274 454 GLU A CA  
12  C  C   . GLU A 6  ? 0.2708 0.3128 0.2440 0.0064  -0.0714 -0.0309 454 GLU A C   
13  O  O   . GLU A 6  ? 0.2840 0.3188 0.2690 0.0086  -0.0747 -0.0286 454 GLU A O   
14  C  CB  . GLU A 6  ? 0.4930 0.5298 0.4498 0.0051  -0.0892 -0.0325 454 GLU A CB  
15  C  CG  . GLU A 6  ? 0.5029 0.5330 0.4796 0.0099  -0.0950 -0.0333 454 GLU A CG  
16  C  CD  . GLU A 6  ? 0.4815 0.5098 0.4633 0.0128  -0.1058 -0.0384 454 GLU A CD  
17  O  OE1 . GLU A 6  ? 0.4948 0.5225 0.4601 0.0105  -0.1138 -0.0364 454 GLU A OE1 
18  O  OE2 . GLU A 6  ? 0.4650 0.4922 0.4671 0.0174  -0.1063 -0.0446 454 GLU A OE2 
19  N  N   . LYS A 7  ? 0.2309 0.2812 0.2072 0.0077  -0.0611 -0.0368 455 LYS A N   
20  C  CA  . LYS A 7  ? 0.1895 0.2405 0.1829 0.0124  -0.0535 -0.0403 455 LYS A CA  
21  C  C   . LYS A 7  ? 0.2043 0.2631 0.1945 0.0110  -0.0438 -0.0382 455 LYS A C   
22  O  O   . LYS A 7  ? 0.2279 0.2941 0.2055 0.0074  -0.0402 -0.0379 455 LYS A O   
23  C  CB  . LYS A 7  ? 0.2432 0.2958 0.2471 0.0173  -0.0500 -0.0509 455 LYS A CB  
24  C  CG  . LYS A 7  ? 0.2639 0.3121 0.2709 0.0183  -0.0593 -0.0550 455 LYS A CG  
25  C  CD  . LYS A 7  ? 0.2497 0.2888 0.2708 0.0208  -0.0654 -0.0532 455 LYS A CD  
26  C  CE  . LYS A 7  ? 0.3158 0.3526 0.3402 0.0217  -0.0754 -0.0577 455 LYS A CE  
27  N  NZ  . LYS A 7  ? 0.3546 0.3827 0.3922 0.0239  -0.0825 -0.0554 455 LYS A NZ  
28  N  N   . TYR A 8  ? 0.1824 0.2396 0.1842 0.0137  -0.0393 -0.0373 456 TYR A N   
29  C  CA  . TYR A 8  ? 0.1637 0.2287 0.1640 0.0128  -0.0312 -0.0350 456 TYR A CA  
30  C  C   . TYR A 8  ? 0.1845 0.2500 0.1985 0.0190  -0.0241 -0.0402 456 TYR A C   
31  O  O   . TYR A 8  ? 0.1864 0.2433 0.2110 0.0231  -0.0257 -0.0436 456 TYR A O   
32  C  CB  . TYR A 8  ? 0.1988 0.2606 0.1964 0.0083  -0.0342 -0.0262 456 TYR A CB  
33  C  CG  . TYR A 8  ? 0.2158 0.2755 0.1981 0.0020  -0.0405 -0.0204 456 TYR A CG  
34  C  CD1 . TYR A 8  ? 0.2416 0.2907 0.2222 0.0016  -0.0501 -0.0179 456 TYR A CD1 
35  C  CD2 . TYR A 8  ? 0.2334 0.3010 0.2024 -0.0034 -0.0366 -0.0178 456 TYR A CD2 
36  C  CE1 . TYR A 8  ? 0.2897 0.3353 0.2541 -0.0037 -0.0562 -0.0122 456 TYR A CE1 
37  C  CE2 . TYR A 8  ? 0.2591 0.3228 0.2116 -0.0094 -0.0417 -0.0126 456 TYR A CE2 
38  C  CZ  . TYR A 8  ? 0.3050 0.3571 0.2545 -0.0093 -0.0517 -0.0095 456 TYR A CZ  
39  O  OH  . TYR A 8  ? 0.3629 0.4096 0.2941 -0.0148 -0.0570 -0.0039 456 TYR A OH  
40  N  N   . TYR A 9  ? 0.1738 0.2487 0.1872 0.0200  -0.0163 -0.0407 457 TYR A N   
41  C  CA  . TYR A 9  ? 0.1579 0.2325 0.1821 0.0258  -0.0101 -0.0434 457 TYR A CA  
42  C  C   . TYR A 9  ? 0.1635 0.2409 0.1878 0.0232  -0.0098 -0.0368 457 TYR A C   
43  O  O   . TYR A 9  ? 0.1723 0.2591 0.1887 0.0183  -0.0089 -0.0331 457 TYR A O   
44  C  CB  . TYR A 9  ? 0.1646 0.2486 0.1888 0.0298  -0.0014 -0.0493 457 TYR A CB  
45  C  CG  . TYR A 9  ? 0.1487 0.2311 0.1724 0.0324  0.0004  -0.0569 457 TYR A CG  
46  C  CD1 . TYR A 9  ? 0.1617 0.2335 0.1937 0.0364  -0.0007 -0.0621 457 TYR A CD1 
47  C  CD2 . TYR A 9  ? 0.1938 0.2853 0.2090 0.0303  0.0039  -0.0597 457 TYR A CD2 
48  C  CE1 . TYR A 9  ? 0.1519 0.2230 0.1839 0.0382  0.0013  -0.0699 457 TYR A CE1 
49  C  CE2 . TYR A 9  ? 0.1780 0.2681 0.1921 0.0322  0.0059  -0.0671 457 TYR A CE2 
50  C  CZ  . TYR A 9  ? 0.1836 0.2638 0.2062 0.0361  0.0044  -0.0723 457 TYR A CZ  
51  O  OH  . TYR A 9  ? 0.2101 0.2896 0.2319 0.0373  0.0067  -0.0803 457 TYR A OH  
52  N  N   . MSE A 10 ? 0.1329 0.2023 0.1656 0.0259  -0.0100 -0.0356 458 MSE A N   
53  C  CA  . MSE A 10 ? 0.1201 0.1927 0.1538 0.0239  -0.0091 -0.0303 458 MSE A CA  
54  C  C   . MSE A 10 ? 0.1129 0.1890 0.1530 0.0305  -0.0025 -0.0339 458 MSE A C   
55  O  O   . MSE A 10 ? 0.1438 0.2113 0.1901 0.0366  -0.0002 -0.0385 458 MSE A O   
56  C  CB  . MSE A 10 ? 0.1283 0.1877 0.1655 0.0218  -0.0144 -0.0259 458 MSE A CB  
57  C  CG  . MSE A 10 ? 0.1212 0.1832 0.1581 0.0185  -0.0140 -0.0203 458 MSE A CG  
58  SE SE  . MSE A 10 ? 0.1710 0.2157 0.2109 0.0148  -0.0200 -0.0145 458 MSE A SE  
59  C  CE  . MSE A 10 ? 0.1791 0.2256 0.2070 0.0061  -0.0262 -0.0082 458 MSE A CE  
60  N  N   . ASP A 11 ? 0.1296 0.2183 0.1685 0.0292  0.0005  -0.0316 459 ASP A N   
61  C  CA  . ASP A 11 ? 0.1234 0.2161 0.1681 0.0360  0.0058  -0.0344 459 ASP A CA  
62  C  C   . ASP A 11 ? 0.1318 0.2118 0.1816 0.0388  0.0044  -0.0330 459 ASP A C   
63  O  O   . ASP A 11 ? 0.1171 0.1899 0.1662 0.0337  -0.0003 -0.0282 459 ASP A O   
64  C  CB  . ASP A 11 ? 0.1645 0.2744 0.2084 0.0340  0.0083  -0.0321 459 ASP A CB  
65  C  CG  . ASP A 11 ? 0.2562 0.3795 0.2975 0.0344  0.0131  -0.0356 459 ASP A CG  
66  O  OD1 . ASP A 11 ? 0.2132 0.3344 0.2493 0.0326  0.0130  -0.0378 459 ASP A OD1 
67  O  OD2 . ASP A 11 ? 0.2543 0.3911 0.2988 0.0363  0.0170  -0.0363 459 ASP A OD2 
68  N  N   . ALA A 12 ? 0.1366 0.2129 0.1905 0.0468  0.0090  -0.0372 460 ALA A N   
69  C  CA  . ALA A 12 ? 0.1276 0.1897 0.1848 0.0502  0.0088  -0.0368 460 ALA A CA  
70  C  C   . ALA A 12 ? 0.1251 0.1898 0.1818 0.0460  0.0055  -0.0309 460 ALA A C   
71  O  O   . ALA A 12 ? 0.1376 0.1888 0.1950 0.0437  0.0028  -0.0285 460 ALA A O   
72  C  CB  . ALA A 12 ? 0.1474 0.2025 0.2035 0.0562  0.0146  -0.0390 460 ALA A CB  
73  N  N   . ASP A 13 ? 0.1222 0.2035 0.1781 0.0445  0.0061  -0.0290 461 ASP A N   
74  C  CA  . ASP A 13 ? 0.1209 0.2059 0.1769 0.0403  0.0032  -0.0241 461 ASP A CA  
75  C  C   . ASP A 13 ? 0.1308 0.2110 0.1838 0.0308  -0.0016 -0.0190 461 ASP A C   
76  O  O   . ASP A 13 ? 0.1197 0.1901 0.1726 0.0279  -0.0041 -0.0158 461 ASP A O   
77  C  CB  . ASP A 13 ? 0.1012 0.2063 0.1589 0.0412  0.0049  -0.0241 461 ASP A CB  
78  C  CG  . ASP A 13 ? 0.1786 0.3000 0.2352 0.0378  0.0068  -0.0249 461 ASP A CG  
79  O  OD1 . ASP A 13 ? 0.1760 0.2942 0.2285 0.0335  0.0061  -0.0248 461 ASP A OD1 
80  O  OD2 . ASP A 13 ? 0.1982 0.3366 0.2581 0.0394  0.0091  -0.0260 461 ASP A OD2 
81  N  N   . LEU A 14 ? 0.1033 0.1887 0.1527 0.0258  -0.0027 -0.0181 462 LEU A N   
82  C  CA  . LEU A 14 ? 0.1233 0.2024 0.1685 0.0173  -0.0072 -0.0129 462 LEU A CA  
83  C  C   . LEU A 14 ? 0.1223 0.1816 0.1695 0.0185  -0.0098 -0.0127 462 LEU A C   
84  O  O   . LEU A 14 ? 0.1378 0.1883 0.1844 0.0138  -0.0128 -0.0084 462 LEU A O   
85  C  CB  . LEU A 14 ? 0.1378 0.2243 0.1768 0.0126  -0.0079 -0.0122 462 LEU A CB  
86  C  CG  . LEU A 14 ? 0.1258 0.2037 0.1587 0.0047  -0.0129 -0.0067 462 LEU A CG  
87  C  CD1 . LEU A 14 ? 0.1688 0.2474 0.2006 -0.0017 -0.0139 -0.0015 462 LEU A CD1 
88  C  CD2 . LEU A 14 ? 0.1276 0.2123 0.1518 0.0002  -0.0134 -0.0059 462 LEU A CD2 
89  N  N   . LEU A 15 ? 0.1048 0.1566 0.1553 0.0247  -0.0083 -0.0178 463 LEU A N   
90  C  CA  . LEU A 15 ? 0.1159 0.1494 0.1702 0.0257  -0.0104 -0.0185 463 LEU A CA  
91  C  C   . LEU A 15 ? 0.1238 0.1471 0.1809 0.0272  -0.0090 -0.0175 463 LEU A C   
92  O  O   . LEU A 15 ? 0.1257 0.1364 0.1839 0.0235  -0.0116 -0.0146 463 LEU A O   
93  C  CB  . LEU A 15 ? 0.1399 0.1682 0.1979 0.0317  -0.0083 -0.0252 463 LEU A CB  
94  C  CG  . LEU A 15 ? 0.1608 0.1710 0.2247 0.0329  -0.0097 -0.0271 463 LEU A CG  
95  C  CD1 . LEU A 15 ? 0.1747 0.1805 0.2378 0.0267  -0.0163 -0.0225 463 LEU A CD1 
96  C  CD2 . LEU A 15 ? 0.1944 0.2011 0.2626 0.0390  -0.0062 -0.0350 463 LEU A CD2 
97  N  N   . ARG A 16 ? 0.1203 0.1482 0.1778 0.0325  -0.0051 -0.0200 464 ARG A N   
98  C  CA  . ARG A 16 ? 0.1249 0.1429 0.1828 0.0342  -0.0039 -0.0191 464 ARG A CA  
99  C  C   . ARG A 16 ? 0.1331 0.1525 0.1885 0.0261  -0.0076 -0.0129 464 ARG A C   
100 O  O   . ARG A 16 ? 0.1573 0.1618 0.2129 0.0239  -0.0083 -0.0112 464 ARG A O   
101 C  CB  . ARG A 16 ? 0.1453 0.1716 0.2026 0.0412  -0.0003 -0.0219 464 ARG A CB  
102 C  CG  . ARG A 16 ? 0.1963 0.2138 0.2520 0.0435  0.0004  -0.0210 464 ARG A CG  
103 C  CD  . ARG A 16 ? 0.2178 0.2481 0.2726 0.0501  0.0024  -0.0227 464 ARG A CD  
104 N  NE  . ARG A 16 ? 0.2641 0.3155 0.3194 0.0453  -0.0003 -0.0195 464 ARG A NE  
105 C  CZ  . ARG A 16 ? 0.2651 0.3350 0.3222 0.0485  0.0013  -0.0212 464 ARG A CZ  
106 N  NH1 . ARG A 16 ? 0.3011 0.3711 0.3592 0.0567  0.0056  -0.0259 464 ARG A NH1 
107 N  NH2 . ARG A 16 ? 0.2243 0.3124 0.2826 0.0430  -0.0007 -0.0186 464 ARG A NH2 
108 N  N   . GLU A 17 ? 0.1199 0.1560 0.1727 0.0212  -0.0091 -0.0100 465 GLU A N   
109 C  CA  . GLU A 17 ? 0.1314 0.1695 0.1814 0.0132  -0.0116 -0.0046 465 GLU A CA  
110 C  C   . GLU A 17 ? 0.1468 0.1726 0.1953 0.0068  -0.0147 -0.0007 465 GLU A C   
111 O  O   . GLU A 17 ? 0.1493 0.1662 0.1967 0.0018  -0.0159 0.0027  465 GLU A O   
112 C  CB  . GLU A 17 ? 0.1106 0.1700 0.1587 0.0093  -0.0115 -0.0031 465 GLU A CB  
113 C  CG  . GLU A 17 ? 0.1260 0.1983 0.1770 0.0160  -0.0090 -0.0066 465 GLU A CG  
114 C  CD  . GLU A 17 ? 0.1893 0.2543 0.2407 0.0183  -0.0095 -0.0064 465 GLU A CD  
115 O  OE1 . GLU A 17 ? 0.1770 0.2418 0.2266 0.0112  -0.0117 -0.0027 465 GLU A OE1 
116 O  OE2 . GLU A 17 ? 0.2325 0.2911 0.2850 0.0270  -0.0075 -0.0098 465 GLU A OE2 
117 N  N   . ILE A 18 ? 0.1252 0.1497 0.1736 0.0070  -0.0161 -0.0014 466 ILE A N   
118 C  CA  . ILE A 18 ? 0.1377 0.1493 0.1853 0.0024  -0.0197 0.0020  466 ILE A CA  
119 C  C   . ILE A 18 ? 0.1381 0.1307 0.1913 0.0050  -0.0192 0.0006  466 ILE A C   
120 O  O   . ILE A 18 ? 0.1633 0.1452 0.2160 0.0000  -0.0206 0.0046  466 ILE A O   
121 C  CB  . ILE A 18 ? 0.1406 0.1547 0.1869 0.0032  -0.0221 0.0009  466 ILE A CB  
122 C  CG1 . ILE A 18 ? 0.1881 0.2179 0.2267 -0.0018 -0.0225 0.0037  466 ILE A CG1 
123 C  CG2 . ILE A 18 ? 0.1863 0.1852 0.2340 0.0009  -0.0264 0.0035  466 ILE A CG2 
124 C  CD1 . ILE A 18 ? 0.2022 0.2357 0.2371 -0.0009 -0.0245 0.0021  466 ILE A CD1 
125 N  N   . LYS A 19 ? 0.1668 0.1077 0.2301 0.0436  -0.0252 -0.0249 467 LYS A N   
126 C  CA  . LYS A 19 ? 0.1862 0.0894 0.2336 0.0301  -0.0084 -0.0249 467 LYS A CA  
127 C  C   . LYS A 19 ? 0.2085 0.1124 0.2149 0.0275  -0.0088 -0.0288 467 LYS A C   
128 O  O   . LYS A 19 ? 0.2116 0.1220 0.2175 0.0090  0.0145  -0.0353 467 LYS A O   
129 C  CB  . LYS A 19 ? 0.2358 0.0835 0.2425 0.0253  -0.0072 -0.0091 467 LYS A CB  
130 C  CG  . LYS A 19 ? 0.2741 0.1336 0.3145 0.0216  -0.0026 -0.0104 467 LYS A CG  
131 C  CD  . LYS A 19 ? 0.3624 0.1589 0.3678 0.0101  0.0022  0.0003  467 LYS A CD  
132 C  CE  . LYS A 19 ? 0.3838 0.2105 0.4281 0.0030  0.0082  -0.0101 467 LYS A CE  
133 N  NZ  . LYS A 19 ? 0.5483 0.3170 0.5654 -0.0108 0.0116  -0.0019 467 LYS A NZ  
134 N  N   . GLN A 20 ? 0.2362 0.1380 0.2114 0.0494  -0.0378 -0.0309 468 GLN A N   
135 C  CA  . GLN A 20 ? 0.2757 0.1813 0.2103 0.0542  -0.0459 -0.0415 468 GLN A CA  
136 C  C   . GLN A 20 ? 0.2227 0.1837 0.2128 0.0418  -0.0317 -0.0641 468 GLN A C   
137 O  O   . GLN A 20 ? 0.2425 0.2048 0.2108 0.0312  -0.0195 -0.0716 468 GLN A O   
138 C  CB  . GLN A 20 ? 0.3161 0.2191 0.2181 0.0888  -0.0885 -0.0507 468 GLN A CB  
139 C  CG  . GLN A 20 ? 0.4280 0.3368 0.2850 0.1030  -0.1062 -0.0692 468 GLN A CG  
140 C  CD  . GLN A 20 ? 0.6089 0.5022 0.4190 0.1463  -0.1551 -0.0805 468 GLN A CD  
141 O  OE1 . GLN A 20 ? 0.7179 0.5808 0.5231 0.1558  -0.1608 -0.0673 468 GLN A OE1 
142 N  NE2 . GLN A 20 ? 0.7041 0.6222 0.5112 0.1612  -0.1673 -0.1039 468 GLN A NE2 
143 N  N   . HIS A 21 ? 0.1781 0.1765 0.2320 0.0427  -0.0302 -0.0753 469 HIS A N   
144 C  CA  . HIS A 21 ? 0.1365 0.1700 0.2358 0.0295  -0.0120 -0.0952 469 HIS A CA  
145 C  C   . HIS A 21 ? 0.1419 0.1630 0.2440 0.0113  0.0154  -0.0897 469 HIS A C   
146 O  O   . HIS A 21 ? 0.1506 0.1857 0.2564 0.0000  0.0263  -0.1018 469 HIS A O   
147 C  CB  . HIS A 21 ? 0.1253 0.1740 0.2568 0.0231  -0.0091 -0.0892 469 HIS A CB  
148 C  CG  . HIS A 21 ? 0.1306 0.1865 0.2793 0.0026  0.0087  -0.0939 469 HIS A CG  
149 N  ND1 . HIS A 21 ? 0.1679 0.2508 0.3403 -0.0058 0.0084  -0.1201 469 HIS A ND1 
150 C  CD2 . HIS A 21 ? 0.1329 0.1694 0.2765 -0.0079 0.0236  -0.0786 469 HIS A CD2 
151 C  CE1 . HIS A 21 ? 0.1531 0.2206 0.3249 -0.0195 0.0285  -0.1126 469 HIS A CE1 
152 N  NE2 . HIS A 21 ? 0.1413 0.1830 0.2983 -0.0198 0.0352  -0.0898 469 HIS A NE2 
153 N  N   . LEU A 22 ? 0.1413 0.1423 0.2454 0.0089  0.0230  -0.0730 470 LEU A N   
154 C  CA  . LEU A 22 ? 0.1212 0.1246 0.2340 -0.0060 0.0402  -0.0697 470 LEU A CA  
155 C  C   . LEU A 22 ? 0.1558 0.1474 0.2428 -0.0189 0.0592  -0.0825 470 LEU A C   
156 O  O   . LEU A 22 ? 0.1573 0.1655 0.2548 -0.0299 0.0707  -0.0913 470 LEU A O   
157 C  CB  . LEU A 22 ? 0.1360 0.1346 0.2587 -0.0053 0.0378  -0.0573 470 LEU A CB  
158 C  CG  . LEU A 22 ? 0.1578 0.1596 0.2738 0.0034  0.0207  -0.0441 470 LEU A CG  
159 C  CD1 . LEU A 22 ? 0.1591 0.1607 0.2851 0.0037  0.0169  -0.0416 470 LEU A CD1 
160 C  CD2 . LEU A 22 ? 0.1553 0.1624 0.2784 -0.0009 0.0232  -0.0468 470 LEU A CD2 
161 N  N   . LYS A 23 ? 0.1919 0.1534 0.2254 -0.0192 0.0532  -0.0678 471 LYS A N   
162 C  CA  . LYS A 23 ? 0.2505 0.1879 0.2270 -0.0335 0.0703  -0.0665 471 LYS A CA  
163 C  C   . LYS A 23 ? 0.2743 0.2351 0.2372 -0.0287 0.0630  -0.0831 471 LYS A C   
164 O  O   . LYS A 23 ? 0.2805 0.2491 0.2365 -0.0430 0.0841  -0.0956 471 LYS A O   
165 C  CB  . LYS A 23 ? 0.3397 0.2179 0.2394 -0.0283 0.0629  -0.0437 471 LYS A CB  
166 C  CG  . LYS A 23 ? 0.4460 0.2783 0.2583 -0.0392 0.0820  -0.0377 471 LYS A CG  
167 C  CD  . LYS A 23 ? 0.6528 0.4038 0.3675 -0.0268 0.0714  -0.0118 471 LYS A CD  
168 C  CE  . LYS A 23 ? 0.7802 0.4865 0.4965 -0.0515 0.1019  0.0028  471 LYS A CE  
169 N  NZ  . LYS A 23 ? 0.9698 0.5700 0.5642 -0.0469 0.1055  0.0304  471 LYS A NZ  
170 N  N   . GLN A 24 ? 0.2471 0.2259 0.2159 -0.0091 0.0338  -0.0903 472 GLN A N   
171 C  CA  . GLN A 24 ? 0.2758 0.2847 0.2447 -0.0040 0.0238  -0.1152 472 GLN A CA  
172 C  C   . GLN A 24 ? 0.2156 0.2575 0.2469 -0.0194 0.0443  -0.1343 472 GLN A C   
173 O  O   . GLN A 24 ? 0.2907 0.3460 0.3148 -0.0254 0.0499  -0.1489 472 GLN A O   
174 C  CB  . GLN A 24 ? 0.3059 0.3376 0.2848 0.0195  -0.0116 -0.1298 472 GLN A CB  
175 C  CG  . GLN A 24 ? 0.3739 0.3659 0.2751 0.0452  -0.0411 -0.1172 472 GLN A CG  
176 C  CD  . GLN A 24 ? 0.4778 0.5020 0.4062 0.0728  -0.0798 -0.1382 472 GLN A CD  
177 O  OE1 . GLN A 24 ? 0.4564 0.5285 0.4660 0.0654  -0.0753 -0.1563 472 GLN A OE1 
178 N  NE2 . GLN A 24 ? 0.5277 0.5210 0.3837 0.1061  -0.1165 -0.1385 472 GLN A NE2 
179 N  N   A GLN A 25 ? 0.1993 0.2470 0.2819 -0.0223 0.0494  -0.1233 473 GLN A N   
180 N  N   B GLN A 25 ? 0.2028 0.2504 0.2851 -0.0228 0.0499  -0.1234 473 GLN A N   
181 C  CA  A GLN A 25 ? 0.1623 0.2209 0.2814 -0.0338 0.0571  -0.1191 473 GLN A CA  
182 C  CA  B GLN A 25 ? 0.1639 0.2245 0.2819 -0.0342 0.0572  -0.1213 473 GLN A CA  
183 C  C   A GLN A 25 ? 0.1852 0.2394 0.2930 -0.0439 0.0710  -0.1222 473 GLN A C   
184 C  C   B GLN A 25 ? 0.1787 0.2321 0.2921 -0.0444 0.0707  -0.1202 473 GLN A C   
185 O  O   A GLN A 25 ? 0.1934 0.2599 0.3068 -0.0503 0.0745  -0.1336 473 GLN A O   
186 O  O   B GLN A 25 ? 0.1512 0.2123 0.2798 -0.0510 0.0734  -0.1269 473 GLN A O   
187 C  CB  A GLN A 25 ? 0.1204 0.1644 0.2578 -0.0328 0.0539  -0.1002 473 GLN A CB  
188 C  CB  B GLN A 25 ? 0.1392 0.1906 0.2805 -0.0339 0.0532  -0.1061 473 GLN A CB  
189 C  CG  A GLN A 25 ? 0.1785 0.2154 0.3225 -0.0349 0.0580  -0.0965 473 GLN A CG  
190 C  CG  B GLN A 25 ? 0.1467 0.2054 0.2978 -0.0283 0.0438  -0.1076 473 GLN A CG  
191 C  CD  A GLN A 25 ? 0.0970 0.1172 0.2429 -0.0291 0.0584  -0.0820 473 GLN A CD  
192 C  CD  B GLN A 25 ? 0.3102 0.4016 0.4720 -0.0255 0.0359  -0.1328 473 GLN A CD  
193 O  OE1 A GLN A 25 ? 0.1411 0.1561 0.2828 -0.0225 0.0517  -0.0724 473 GLN A OE1 
194 O  OE1 B GLN A 25 ? 0.2772 0.3870 0.4522 -0.0332 0.0413  -0.1480 473 GLN A OE1 
195 N  NE2 A GLN A 25 ? 0.1870 0.1973 0.3389 -0.0303 0.0692  -0.0846 473 GLN A NE2 
196 N  NE2 B GLN A 25 ? 0.1115 0.2127 0.2675 -0.0096 0.0182  -0.1398 473 GLN A NE2 
197 N  N   . GLN A 26 ? 0.1659 0.2047 0.2624 -0.0472 0.0807  -0.1152 474 GLN A N   
198 C  CA  . GLN A 26 ? 0.1683 0.2066 0.2670 -0.0607 0.0952  -0.1218 474 GLN A CA  
199 C  C   . GLN A 26 ? 0.2211 0.2642 0.2845 -0.0684 0.1076  -0.1339 474 GLN A C   
200 O  O   . GLN A 26 ? 0.2151 0.2708 0.2929 -0.0763 0.1124  -0.1450 474 GLN A O   
201 C  CB  . GLN A 26 ? 0.1815 0.2023 0.2760 -0.0681 0.1082  -0.1179 474 GLN A CB  
202 C  CG  . GLN A 26 ? 0.2399 0.2624 0.3427 -0.0841 0.1233  -0.1331 474 GLN A CG  
203 C  CD  . GLN A 26 ? 0.2587 0.3015 0.4010 -0.0763 0.1068  -0.1416 474 GLN A CD  
204 O  OE1 . GLN A 26 ? 0.2792 0.3263 0.4430 -0.0638 0.0934  -0.1370 474 GLN A OE1 
205 N  NE2 . GLN A 26 ? 0.3201 0.3771 0.4656 -0.0811 0.1079  -0.1523 474 GLN A NE2 
206 N  N   . GLU A 27 ? 0.2588 0.2855 0.2636 -0.0630 0.1089  -0.1337 475 GLU A N   
207 C  CA  . GLU A 27 ? 0.3655 0.3848 0.3109 -0.0649 0.1152  -0.1425 475 GLU A CA  
208 C  C   . GLU A 27 ? 0.3009 0.3550 0.2826 -0.0581 0.0990  -0.1594 475 GLU A C   
209 O  O   . GLU A 27 ? 0.3655 0.4289 0.3405 -0.0640 0.1075  -0.1697 475 GLU A O   
210 C  CB  . GLU A 27 ? 0.4786 0.4554 0.3292 -0.0521 0.1044  -0.1342 475 GLU A CB  
211 C  CG  . GLU A 27 ? 0.6103 0.5325 0.4138 -0.0632 0.1237  -0.1058 475 GLU A CG  
212 C  CD  . GLU A 27 ? 0.7527 0.6196 0.4732 -0.0399 0.0958  -0.0821 475 GLU A CD  
213 O  OE1 . GLU A 27 ? 0.7808 0.6691 0.5180 -0.0129 0.0550  -0.0885 475 GLU A OE1 
214 O  OE2 . GLU A 27 ? 0.8666 0.6641 0.5035 -0.0486 0.1165  -0.0602 475 GLU A OE2 
215 N  N   . GLY A 28 ? 0.3112 0.3832 0.3361 -0.0490 0.0798  -0.1619 476 GLY A N   
216 C  CA  . GLY A 28 ? 0.3238 0.4242 0.3885 -0.0489 0.0708  -0.1769 476 GLY A CA  
217 C  C   . GLY A 28 ? 0.2986 0.4050 0.4067 -0.0610 0.0815  -0.1755 476 GLY A C   
218 O  O   . GLY A 28 ? 0.2941 0.4162 0.4135 -0.0645 0.0831  -0.1908 476 GLY A O   
219 N  N   . LEU A 29 ? 0.2604 0.3520 0.3884 -0.0636 0.0843  -0.1600 477 LEU A N   
220 C  CA  . LEU A 29 ? 0.2110 0.3006 0.3654 -0.0670 0.0869  -0.1609 477 LEU A CA  
221 C  C   . LEU A 29 ? 0.1949 0.2938 0.3413 -0.0741 0.0965  -0.1743 477 LEU A C   
222 O  O   . LEU A 29 ? 0.1966 0.3061 0.3594 -0.0754 0.0979  -0.1866 477 LEU A O   
223 C  CB  . LEU A 29 ? 0.1784 0.2499 0.3430 -0.0598 0.0821  -0.1447 477 LEU A CB  
224 C  CG  . LEU A 29 ? 0.2333 0.2882 0.3998 -0.0502 0.0761  -0.1285 477 LEU A CG  
225 C  CD1 . LEU A 29 ? 0.3199 0.3629 0.4883 -0.0405 0.0708  -0.1176 477 LEU A CD1 
226 C  CD2 . LEU A 29 ? 0.3039 0.3548 0.4829 -0.0509 0.0828  -0.1353 477 LEU A CD2 
227 N  N   . SER A 30 ? 0.2117 0.3047 0.3311 -0.0797 0.1070  -0.1730 478 SER A N   
228 C  CA  . SER A 30 ? 0.2425 0.3431 0.3557 -0.0909 0.1225  -0.1869 478 SER A CA  
229 C  C   . SER A 30 ? 0.2887 0.4031 0.3820 -0.0908 0.1257  -0.2006 478 SER A C   
230 O  O   . SER A 30 ? 0.2811 0.4113 0.3928 -0.0953 0.1302  -0.2164 478 SER A O   
231 C  CB  . SER A 30 ? 0.2850 0.3675 0.3616 -0.1019 0.1423  -0.1814 478 SER A CB  
232 O  OG  . SER A 30 ? 0.3262 0.4004 0.4308 -0.1044 0.1407  -0.1776 478 SER A OG  
233 N  N   . HIS A 31 ? 0.4810 0.1984 0.3561 -0.0065 0.0947  -0.1026 479 HIS A N   
234 C  CA  . HIS A 31 ? 0.4957 0.2057 0.3433 0.0121  0.0923  -0.0843 479 HIS A CA  
235 C  C   . HIS A 31 ? 0.3962 0.1844 0.2846 0.0150  0.0694  -0.0836 479 HIS A C   
236 O  O   . HIS A 31 ? 0.3782 0.1832 0.2764 0.0080  0.0715  -0.0779 479 HIS A O   
237 C  CB  . HIS A 31 ? 0.5592 0.2251 0.3516 0.0504  0.0849  -0.0729 479 HIS A CB  
238 C  CG  . HIS A 31 ? 0.6560 0.3241 0.4207 0.0772  0.0722  -0.0612 479 HIS A CG  
239 N  ND1 . HIS A 31 ? 0.7427 0.3686 0.4700 0.0744  0.0893  -0.0490 479 HIS A ND1 
240 C  CD2 . HIS A 31 ? 0.6822 0.3962 0.4574 0.1060  0.0435  -0.0637 479 HIS A CD2 
241 C  CE1 . HIS A 31 ? 0.7157 0.3572 0.4227 0.1041  0.0675  -0.0448 479 HIS A CE1 
242 N  NE2 . HIS A 31 ? 0.6652 0.3646 0.4077 0.1222  0.0384  -0.0557 479 HIS A NE2 
243 N  N   . LEU A 32 ? 0.3664 0.1962 0.2755 0.0253  0.0520  -0.0897 480 LEU A N   
244 C  CA  . LEU A 32 ? 0.3274 0.2175 0.2693 0.0279  0.0381  -0.0884 480 LEU A CA  
245 C  C   . LEU A 32 ? 0.2715 0.1928 0.2452 0.0050  0.0399  -0.0914 480 LEU A C   
246 O  O   . LEU A 32 ? 0.2414 0.1880 0.2304 0.0035  0.0370  -0.0855 480 LEU A O   
247 C  CB  . LEU A 32 ? 0.3127 0.2306 0.2663 0.0407  0.0299  -0.0946 480 LEU A CB  
248 C  CG  . LEU A 32 ? 0.2446 0.2128 0.2296 0.0411  0.0253  -0.0930 480 LEU A CG  
249 C  CD1 . LEU A 32 ? 0.3183 0.2991 0.3120 0.0512  0.0192  -0.0901 480 LEU A CD1 
250 C  CD2 . LEU A 32 ? 0.2444 0.2297 0.2360 0.0520  0.0278  -0.0994 480 LEU A CD2 
251 N  N   . MSE A 33 ? 0.2754 0.1973 0.2618 -0.0104 0.0423  -0.1044 481 MSE A N   
252 C  CA  . MSE A 33 ? 0.2486 0.2055 0.2686 -0.0253 0.0386  -0.1123 481 MSE A CA  
253 C  C   . MSE A 33 ? 0.2528 0.2001 0.2826 -0.0392 0.0531  -0.1087 481 MSE A C   
254 O  O   . MSE A 33 ? 0.2282 0.2075 0.2801 -0.0413 0.0489  -0.1064 481 MSE A O   
255 C  CB  . MSE A 33 ? 0.2614 0.2273 0.2984 -0.0355 0.0325  -0.1356 481 MSE A CB  
256 C  CG  . MSE A 33 ? 0.2882 0.2693 0.3085 -0.0174 0.0166  -0.1386 481 MSE A CG  
257 SE SE  . MSE A 33 ? 0.3544 0.3378 0.3810 -0.0229 0.0032  -0.1743 481 MSE A SE  
258 C  CE  . MSE A 33 ? 0.3665 0.4074 0.4258 -0.0193 -0.0207 -0.1893 481 MSE A CE  
259 N  N   . SER A 34 ? 0.2962 0.1926 0.3027 -0.0462 0.0737  -0.1066 482 SER A N   
260 C  CA  . SER A 34 ? 0.3135 0.1904 0.3193 -0.0590 0.0955  -0.1020 482 SER A CA  
261 C  C   . SER A 34 ? 0.2957 0.1819 0.2823 -0.0414 0.0871  -0.0849 482 SER A C   
262 O  O   . SER A 34 ? 0.2788 0.1843 0.2843 -0.0493 0.0928  -0.0847 482 SER A O   
263 C  CB  . SER A 34 ? 0.5144 0.3161 0.4816 -0.0669 0.1271  -0.0992 482 SER A CB  
264 O  OG  . SER A 34 ? 0.6294 0.3845 0.5346 -0.0385 0.1225  -0.0817 482 SER A OG  
265 N  N   . ILE A 35 ? 0.3018 0.1782 0.2566 -0.0169 0.0729  -0.0751 483 ILE A N   
266 C  CA  . ILE A 35 ? 0.2920 0.1796 0.2347 -0.0010 0.0629  -0.0670 483 ILE A CA  
267 C  C   . ILE A 35 ? 0.2325 0.1792 0.2202 -0.0049 0.0488  -0.0707 483 ILE A C   
268 O  O   . ILE A 35 ? 0.2363 0.1954 0.2294 -0.0044 0.0478  -0.0687 483 ILE A O   
269 C  CB  . ILE A 35 ? 0.3298 0.1949 0.2318 0.0299  0.0488  -0.0628 483 ILE A CB  
270 C  CG1 . ILE A 35 ? 0.3315 0.2289 0.2576 0.0395  0.0329  -0.0699 483 ILE A CG1 
271 C  CG2 . ILE A 35 ? 0.4343 0.2214 0.2715 0.0409  0.0658  -0.0545 483 ILE A CG2 
272 C  CD1 . ILE A 35 ? 0.3990 0.2874 0.2999 0.0728  0.0162  -0.0727 483 ILE A CD1 
273 N  N   . ILE A 36 ? 0.2179 0.1926 0.2304 -0.0076 0.0409  -0.0757 484 ILE A N   
274 C  CA  . ILE A 36 ? 0.1982 0.2123 0.2402 -0.0094 0.0342  -0.0760 484 ILE A CA  
275 C  C   . ILE A 36 ? 0.1823 0.2081 0.2446 -0.0223 0.0394  -0.0788 484 ILE A C   
276 O  O   . ILE A 36 ? 0.1623 0.2021 0.2360 -0.0218 0.0395  -0.0757 484 ILE A O   
277 C  CB  . ILE A 36 ? 0.1969 0.2253 0.2442 -0.0053 0.0287  -0.0791 484 ILE A CB  
278 C  CG1 . ILE A 36 ? 0.1823 0.2097 0.2221 0.0077  0.0271  -0.0787 484 ILE A CG1 
279 C  CG2 . ILE A 36 ? 0.2053 0.2563 0.2670 -0.0046 0.0269  -0.0762 484 ILE A CG2 
280 C  CD1 . ILE A 36 ? 0.2125 0.2419 0.2453 0.0125  0.0275  -0.0822 484 ILE A CD1 
281 N  N   . LYS A 37 ? 0.1791 0.2011 0.2516 -0.0340 0.0447  -0.0887 485 LYS A N   
282 C  CA  . LYS A 37 ? 0.1899 0.2340 0.2955 -0.0450 0.0489  -0.0987 485 LYS A CA  
283 C  C   . LYS A 37 ? 0.2152 0.2453 0.3156 -0.0501 0.0652  -0.0926 485 LYS A C   
284 O  O   . LYS A 37 ? 0.1915 0.2443 0.3121 -0.0488 0.0638  -0.0935 485 LYS A O   
285 C  CB  . LYS A 37 ? 0.2053 0.2524 0.3364 -0.0607 0.0545  -0.1195 485 LYS A CB  
286 C  CG  . LYS A 37 ? 0.2884 0.3737 0.4708 -0.0701 0.0555  -0.1386 485 LYS A CG  
287 C  CD  . LYS A 37 ? 0.3467 0.4461 0.5596 -0.0786 0.0551  -0.1627 485 LYS A CD  
288 C  CE  . LYS A 37 ? 0.3684 0.5043 0.6235 -0.0755 0.0528  -0.1797 485 LYS A CE  
289 N  NZ  . LYS A 37 ? 0.4718 0.6219 0.7629 -0.0848 0.0573  -0.2071 485 LYS A NZ  
290 N  N   . ASP A 38 ? 0.2040 0.1901 0.2683 -0.0514 0.0806  -0.0859 486 ASP A N   
291 C  CA  . ASP A 38 ? 0.2281 0.1908 0.2725 -0.0528 0.0988  -0.0804 486 ASP A CA  
292 C  C   . ASP A 38 ? 0.2101 0.1858 0.2433 -0.0368 0.0833  -0.0734 486 ASP A C   
293 O  O   . ASP A 38 ? 0.2278 0.2061 0.2640 -0.0388 0.0921  -0.0742 486 ASP A O   
294 C  CB  . ASP A 38 ? 0.3527 0.2498 0.3405 -0.0503 0.1199  -0.0722 486 ASP A CB  
295 C  CG  . ASP A 38 ? 0.5375 0.4085 0.5393 -0.0748 0.1517  -0.0820 486 ASP A CG  
296 O  OD1 . ASP A 38 ? 0.6175 0.5260 0.6775 -0.0948 0.1614  -0.0986 486 ASP A OD1 
297 O  OD2 . ASP A 38 ? 0.5678 0.3801 0.5253 -0.0733 0.1677  -0.0759 486 ASP A OD2 
298 N  N   . ASP A 39 ? 0.1971 0.1810 0.2218 -0.0227 0.0635  -0.0702 487 ASP A N   
299 C  CA  . ASP A 39 ? 0.1844 0.1834 0.2098 -0.0115 0.0509  -0.0710 487 ASP A CA  
300 C  C   . ASP A 39 ? 0.1480 0.1806 0.2134 -0.0184 0.0491  -0.0734 487 ASP A C   
301 O  O   . ASP A 39 ? 0.1536 0.1898 0.2224 -0.0170 0.0501  -0.0761 487 ASP A O   
302 C  CB  . ASP A 39 ? 0.1887 0.1952 0.2099 0.0030  0.0338  -0.0739 487 ASP A CB  
303 C  CG  . ASP A 39 ? 0.3244 0.3390 0.3413 0.0161  0.0210  -0.0831 487 ASP A CG  
304 O  OD1 . ASP A 39 ? 0.2744 0.2921 0.2957 0.0117  0.0247  -0.0860 487 ASP A OD1 
305 O  OD2 . ASP A 39 ? 0.4728 0.4929 0.4845 0.0326  0.0053  -0.0913 487 ASP A OD2 
306 N  N   . LEU A 40 ? 0.1464 0.1969 0.2339 -0.0221 0.0462  -0.0730 488 LEU A N   
307 C  CA  . LEU A 40 ? 0.1558 0.2255 0.2659 -0.0205 0.0441  -0.0723 488 LEU A CA  
308 C  C   . LEU A 40 ? 0.1406 0.2200 0.2686 -0.0239 0.0498  -0.0772 488 LEU A C   
309 O  O   . LEU A 40 ? 0.1321 0.2185 0.2717 -0.0185 0.0498  -0.0767 488 LEU A O   
310 C  CB  . LEU A 40 ? 0.1876 0.2644 0.2985 -0.0147 0.0377  -0.0697 488 LEU A CB  
311 C  CG  . LEU A 40 ? 0.2741 0.3462 0.3771 -0.0111 0.0384  -0.0664 488 LEU A CG  
312 C  CD1 . LEU A 40 ? 0.4334 0.4989 0.5270 -0.0109 0.0354  -0.0707 488 LEU A CD1 
313 C  CD2 . LEU A 40 ? 0.3024 0.3730 0.3935 -0.0041 0.0364  -0.0636 488 LEU A CD2 
314 N  N   . GLU A 41 ? 0.1324 0.2099 0.2660 -0.0334 0.0584  -0.0841 489 GLU A N   
315 C  CA  . GLU A 41 ? 0.1215 0.2152 0.2843 -0.0391 0.0687  -0.0945 489 GLU A CA  
316 C  C   . GLU A 41 ? 0.1546 0.2255 0.2969 -0.0417 0.0852  -0.0911 489 GLU A C   
317 O  O   . GLU A 41 ? 0.2003 0.2412 0.3150 -0.0484 0.1011  -0.0891 489 GLU A O   
318 C  CB  . GLU A 41 ? 0.1382 0.2358 0.3204 -0.0518 0.0760  -0.1079 489 GLU A CB  
319 C  CG  . GLU A 41 ? 0.1490 0.2569 0.3569 -0.0555 0.0839  -0.1198 489 GLU A CG  
320 C  CD  . GLU A 41 ? 0.3235 0.4323 0.5545 -0.0695 0.0952  -0.1380 489 GLU A CD  
321 O  OE1 . GLU A 41 ? 0.3371 0.4117 0.5478 -0.0831 0.1173  -0.1355 489 GLU A OE1 
322 O  OE2 . GLU A 41 ? 0.3212 0.4630 0.5902 -0.0656 0.0834  -0.1571 489 GLU A OE2 
323 N  N   . ASP A 42 ? 0.1747 0.2117 0.2192 -0.0158 0.0534  -0.1191 490 ASP A N   
324 C  CA  . ASP A 42 ? 0.1501 0.1886 0.2095 -0.0133 0.0490  -0.0985 490 ASP A CA  
325 C  C   . ASP A 42 ? 0.1439 0.2068 0.1979 -0.0220 0.0373  -0.0981 490 ASP A C   
326 O  O   . ASP A 42 ? 0.1486 0.2211 0.2131 -0.0278 0.0336  -0.0831 490 ASP A O   
327 C  CB  . ASP A 42 ? 0.1415 0.1832 0.1946 0.0007  0.0485  -0.0830 490 ASP A CB  
328 C  CG  . ASP A 42 ? 0.1450 0.1626 0.2106 0.0093  0.0602  -0.0762 490 ASP A CG  
329 O  OD1 . ASP A 42 ? 0.1708 0.1762 0.2659 0.0058  0.0651  -0.0588 490 ASP A OD1 
330 O  OD2 . ASP A 42 ? 0.1715 0.1851 0.2188 0.0180  0.0604  -0.0773 490 ASP A OD2 
331 N  N   . ILE A 43 ? 0.1628 0.2433 0.2017 -0.0254 0.0322  -0.1133 491 ILE A N   
332 C  CA  . ILE A 43 ? 0.1698 0.2734 0.2101 -0.0331 0.0233  -0.1131 491 ILE A CA  
333 C  C   . ILE A 43 ? 0.1738 0.2823 0.2110 -0.0446 0.0209  -0.1256 491 ILE A C   
334 O  O   . ILE A 43 ? 0.2141 0.3299 0.2389 -0.0455 0.0221  -0.1332 491 ILE A O   
335 C  CB  . ILE A 43 ? 0.1839 0.3130 0.2230 -0.0230 0.0203  -0.1060 491 ILE A CB  
336 C  CG1 . ILE A 43 ? 0.1979 0.3190 0.2458 -0.0128 0.0267  -0.0950 491 ILE A CG1 
337 C  CG2 . ILE A 43 ? 0.1967 0.3494 0.2473 -0.0309 0.0153  -0.1062 491 ILE A CG2 
338 C  CD1 . ILE A 43 ? 0.2066 0.3399 0.2681 -0.0023 0.0278  -0.0837 491 ILE A CD1 
339 N  N   . LYS A 44 ? 0.1692 0.2769 0.2185 -0.0553 0.0186  -0.1252 492 LYS A N   
340 C  CA  . LYS A 44 ? 0.1887 0.2987 0.2387 -0.0656 0.0185  -0.1351 492 LYS A CA  
341 C  C   . LYS A 44 ? 0.2102 0.3363 0.2621 -0.0693 0.0106  -0.1259 492 LYS A C   
342 O  O   . LYS A 44 ? 0.1873 0.3117 0.2483 -0.0696 0.0094  -0.1144 492 LYS A O   
343 C  CB  . LYS A 44 ? 0.2240 0.3053 0.2990 -0.0752 0.0299  -0.1460 492 LYS A CB  
344 C  CG  . LYS A 44 ? 0.3495 0.4327 0.4294 -0.0871 0.0334  -0.1608 492 LYS A CG  
345 C  CD  . LYS A 44 ? 0.4060 0.4611 0.5167 -0.0939 0.0535  -0.1779 492 LYS A CD  
346 C  CE  . LYS A 44 ? 0.4110 0.4711 0.5310 -0.1080 0.0601  -0.1968 492 LYS A CE  
347 N  NZ  . LYS A 44 ? 0.5295 0.5609 0.6962 -0.1136 0.0859  -0.2127 492 LYS A NZ  
348 N  N   . LEU A 45 ? 0.2238 0.3689 0.2671 -0.0741 0.0061  -0.1303 493 LEU A N   
349 C  CA  . LEU A 45 ? 0.2149 0.3728 0.2626 -0.0774 0.0000  -0.1223 493 LEU A CA  
350 C  C   . LEU A 45 ? 0.2143 0.3531 0.2757 -0.0868 0.0017  -0.1247 493 LEU A C   
351 O  O   . LEU A 45 ? 0.2625 0.3872 0.3325 -0.0952 0.0077  -0.1389 493 LEU A O   
352 C  CB  . LEU A 45 ? 0.1997 0.3895 0.2380 -0.0829 -0.0063 -0.1244 493 LEU A CB  
353 C  CG  . LEU A 45 ? 0.2777 0.4879 0.3234 -0.0863 -0.0135 -0.1147 493 LEU A CG  
354 C  CD1 . LEU A 45 ? 0.2436 0.4656 0.3050 -0.0760 -0.0135 -0.1006 493 LEU A CD1 
355 C  CD2 . LEU A 45 ? 0.3338 0.5818 0.3697 -0.0966 -0.0202 -0.1157 493 LEU A CD2 
356 N  N   . VAL A 46 ? 0.2302 0.3710 0.2994 -0.0867 -0.0012 -0.1113 494 VAL A N   
357 C  CA  . VAL A 46 ? 0.2762 0.4086 0.3636 -0.0971 -0.0023 -0.1075 494 VAL A CA  
358 C  C   . VAL A 46 ? 0.3483 0.4869 0.4362 -0.1049 -0.0059 -0.1167 494 VAL A C   
359 O  O   . VAL A 46 ? 0.3340 0.4913 0.4103 -0.1025 -0.0110 -0.1146 494 VAL A O   
360 C  CB  . VAL A 46 ? 0.2116 0.3538 0.3027 -0.0968 -0.0045 -0.0892 494 VAL A CB  
361 C  CG1 . VAL A 46 ? 0.2511 0.3934 0.3671 -0.1085 -0.0075 -0.0786 494 VAL A CG1 
362 C  CG2 . VAL A 46 ? 0.1942 0.3369 0.2820 -0.0925 -0.0007 -0.0802 494 VAL A CG2 
363 O  OXT . VAL A 46 ? 0.3854 0.5121 0.4912 -0.1154 -0.0024 -0.1262 494 VAL A OXT 
364 N  N   . GLU B 5  ? 0.7070 0.4679 0.6962 -0.0936 -0.1039 0.1256  453 GLU B N   
365 C  CA  . GLU B 5  ? 0.6191 0.3958 0.5653 -0.1026 -0.0987 0.1176  453 GLU B CA  
366 C  C   . GLU B 5  ? 0.5743 0.3536 0.5219 -0.0878 -0.0936 0.1027  453 GLU B C   
367 O  O   . GLU B 5  ? 0.6011 0.3738 0.5573 -0.0780 -0.0819 0.0811  453 GLU B O   
368 C  CB  . GLU B 5  ? 0.6306 0.4036 0.5610 -0.1134 -0.0869 0.1039  453 GLU B CB  
369 C  CG  . GLU B 5  ? 0.6822 0.4564 0.6029 -0.1307 -0.0894 0.1167  453 GLU B CG  
370 C  CD  . GLU B 5  ? 0.6854 0.4586 0.5947 -0.1414 -0.0770 0.1005  453 GLU B CD  
371 O  OE1 . GLU B 5  ? 0.6659 0.4399 0.5792 -0.1337 -0.0676 0.0788  453 GLU B OE1 
372 O  OE2 . GLU B 5  ? 0.7044 0.4818 0.6013 -0.1567 -0.0762 0.1075  453 GLU B OE2 
373 N  N   . GLU B 6  ? 0.4866 0.2806 0.4247 -0.0867 -0.1009 0.1119  454 GLU B N   
374 C  CA  . GLU B 6  ? 0.3794 0.1787 0.3225 -0.0706 -0.0948 0.0974  454 GLU B CA  
375 C  C   . GLU B 6  ? 0.3926 0.2168 0.3093 -0.0700 -0.0773 0.0771  454 GLU B C   
376 O  O   . GLU B 6  ? 0.3817 0.2260 0.2718 -0.0844 -0.0746 0.0805  454 GLU B O   
377 C  CB  . GLU B 6  ? 0.4314 0.2412 0.3768 -0.0712 -0.1083 0.1131  454 GLU B CB  
378 C  CG  . GLU B 6  ? 0.4234 0.2361 0.3846 -0.0520 -0.1018 0.0974  454 GLU B CG  
379 C  CD  . GLU B 6  ? 0.5427 0.3685 0.5052 -0.0547 -0.1154 0.1118  454 GLU B CD  
380 O  OE1 . GLU B 6  ? 0.6637 0.4926 0.6440 -0.0602 -0.1312 0.1309  454 GLU B OE1 
381 O  OE2 . GLU B 6  ? 0.5720 0.4177 0.5228 -0.0505 -0.1053 0.0974  454 GLU B OE2 
382 N  N   . LYS B 7  ? 0.3330 0.1570 0.2602 -0.0548 -0.0647 0.0564  455 LYS B N   
383 C  CA  . LYS B 7  ? 0.3109 0.1579 0.2219 -0.0528 -0.0495 0.0413  455 LYS B CA  
384 C  C   . LYS B 7  ? 0.2987 0.1475 0.2225 -0.0343 -0.0400 0.0256  455 LYS B C   
385 O  O   . LYS B 7  ? 0.2943 0.1248 0.2384 -0.0247 -0.0428 0.0218  455 LYS B O   
386 C  CB  . LYS B 7  ? 0.3310 0.1810 0.2339 -0.0626 -0.0450 0.0369  455 LYS B CB  
387 C  CG  . LYS B 7  ? 0.3455 0.1798 0.2642 -0.0566 -0.0430 0.0257  455 LYS B CG  
388 C  CD  . LYS B 7  ? 0.3980 0.2298 0.3120 -0.0707 -0.0422 0.0238  455 LYS B CD  
389 C  CE  . LYS B 7  ? 0.4343 0.2537 0.3650 -0.0674 -0.0372 0.0076  455 LYS B CE  
390 N  NZ  . LYS B 7  ? 0.5193 0.3324 0.4514 -0.0823 -0.0359 0.0030  455 LYS B NZ  
391 N  N   . TYR B 8  ? 0.2704 0.1414 0.1862 -0.0301 -0.0279 0.0171  456 TYR B N   
392 C  CA  . TYR B 8  ? 0.2523 0.1283 0.1776 -0.0141 -0.0185 0.0063  456 TYR B CA  
393 C  C   . TYR B 8  ? 0.2446 0.1372 0.1663 -0.0118 -0.0092 -0.0006 456 TYR B C   
394 O  O   . TYR B 8  ? 0.2425 0.1553 0.1600 -0.0168 -0.0041 0.0024  456 TYR B O   
395 C  CB  . TYR B 8  ? 0.2474 0.1360 0.1736 -0.0101 -0.0133 0.0069  456 TYR B CB  
396 C  CG  . TYR B 8  ? 0.2512 0.1272 0.1828 -0.0117 -0.0251 0.0146  456 TYR B CG  
397 C  CD1 . TYR B 8  ? 0.2696 0.1467 0.1892 -0.0283 -0.0365 0.0286  456 TYR B CD1 
398 C  CD2 . TYR B 8  ? 0.3059 0.1708 0.2556 0.0019  -0.0260 0.0094  456 TYR B CD2 
399 C  CE1 . TYR B 8  ? 0.3128 0.1821 0.2389 -0.0313 -0.0513 0.0409  456 TYR B CE1 
400 C  CE2 . TYR B 8  ? 0.3482 0.2041 0.3093 0.0007  -0.0395 0.0191  456 TYR B CE2 
401 C  CZ  . TYR B 8  ? 0.3837 0.2431 0.3330 -0.0159 -0.0534 0.0365  456 TYR B CZ  
402 O  OH  . TYR B 8  ? 0.3977 0.2526 0.3597 -0.0187 -0.0705 0.0512  456 TYR B OH  
403 N  N   . TYR B 9  ? 0.2443 0.1304 0.1701 -0.0062 -0.0070 -0.0096 457 TYR B N   
404 C  CA  . TYR B 9  ? 0.2385 0.1441 0.1591 -0.0052 -0.0006 -0.0135 457 TYR B CA  
405 C  C   . TYR B 9  ? 0.2301 0.1542 0.1569 0.0058  0.0084  -0.0097 457 TYR B C   
406 O  O   . TYR B 9  ? 0.2411 0.1577 0.1758 0.0158  0.0131  -0.0124 457 TYR B O   
407 C  CB  . TYR B 9  ? 0.2499 0.1441 0.1712 -0.0046 0.0017  -0.0264 457 TYR B CB  
408 C  CG  . TYR B 9  ? 0.2590 0.1746 0.1696 -0.0084 0.0061  -0.0303 457 TYR B CG  
409 C  CD1 . TYR B 9  ? 0.2786 0.2086 0.1791 -0.0223 0.0020  -0.0307 457 TYR B CD1 
410 C  CD2 . TYR B 9  ? 0.3614 0.2835 0.2709 -0.0006 0.0137  -0.0337 457 TYR B CD2 
411 C  CE1 . TYR B 9  ? 0.3124 0.2669 0.2009 -0.0293 0.0034  -0.0326 457 TYR B CE1 
412 C  CE2 . TYR B 9  ? 0.3387 0.2833 0.2345 -0.0080 0.0156  -0.0340 457 TYR B CE2 
413 C  CZ  . TYR B 9  ? 0.3214 0.2835 0.2063 -0.0227 0.0093  -0.0329 457 TYR B CZ  
414 O  OH  . TYR B 9  ? 0.3947 0.3845 0.2642 -0.0332 0.0085  -0.0311 457 TYR B OH  
415 N  N   . MSE B 10 ? 0.2124 0.1614 0.1410 0.0040  0.0114  -0.0030 458 MSE B N   
416 C  CA  . MSE B 10 ? 0.2354 0.2015 0.1778 0.0153  0.0209  0.0024  458 MSE B CA  
417 C  C   . MSE B 10 ? 0.2174 0.2107 0.1644 0.0127  0.0195  0.0124  458 MSE B C   
418 O  O   . MSE B 10 ? 0.2574 0.2605 0.1995 0.0016  0.0126  0.0145  458 MSE B O   
419 C  CB  . MSE B 10 ? 0.2848 0.2550 0.2426 0.0184  0.0295  0.0037  458 MSE B CB  
420 C  CG  . MSE B 10 ? 0.2157 0.1987 0.1769 0.0069  0.0292  0.0070  458 MSE B CG  
421 SE SE  . MSE B 10 ? 0.2778 0.2682 0.2560 0.0032  0.0447  0.0015  458 MSE B SE  
422 C  CE  . MSE B 10 ? 0.2621 0.2246 0.2167 0.0008  0.0348  -0.0038 458 MSE B CE  
423 N  N   . ASP B 11 ? 0.1988 0.2058 0.1569 0.0220  0.0251  0.0206  459 ASP B N   
424 C  CA  . ASP B 11 ? 0.2014 0.2389 0.1690 0.0196  0.0209  0.0361  459 ASP B CA  
425 C  C   . ASP B 11 ? 0.1920 0.2483 0.1946 0.0235  0.0269  0.0469  459 ASP B C   
426 O  O   . ASP B 11 ? 0.1677 0.2145 0.1860 0.0277  0.0381  0.0401  459 ASP B O   
427 C  CB  . ASP B 11 ? 0.2392 0.2879 0.2019 0.0236  0.0210  0.0454  459 ASP B CB  
428 C  CG  . ASP B 11 ? 0.3898 0.4312 0.3718 0.0389  0.0341  0.0488  459 ASP B CG  
429 O  OD1 . ASP B 11 ? 0.2909 0.3272 0.2980 0.0468  0.0440  0.0469  459 ASP B OD1 
430 O  OD2 . ASP B 11 ? 0.4463 0.4886 0.4180 0.0409  0.0359  0.0523  459 ASP B OD2 
431 N  N   . ALA B 12 ? 0.2827 0.2592 0.1292 0.0233  -0.0513 -0.0428 460 ALA B N   
432 C  CA  . ALA B 12 ? 0.2607 0.2593 0.1241 0.0375  -0.0656 -0.0443 460 ALA B CA  
433 C  C   . ALA B 12 ? 0.3129 0.2700 0.1426 0.0499  -0.0549 -0.0212 460 ALA B C   
434 O  O   . ALA B 12 ? 0.2902 0.2585 0.1452 0.0523  -0.0554 -0.0178 460 ALA B O   
435 C  CB  . ALA B 12 ? 0.2920 0.3200 0.1535 0.0592  -0.0915 -0.0628 460 ALA B CB  
436 N  N   . ASP B 13 ? 0.3314 0.2364 0.1023 0.0548  -0.0405 -0.0080 461 ASP B N   
437 C  CA  . ASP B 13 ? 0.3793 0.2352 0.1174 0.0602  -0.0217 0.0105  461 ASP B CA  
438 C  C   . ASP B 13 ? 0.3470 0.2121 0.1310 0.0375  -0.0015 0.0140  461 ASP B C   
439 O  O   . ASP B 13 ? 0.3402 0.1962 0.1294 0.0426  0.0018  0.0214  461 ASP B O   
440 C  CB  . ASP B 13 ? 0.4575 0.2588 0.1459 0.0573  0.0015  0.0175  461 ASP B CB  
441 C  CG  . ASP B 13 ? 0.6073 0.3894 0.2503 0.0846  -0.0176 0.0159  461 ASP B CG  
442 O  OD1 . ASP B 13 ? 0.6056 0.4038 0.2506 0.1115  -0.0444 0.0112  461 ASP B OD1 
443 O  OD2 . ASP B 13 ? 0.6932 0.4441 0.2990 0.0803  -0.0050 0.0164  461 ASP B OD2 
444 N  N   . LEU B 14 ? 0.3017 0.1869 0.1224 0.0156  0.0093  0.0053  462 LEU B N   
445 C  CA  . LEU B 14 ? 0.2625 0.1602 0.1266 0.0006  0.0218  0.0031  462 LEU B CA  
446 C  C   . LEU B 14 ? 0.2137 0.1416 0.1138 0.0033  0.0057  0.0032  462 LEU B C   
447 O  O   . LEU B 14 ? 0.2324 0.1591 0.1468 0.0021  0.0115  0.0069  462 LEU B O   
448 C  CB  . LEU B 14 ? 0.2618 0.1726 0.1515 -0.0133 0.0304  -0.0106 462 LEU B CB  
449 C  CG  . LEU B 14 ? 0.2578 0.1843 0.1887 -0.0199 0.0358  -0.0192 462 LEU B CG  
450 C  CD1 . LEU B 14 ? 0.3667 0.2763 0.2945 -0.0272 0.0592  -0.0211 462 LEU B CD1 
451 C  CD2 . LEU B 14 ? 0.2414 0.1837 0.1965 -0.0224 0.0349  -0.0376 462 LEU B CD2 
452 N  N   . LEU B 15 ? 0.1890 0.1430 0.1042 0.0034  -0.0100 -0.0047 463 LEU B N   
453 C  CA  . LEU B 15 ? 0.1790 0.1570 0.1254 -0.0005 -0.0160 -0.0091 463 LEU B CA  
454 C  C   . LEU B 15 ? 0.1873 0.1711 0.1321 0.0152  -0.0226 -0.0056 463 LEU B C   
455 O  O   . LEU B 15 ? 0.1827 0.1730 0.1477 0.0119  -0.0179 -0.0042 463 LEU B O   
456 C  CB  . LEU B 15 ? 0.2073 0.2094 0.1699 -0.0094 -0.0236 -0.0253 463 LEU B CB  
457 C  CG  . LEU B 15 ? 0.1905 0.2142 0.1839 -0.0212 -0.0200 -0.0363 463 LEU B CG  
458 C  CD1 . LEU B 15 ? 0.2361 0.2313 0.2250 -0.0308 -0.0060 -0.0253 463 LEU B CD1 
459 C  CD2 . LEU B 15 ? 0.2243 0.2677 0.2345 -0.0374 -0.0194 -0.0589 463 LEU B CD2 
460 N  N   . ARG B 16 ? 0.2164 0.1905 0.1289 0.0364  -0.0341 -0.0043 464 ARG B N   
461 C  CA  . ARG B 16 ? 0.2278 0.1982 0.1293 0.0605  -0.0444 -0.0020 464 ARG B CA  
462 C  C   . ARG B 16 ? 0.2556 0.1864 0.1427 0.0571  -0.0242 0.0144  464 ARG B C   
463 O  O   . ARG B 16 ? 0.2532 0.1906 0.1562 0.0643  -0.0255 0.0142  464 ARG B O   
464 C  CB  . ARG B 16 ? 0.2890 0.2378 0.1366 0.0921  -0.0635 -0.0023 464 ARG B CB  
465 C  CG  . ARG B 16 ? 0.3262 0.2604 0.1555 0.1233  -0.0750 -0.0016 464 ARG B CG  
466 C  CD  . ARG B 16 ? 0.4028 0.3022 0.1787 0.1497  -0.0846 -0.0041 464 ARG B CD  
467 N  NE  . ARG B 16 ? 0.5284 0.3604 0.2454 0.1402  -0.0604 0.0142  464 ARG B NE  
468 C  CZ  . ARG B 16 ? 0.6504 0.4740 0.3447 0.1363  -0.0604 0.0126  464 ARG B CZ  
469 N  NH1 . ARG B 16 ? 0.5618 0.4394 0.2861 0.1415  -0.0846 -0.0060 464 ARG B NH1 
470 N  NH2 . ARG B 16 ? 0.7657 0.5290 0.4121 0.1245  -0.0331 0.0252  464 ARG B NH2 
471 N  N   . GLU B 17 ? 0.2702 0.1629 0.1314 0.0444  -0.0033 0.0234  465 GLU B N   
472 C  CA  . GLU B 17 ? 0.3054 0.1657 0.1611 0.0354  0.0201  0.0301  465 GLU B CA  
473 C  C   . GLU B 17 ? 0.2612 0.1567 0.1708 0.0203  0.0221  0.0229  465 GLU B C   
474 O  O   . GLU B 17 ? 0.2583 0.1426 0.1729 0.0205  0.0306  0.0244  465 GLU B O   
475 C  CB  . GLU B 17 ? 0.3525 0.1749 0.1813 0.0188  0.0481  0.0303  465 GLU B CB  
476 C  CG  . GLU B 17 ? 0.4171 0.1958 0.1863 0.0316  0.0512  0.0346  465 GLU B CG  
477 C  CD  . GLU B 17 ? 0.5716 0.3055 0.3027 0.0468  0.0577  0.0386  465 GLU B CD  
478 O  OE1 . GLU B 17 ? 0.5392 0.2750 0.2908 0.0413  0.0666  0.0376  465 GLU B OE1 
479 O  OE2 . GLU B 17 ? 0.7323 0.4252 0.4077 0.0659  0.0538  0.0415  465 GLU B OE2 
480 N  N   . ILE B 18 ? 0.2049 0.1320 0.1440 0.0090  0.0153  0.0149  466 ILE B N   
481 C  CA  . ILE B 18 ? 0.1983 0.1440 0.1675 0.0007  0.0147  0.0096  466 ILE B CA  
482 C  C   . ILE B 18 ? 0.1963 0.1569 0.1769 0.0069  0.0082  0.0098  466 ILE B C   
483 O  O   . ILE B 18 ? 0.2102 0.1691 0.2000 0.0062  0.0137  0.0095  466 ILE B O   
484 C  CB  . ILE B 18 ? 0.1683 0.1247 0.1459 -0.0068 0.0087  0.0033  466 ILE B CB  
485 C  CG1 . ILE B 18 ? 0.2212 0.1712 0.1985 -0.0101 0.0145  -0.0039 466 ILE B CG1 
486 C  CG2 . ILE B 18 ? 0.2182 0.1760 0.2032 -0.0099 0.0070  0.0009  466 ILE B CG2 
487 C  CD1 . ILE B 18 ? 0.2263 0.1776 0.2036 -0.0108 0.0062  -0.0108 466 ILE B CD1 
488 N  N   . LYS B 19 ? 0.1853 0.1667 0.1708 0.0128  -0.0031 0.0047  467 LYS B N   
489 C  CA  . LYS B 19 ? 0.1870 0.1954 0.1956 0.0175  -0.0075 -0.0049 467 LYS B CA  
490 C  C   . LYS B 19 ? 0.1770 0.1716 0.1764 0.0368  -0.0086 0.0003  467 LYS B C   
491 O  O   . LYS B 19 ? 0.2032 0.2087 0.2220 0.0359  -0.0036 -0.0048 467 LYS B O   
492 C  CB  . LYS B 19 ? 0.1818 0.2259 0.2067 0.0221  -0.0211 -0.0221 467 LYS B CB  
493 C  CG  . LYS B 19 ? 0.2305 0.2845 0.2688 -0.0033 -0.0125 -0.0320 467 LYS B CG  
494 C  CD  . LYS B 19 ? 0.2749 0.3638 0.3294 -0.0017 -0.0250 -0.0533 467 LYS B CD  
495 C  CE  . LYS B 19 ? 0.2927 0.4344 0.3860 0.0115  -0.0372 -0.0802 467 LYS B CE  
496 N  NZ  . LYS B 19 ? 0.3006 0.4857 0.4135 0.0181  -0.0558 -0.1089 467 LYS B NZ  
497 N  N   . GLN B 20 ? 0.2066 0.1675 0.1681 0.0545  -0.0122 0.0102  468 GLN B N   
498 C  CA  . GLN B 20 ? 0.2764 0.2037 0.2120 0.0763  -0.0112 0.0168  468 GLN B CA  
499 C  C   . GLN B 20 ? 0.2323 0.1383 0.1746 0.0596  0.0106  0.0214  468 GLN B C   
500 O  O   . GLN B 20 ? 0.2596 0.1587 0.2057 0.0700  0.0125  0.0197  468 GLN B O   
501 C  CB  . GLN B 20 ? 0.3425 0.2130 0.2128 0.0957  -0.0121 0.0292  468 GLN B CB  
502 C  CG  . GLN B 20 ? 0.5418 0.3733 0.3748 0.1153  -0.0108 0.0324  468 GLN B CG  
503 C  CD  . GLN B 20 ? 0.6078 0.3932 0.3762 0.1285  -0.0109 0.0365  468 GLN B CD  
504 O  OE1 . GLN B 20 ? 0.6193 0.4121 0.3785 0.1271  -0.0175 0.0352  468 GLN B OE1 
505 N  NE2 . GLN B 20 ? 0.7824 0.5145 0.5001 0.1425  -0.0024 0.0405  468 GLN B NE2 
506 N  N   . HIS B 21 ? 0.2174 0.1167 0.1637 0.0365  0.0249  0.0224  469 HIS B N   
507 C  CA  . HIS B 21 ? 0.2487 0.1383 0.2079 0.0222  0.0417  0.0178  469 HIS B CA  
508 C  C   . HIS B 21 ? 0.2063 0.1287 0.1966 0.0198  0.0353  0.0103  469 HIS B C   
509 O  O   . HIS B 21 ? 0.2109 0.1240 0.2054 0.0215  0.0430  0.0070  469 HIS B O   
510 C  CB  . HIS B 21 ? 0.2741 0.1675 0.2440 0.0027  0.0520  0.0095  469 HIS B CB  
511 C  CG  . HIS B 21 ? 0.2528 0.1483 0.2442 -0.0099 0.0649  -0.0052 469 HIS B CG  
512 N  ND1 . HIS B 21 ? 0.3549 0.2306 0.3366 -0.0170 0.0851  -0.0106 469 HIS B ND1 
513 C  CD2 . HIS B 21 ? 0.2559 0.1809 0.2739 -0.0131 0.0561  -0.0183 469 HIS B CD2 
514 C  CE1 . HIS B 21 ? 0.2909 0.1894 0.3031 -0.0270 0.0892  -0.0283 469 HIS B CE1 
515 N  NE2 . HIS B 21 ? 0.2550 0.1803 0.2874 -0.0226 0.0697  -0.0341 469 HIS B NE2 
516 N  N   . LEU B 22 ? 0.1820 0.1341 0.1870 0.0142  0.0258  0.0067  470 LEU B N   
517 C  CA  . LEU B 22 ? 0.1932 0.1617 0.2124 0.0084  0.0274  -0.0002 470 LEU B CA  
518 C  C   . LEU B 22 ? 0.1891 0.1712 0.2218 0.0199  0.0272  -0.0055 470 LEU B C   
519 O  O   . LEU B 22 ? 0.2029 0.1852 0.2426 0.0184  0.0348  -0.0109 470 LEU B O   
520 C  CB  . LEU B 22 ? 0.2128 0.1915 0.2306 -0.0029 0.0253  -0.0031 470 LEU B CB  
521 C  CG  . LEU B 22 ? 0.2475 0.2110 0.2502 -0.0067 0.0212  -0.0006 470 LEU B CG  
522 C  CD1 . LEU B 22 ? 0.2949 0.2500 0.2822 -0.0156 0.0220  -0.0019 470 LEU B CD1 
523 C  CD2 . LEU B 22 ? 0.2879 0.2417 0.2871 -0.0042 0.0209  -0.0063 470 LEU B CD2 
524 N  N   . LYS B 23 ? 0.1786 0.1746 0.2156 0.0351  0.0161  -0.0080 471 LYS B N   
525 C  CA  . LYS B 23 ? 0.2033 0.2215 0.2596 0.0543  0.0097  -0.0205 471 LYS B CA  
526 C  C   . LYS B 23 ? 0.2032 0.1841 0.2399 0.0713  0.0138  -0.0135 471 LYS B C   
527 O  O   . LYS B 23 ? 0.2047 0.1966 0.2595 0.0768  0.0182  -0.0239 471 LYS B O   
528 C  CB  . LYS B 23 ? 0.2315 0.2744 0.2928 0.0760  -0.0113 -0.0304 471 LYS B CB  
529 C  CG  . LYS B 23 ? 0.2521 0.3317 0.3426 0.1036  -0.0254 -0.0534 471 LYS B CG  
530 C  CD  . LYS B 23 ? 0.3627 0.4618 0.4466 0.1283  -0.0527 -0.0650 471 LYS B CD  
531 C  CE  . LYS B 23 ? 0.4407 0.5707 0.5436 0.1476  -0.0679 -0.0895 471 LYS B CE  
532 N  NZ  . LYS B 23 ? 0.5049 0.6629 0.6057 0.1646  -0.0934 -0.1112 471 LYS B NZ  
533 N  N   . GLN B 24 ? 0.2244 0.1554 0.2211 0.0774  0.0169  0.0020  472 GLN B N   
534 C  CA  . GLN B 24 ? 0.2680 0.1462 0.2351 0.0886  0.0282  0.0084  472 GLN B CA  
535 C  C   . GLN B 24 ? 0.2238 0.1013 0.2098 0.0660  0.0467  0.0026  472 GLN B C   
536 O  O   . GLN B 24 ? 0.2528 0.1163 0.2353 0.0705  0.0509  -0.0011 472 GLN B O   
537 C  CB  . GLN B 24 ? 0.3262 0.1571 0.2456 0.0825  0.0357  0.0216  472 GLN B CB  
538 C  CG  . GLN B 24 ? 0.4148 0.2335 0.2977 0.1089  0.0169  0.0265  472 GLN B CG  
539 C  CD  . GLN B 24 ? 0.5638 0.3337 0.3936 0.0998  0.0319  0.0368  472 GLN B CD  
540 O  OE1 . GLN B 24 ? 0.5789 0.3463 0.4173 0.0721  0.0517  0.0366  472 GLN B OE1 
541 N  NE2 . GLN B 24 ? 0.6602 0.3928 0.4344 0.1245  0.0235  0.0407  472 GLN B NE2 
542 N  N   A GLN B 25 ? 0.1725 0.1056 0.2206 -0.0010 0.0453  -0.0250 473 GLN B N   
543 N  N   C GLN B 25 ? 0.1731 0.1060 0.2208 -0.0009 0.0452  -0.0249 473 GLN B N   
544 C  CA  A GLN B 25 ? 0.1669 0.0977 0.2213 -0.0007 0.0435  -0.0171 473 GLN B CA  
545 C  CA  C GLN B 25 ? 0.1617 0.0924 0.2150 -0.0007 0.0435  -0.0171 473 GLN B CA  
546 C  C   A GLN B 25 ? 0.1834 0.1137 0.2323 0.0047  0.0404  -0.0097 473 GLN B C   
547 C  C   C GLN B 25 ? 0.1825 0.1128 0.2315 0.0048  0.0404  -0.0096 473 GLN B C   
548 O  O   A GLN B 25 ? 0.1779 0.1033 0.2126 0.0089  0.0359  -0.0052 473 GLN B O   
549 O  O   C GLN B 25 ? 0.1794 0.1048 0.2146 0.0093  0.0359  -0.0049 473 GLN B O   
550 C  CB  A GLN B 25 ? 0.1720 0.1047 0.2506 -0.0020 0.0444  -0.0187 473 GLN B CB  
551 C  CB  C GLN B 25 ? 0.1652 0.0975 0.2423 -0.0025 0.0447  -0.0193 473 GLN B CB  
552 C  CG  A GLN B 25 ? 0.1763 0.1059 0.2590 0.0041  0.0347  -0.0175 473 GLN B CG  
553 C  CG  C GLN B 25 ? 0.1457 0.0752 0.2325 -0.0085 0.0533  -0.0271 473 GLN B CG  
554 C  CD  A GLN B 25 ? 0.1857 0.1155 0.2899 0.0090  0.0294  -0.0197 473 GLN B CD  
555 C  CD  C GLN B 25 ? 0.2213 0.1431 0.3068 -0.0094 0.0571  -0.0282 473 GLN B CD  
556 O  OE1 A GLN B 25 ? 0.1654 0.0965 0.2825 0.0067  0.0364  -0.0180 473 GLN B OE1 
557 O  OE1 C GLN B 25 ? 0.2408 0.1601 0.3354 -0.0136 0.0703  -0.0318 473 GLN B OE1 
558 N  NE2 A GLN B 25 ? 0.1813 0.1102 0.2941 0.0179  0.0146  -0.0262 473 GLN B NE2 
559 N  NE2 C GLN B 25 ? 0.1532 0.0755 0.2295 -0.0048 0.0471  -0.0244 473 GLN B NE2 
560 N  N   . GLN B 26 ? 0.1792 0.1127 0.2440 0.0049  0.0457  -0.0104 474 GLN B N   
561 C  CA  . GLN B 26 ? 0.1728 0.1004 0.2377 0.0099  0.0521  -0.0030 474 GLN B CA  
562 C  C   . GLN B 26 ? 0.2172 0.1466 0.2679 0.0109  0.0467  -0.0049 474 GLN B C   
563 O  O   . GLN B 26 ? 0.2111 0.1322 0.2462 0.0160  0.0492  0.0029  474 GLN B O   
564 C  CB  . GLN B 26 ? 0.1603 0.0910 0.2624 0.0080  0.0646  -0.0076 474 GLN B CB  
565 C  CG  . GLN B 26 ? 0.2296 0.1491 0.3366 0.0129  0.0807  0.0016  474 GLN B CG  
566 C  CD  . GLN B 26 ? 0.1965 0.0955 0.2676 0.0237  0.0880  0.0204  474 GLN B CD  
567 O  OE1 . GLN B 26 ? 0.2541 0.1475 0.3267 0.0275  0.0957  0.0277  474 GLN B OE1 
568 N  NE2 . GLN B 26 ? 0.2210 0.1077 0.2567 0.0319  0.0841  0.0266  474 GLN B NE2 
569 N  N   . GLU B 27 ? 0.1803 0.1176 0.2316 0.0092  0.0387  -0.0159 475 GLU B N   
570 C  CA  . GLU B 27 ? 0.1804 0.1172 0.2170 0.0130  0.0315  -0.0178 475 GLU B CA  
571 C  C   . GLU B 27 ? 0.2001 0.1277 0.2102 0.0136  0.0308  -0.0083 475 GLU B C   
572 O  O   . GLU B 27 ? 0.2262 0.1510 0.2291 0.0165  0.0298  -0.0051 475 GLU B O   
573 C  CB  . GLU B 27 ? 0.2414 0.1813 0.2691 0.0182  0.0200  -0.0306 475 GLU B CB  
574 C  CG  . GLU B 27 ? 0.2971 0.2508 0.3620 0.0214  0.0130  -0.0495 475 GLU B CG  
575 C  CD  . GLU B 27 ? 0.4830 0.4379 0.5302 0.0326  -0.0038 -0.0665 475 GLU B CD  
576 O  OE1 . GLU B 27 ? 0.5263 0.4659 0.5263 0.0372  -0.0027 -0.0589 475 GLU B OE1 
577 O  OE2 . GLU B 27 ? 0.5482 0.5172 0.6303 0.0386  -0.0167 -0.0896 475 GLU B OE2 
578 N  N   . GLY B 28 ? 0.1849 0.1085 0.1891 0.0108  0.0322  -0.0069 476 GLY B N   
579 C  CA  . GLY B 28 ? 0.2125 0.1298 0.2090 0.0107  0.0318  -0.0043 476 GLY B CA  
580 C  C   . GLY B 28 ? 0.2120 0.1288 0.2078 0.0156  0.0273  -0.0020 476 GLY B C   
581 O  O   . GLY B 28 ? 0.2243 0.1382 0.2122 0.0188  0.0238  -0.0024 476 GLY B O   
582 N  N   . LEU B 29 ? 0.2033 0.1199 0.2030 0.0191  0.0278  0.0007  477 LEU B N   
583 C  CA  . LEU B 29 ? 0.2103 0.1177 0.1927 0.0311  0.0243  0.0049  477 LEU B CA  
584 C  C   . LEU B 29 ? 0.2478 0.1486 0.2158 0.0349  0.0327  0.0109  477 LEU B C   
585 O  O   . LEU B 29 ? 0.2809 0.1738 0.2269 0.0446  0.0285  0.0109  477 LEU B O   
586 C  CB  . LEU B 29 ? 0.2059 0.1058 0.1874 0.0384  0.0275  0.0106  477 LEU B CB  
587 C  CG  . LEU B 29 ? 0.2260 0.1312 0.2240 0.0384  0.0162  0.0025  477 LEU B CG  
588 C  CD1 . LEU B 29 ? 0.2529 0.1483 0.2489 0.0472  0.0205  0.0103  477 LEU B CD1 
589 C  CD2 . LEU B 29 ? 0.2693 0.1754 0.2654 0.0476  -0.0031 -0.0099 477 LEU B CD2 
590 N  N   . SER B 30 ? 0.2307 0.1354 0.2160 0.0288  0.0438  0.0123  478 SER B N   
591 C  CA  . SER B 30 ? 0.2580 0.1583 0.2449 0.0310  0.0544  0.0144  478 SER B CA  
592 C  C   . SER B 30 ? 0.2545 0.1592 0.2329 0.0298  0.0444  0.0096  478 SER B C   
593 O  O   . SER B 30 ? 0.2634 0.1604 0.2300 0.0352  0.0494  0.0117  478 SER B O   
594 C  CB  . SER B 30 ? 0.2410 0.1491 0.2664 0.0248  0.0640  0.0088  478 SER B CB  
595 O  OG  . SER B 30 ? 0.2909 0.1910 0.3297 0.0263  0.0793  0.0143  478 SER B OG  
596 N  N   . HIS B 31 ? 0.2272 0.1400 0.2094 0.0242  0.0338  0.0043  479 HIS B N   
597 C  CA  . HIS B 31 ? 0.2179 0.1298 0.1923 0.0243  0.0279  0.0023  479 HIS B CA  
598 C  C   . HIS B 31 ? 0.2147 0.1212 0.1776 0.0288  0.0243  0.0009  479 HIS B C   
599 O  O   . HIS B 31 ? 0.2247 0.1281 0.1815 0.0322  0.0240  -0.0005 479 HIS B O   
600 C  CB  . HIS B 31 ? 0.2167 0.1278 0.1895 0.0212  0.0250  0.0006  479 HIS B CB  
601 C  CG  . HIS B 31 ? 0.2190 0.1217 0.1841 0.0226  0.0254  0.0017  479 HIS B CG  
602 N  ND1 . HIS B 31 ? 0.2430 0.1428 0.2028 0.0275  0.0224  0.0026  479 HIS B ND1 
603 C  CD2 . HIS B 31 ? 0.2568 0.1516 0.2262 0.0202  0.0307  0.0011  479 HIS B CD2 
604 C  CE1 . HIS B 31 ? 0.2531 0.1413 0.2077 0.0286  0.0268  0.0054  479 HIS B CE1 
605 N  NE2 . HIS B 31 ? 0.2631 0.1477 0.2267 0.0235  0.0340  0.0042  479 HIS B NE2 
606 N  N   . LEU B 32 ? 0.2209 0.1273 0.1842 0.0308  0.0188  -0.0024 480 LEU B N   
607 C  CA  . LEU B 32 ? 0.2045 0.1083 0.1620 0.0395  0.0080  -0.0114 480 LEU B CA  
608 C  C   . LEU B 32 ? 0.2242 0.1168 0.1501 0.0536  0.0090  -0.0080 480 LEU B C   
609 O  O   . LEU B 32 ? 0.2650 0.1544 0.1797 0.0617  0.0019  -0.0161 480 LEU B O   
610 C  CB  . LEU B 32 ? 0.2431 0.1505 0.2156 0.0420  -0.0029 -0.0210 480 LEU B CB  
611 C  CG  . LEU B 32 ? 0.2078 0.1207 0.2154 0.0293  0.0024  -0.0268 480 LEU B CG  
612 C  CD1 . LEU B 32 ? 0.2245 0.1424 0.2581 0.0318  -0.0073 -0.0392 480 LEU B CD1 
613 C  CD2 . LEU B 32 ? 0.2274 0.1384 0.2529 0.0252  0.0063  -0.0336 480 LEU B CD2 
614 N  N   . MSE B 33 ? 0.2593 0.1427 0.1709 0.0578  0.0213  0.0037  481 MSE B N   
615 C  CA  . MSE B 33 ? 0.2822 0.1453 0.1584 0.0731  0.0330  0.0112  481 MSE B CA  
616 C  C   . MSE B 33 ? 0.2827 0.1456 0.1619 0.0697  0.0426  0.0103  481 MSE B C   
617 O  O   . MSE B 33 ? 0.3484 0.1947 0.1945 0.0841  0.0478  0.0106  481 MSE B O   
618 C  CB  . MSE B 33 ? 0.3350 0.1844 0.2086 0.0755  0.0549  0.0258  481 MSE B CB  
619 C  CG  . MSE B 33 ? 0.4020 0.2453 0.2645 0.0843  0.0468  0.0286  481 MSE B CG  
620 SE SE  . MSE B 33 ? 0.6019 0.4231 0.4010 0.1182  0.0232  0.0221  481 MSE B SE  
621 C  CE  . MSE B 33 ? 0.4018 0.1912 0.1526 0.1329  0.0531  0.0349  481 MSE B CE  
622 N  N   . SER B 34 ? 0.2556 0.1337 0.1698 0.0540  0.0444  0.0085  482 SER B N   
623 C  CA  . SER B 34 ? 0.2350 0.1141 0.1590 0.0514  0.0508  0.0062  482 SER B CA  
624 C  C   . SER B 34 ? 0.2358 0.1164 0.1500 0.0551  0.0379  -0.0031 482 SER B C   
625 O  O   . SER B 34 ? 0.2502 0.1289 0.1680 0.0554  0.0432  -0.0057 482 SER B O   
626 C  CB  . SER B 34 ? 0.2333 0.1269 0.1931 0.0398  0.0489  0.0038  482 SER B CB  
627 O  OG  . SER B 34 ? 0.2341 0.1350 0.1966 0.0353  0.0342  0.0001  482 SER B OG  
628 N  N   . ILE B 35 ? 0.1233 0.1486 0.2585 0.0047  0.0077  -0.0342 483 ILE B N   
629 C  CA  . ILE B 35 ? 0.1652 0.1684 0.2597 0.0251  0.0051  -0.0476 483 ILE B CA  
630 C  C   . ILE B 35 ? 0.1446 0.1552 0.2174 0.0164  0.0045  -0.0335 483 ILE B C   
631 O  O   . ILE B 35 ? 0.1655 0.1972 0.2099 0.0279  0.0100  -0.0426 483 ILE B O   
632 C  CB  . ILE B 35 ? 0.1682 0.1225 0.2285 0.0223  -0.0004 -0.0436 483 ILE B CB  
633 C  CG1 . ILE B 35 ? 0.1973 0.1528 0.2551 0.0228  -0.0024 -0.0392 483 ILE B CG1 
634 C  CG2 . ILE B 35 ? 0.1915 0.1221 0.2004 0.0295  0.0092  -0.0484 483 ILE B CG2 
635 C  CD1 . ILE B 35 ? 0.2267 0.1659 0.2729 0.0168  -0.0027 -0.0363 483 ILE B CD1 
636 N  N   . ILE B 36 ? 0.1674 0.1589 0.2468 0.0021  -0.0041 -0.0129 484 ILE B N   
637 C  CA  . ILE B 36 ? 0.2047 0.1919 0.2524 0.0080  -0.0139 -0.0058 484 ILE B CA  
638 C  C   . ILE B 36 ? 0.2255 0.2195 0.2369 0.0010  -0.0031 0.0226  484 ILE B C   
639 O  O   . ILE B 36 ? 0.2654 0.2569 0.2341 0.0153  -0.0108 0.0268  484 ILE B O   
640 C  CB  . ILE B 36 ? 0.2148 0.1705 0.2758 0.0108  -0.0359 -0.0107 484 ILE B CB  
641 C  CG1 . ILE B 36 ? 0.2561 0.2253 0.2931 0.0297  -0.0521 -0.0303 484 ILE B CG1 
642 C  CG2 . ILE B 36 ? 0.2686 0.1959 0.3310 0.0005  -0.0399 0.0201  484 ILE B CG2 
643 C  CD1 . ILE B 36 ? 0.2639 0.2235 0.3249 0.0366  -0.0764 -0.0534 484 ILE B CD1 
644 N  N   . LYS B 37 ? 0.2345 0.2338 0.2571 -0.0217 0.0181  0.0368  485 LYS B N   
645 C  CA  . LYS B 37 ? 0.3058 0.2891 0.2798 -0.0382 0.0413  0.0620  485 LYS B CA  
646 C  C   . LYS B 37 ? 0.3386 0.3495 0.2691 -0.0287 0.0511  0.0587  485 LYS B C   
647 O  O   . LYS B 37 ? 0.4111 0.3838 0.2733 -0.0204 0.0522  0.0795  485 LYS B O   
648 C  CB  . LYS B 37 ? 0.3364 0.3331 0.3395 -0.0750 0.0742  0.0626  485 LYS B CB  
649 C  CG  . LYS B 37 ? 0.4795 0.4469 0.4231 -0.1038 0.1141  0.0822  485 LYS B CG  
650 C  CD  . LYS B 37 ? 0.4737 0.4736 0.4622 -0.1500 0.1558  0.0649  485 LYS B CD  
651 C  CE  . LYS B 37 ? 0.6222 0.6024 0.5581 -0.1750 0.1950  0.0702  485 LYS B CE  
652 N  NZ  . LYS B 37 ? 0.7735 0.6427 0.6217 -0.1712 0.1974  0.1096  485 LYS B NZ  
653 N  N   . ASP B 38 ? 0.2953 0.3660 0.2560 -0.0237 0.0562  0.0318  486 ASP B N   
654 C  CA  . ASP B 38 ? 0.3237 0.4257 0.2474 -0.0159 0.0666  0.0264  486 ASP B CA  
655 C  C   . ASP B 38 ? 0.3398 0.4276 0.2283 0.0141  0.0412  0.0239  486 ASP B C   
656 O  O   . ASP B 38 ? 0.3952 0.4981 0.2411 0.0228  0.0469  0.0249  486 ASP B O   
657 C  CB  . ASP B 38 ? 0.2858 0.4578 0.2459 -0.0135 0.0783  -0.0057 486 ASP B CB  
658 C  CG  . ASP B 38 ? 0.2326 0.4059 0.2217 0.0133  0.0564  -0.0303 486 ASP B CG  
659 O  OD1 . ASP B 38 ? 0.2329 0.3602 0.2182 0.0219  0.0377  -0.0255 486 ASP B OD1 
660 O  OD2 . ASP B 38 ? 0.2273 0.4431 0.2358 0.0275  0.0599  -0.0582 486 ASP B OD2 
661 N  N   . ASP B 39 ? 0.3033 0.3685 0.2127 0.0278  0.0154  0.0141  487 ASP B N   
662 C  CA  . ASP B 39 ? 0.3149 0.3801 0.2028 0.0526  -0.0076 -0.0020 487 ASP B CA  
663 C  C   . ASP B 39 ? 0.3826 0.4112 0.2177 0.0689  -0.0243 0.0199  487 ASP B C   
664 O  O   . ASP B 39 ? 0.4252 0.4634 0.2160 0.0951  -0.0384 0.0124  487 ASP B O   
665 C  CB  . ASP B 39 ? 0.2638 0.3257 0.1970 0.0556  -0.0205 -0.0352 487 ASP B CB  
666 C  CG  . ASP B 39 ? 0.2306 0.3017 0.1819 0.0514  -0.0031 -0.0558 487 ASP B CG  
667 O  OD1 . ASP B 39 ? 0.2511 0.3430 0.1826 0.0612  0.0039  -0.0748 487 ASP B OD1 
668 O  OD2 . ASP B 39 ? 0.2361 0.2892 0.2133 0.0432  0.0023  -0.0534 487 ASP B OD2 
669 N  N   . LEU B 40 ? 0.4163 0.3979 0.2470 0.0585  -0.0233 0.0452  488 LEU B N   
670 C  CA  . LEU B 40 ? 0.5199 0.4421 0.2766 0.0810  -0.0371 0.0702  488 LEU B CA  
671 C  C   . LEU B 40 ? 0.6221 0.5151 0.2886 0.0827  -0.0127 0.0969  488 LEU B C   
672 O  O   . LEU B 40 ? 0.7267 0.5710 0.3042 0.1189  -0.0285 0.1103  488 LEU B O   
673 C  CB  . LEU B 40 ? 0.5214 0.3866 0.2839 0.0641  -0.0318 0.0941  488 LEU B CB  
674 C  CG  . LEU B 40 ? 0.5061 0.3901 0.3526 0.0583  -0.0513 0.0714  488 LEU B CG  
675 C  CD1 . LEU B 40 ? 0.5820 0.4077 0.4279 0.0425  -0.0454 0.0971  488 LEU B CD1 
676 C  CD2 . LEU B 40 ? 0.5018 0.4122 0.3622 0.0937  -0.0909 0.0345  488 LEU B CD2 
677 N  N   . GLU B 41 ? 0.6485 0.5708 0.3331 0.0470  0.0256  0.0997  489 GLU B N   
678 C  CA  . GLU B 41 ? 0.7732 0.6676 0.3780 0.0345  0.0617  0.1210  489 GLU B CA  
679 C  C   . GLU B 41 ? 0.7821 0.7345 0.3763 0.0507  0.0590  0.1024  489 GLU B C   
680 O  O   . GLU B 41 ? 0.8971 0.8224 0.4109 0.0500  0.0825  0.1182  489 GLU B O   
681 C  CB  . GLU B 41 ? 0.7865 0.6894 0.4229 -0.0201 0.1115  0.1245  489 GLU B CB  
682 C  CG  . GLU B 41 ? 0.8422 0.6907 0.4925 -0.0436 0.1218  0.1398  489 GLU B CG  
683 C  CD  . GLU B 41 ? 0.8490 0.7091 0.5219 -0.1016 0.1787  0.1341  489 GLU B CD  
684 O  OE1 . GLU B 41 ? 0.9196 0.7970 0.5638 -0.1212 0.2133  0.1281  489 GLU B OE1 
685 O  OE2 . GLU B 41 ? 0.8082 0.6724 0.5403 -0.1263 0.1858  0.1277  489 GLU B OE2 
686 N  N   . ASP B 42 ? 0.7185 0.7408 0.3858 0.0629  0.0353  0.0680  490 ASP B N   
687 C  CA  . ASP B 42 ? 0.7329 0.8093 0.3943 0.0778  0.0330  0.0461  490 ASP B CA  
688 C  C   . ASP B 42 ? 0.6318 0.7564 0.3620 0.0900  0.0101  0.0061  490 ASP B C   
689 O  O   . ASP B 42 ? 0.6587 0.8174 0.4364 0.0763  0.0234  -0.0118 490 ASP B O   
690 C  CB  . ASP B 42 ? 0.7487 0.8601 0.4132 0.0479  0.0731  0.0468  490 ASP B CB  
691 C  CG  . ASP B 42 ? 0.7606 0.9234 0.4165 0.0636  0.0714  0.0253  490 ASP B CG  
692 O  OD1 . ASP B 42 ? 0.7643 0.9275 0.4148 0.0923  0.0412  0.0110  490 ASP B OD1 
693 O  OD2 . ASP B 42 ? 0.7597 0.9544 0.4356 0.0421  0.0968  0.0158  490 ASP B OD2 
# 
